data_8FFD
#
_entry.id   8FFD
#
_cell.length_a   223.914
_cell.length_b   223.914
_cell.length_c   223.914
_cell.angle_alpha   90.00
_cell.angle_beta   90.00
_cell.angle_gamma   90.00
#
_symmetry.space_group_name_H-M   'P 21 3'
#
loop_
_entity.id
_entity.type
_entity.pdbx_description
1 polymer 'Probable dna-binding stress protein'
2 non-polymer 'MANGANESE (II) ION'
3 non-polymer 'L(+)-TARTARIC ACID'
4 water water
#
_entity_poly.entity_id   1
_entity_poly.type   'polypeptide(L)'
_entity_poly.pdbx_seq_one_letter_code
;MEINIGIGEQDRAAIAEGLSRLLADTYTLYLKTHNFHWNVTGPMFNTLHLMFEGQYTELAVAVDDIAERIRALGFPAPGT
YAAYARLSSIKEEEGVPEAEEMIRQLVQGQEAVVRTARSIFPLLDKVSDEPTADLLTQRMQVHEKTAWMLRSLLAS
;
_entity_poly.pdbx_strand_id   A,B,C,D,E,F,G,H,I,J,K,L,M,N,O,P
#
loop_
_chem_comp.id
_chem_comp.type
_chem_comp.name
_chem_comp.formula
MN non-polymer 'MANGANESE (II) ION' 'Mn 2'
TLA non-polymer 'L(+)-TARTARIC ACID' 'C4 H6 O6'
#
# COMPACT_ATOMS: atom_id res chain seq x y z
N MET A 1 28.74 -47.78 4.46
CA MET A 1 29.88 -46.90 4.80
C MET A 1 30.24 -46.98 6.31
N GLU A 2 31.53 -47.09 6.61
CA GLU A 2 31.99 -47.11 8.00
C GLU A 2 31.47 -45.91 8.77
N ILE A 3 31.33 -46.07 10.09
CA ILE A 3 30.86 -45.02 10.98
C ILE A 3 32.05 -44.54 11.81
N ASN A 4 32.46 -43.29 11.61
CA ASN A 4 33.59 -42.70 12.34
C ASN A 4 33.12 -41.42 13.02
N ILE A 5 32.40 -41.57 14.13
CA ILE A 5 31.95 -40.44 14.91
C ILE A 5 32.71 -40.31 16.23
N GLY A 6 33.78 -41.08 16.41
CA GLY A 6 34.58 -41.02 17.62
C GLY A 6 34.17 -41.94 18.74
N ILE A 7 33.27 -42.90 18.47
CA ILE A 7 32.88 -43.91 19.45
C ILE A 7 32.88 -45.26 18.74
N GLY A 8 33.50 -46.26 19.35
CA GLY A 8 33.66 -47.55 18.70
C GLY A 8 32.40 -48.38 18.72
N GLU A 9 32.42 -49.49 17.96
CA GLU A 9 31.20 -50.24 17.73
C GLU A 9 30.57 -50.71 19.04
N GLN A 10 31.36 -51.31 19.92
CA GLN A 10 30.76 -51.87 21.12
C GLN A 10 30.12 -50.78 21.98
N ASP A 11 30.81 -49.66 22.14
CA ASP A 11 30.26 -48.57 22.94
C ASP A 11 28.99 -48.04 22.32
N ARG A 12 28.98 -47.86 21.00
CA ARG A 12 27.76 -47.40 20.34
C ARG A 12 26.63 -48.39 20.60
N ALA A 13 26.96 -49.69 20.60
CA ALA A 13 25.97 -50.74 20.82
C ALA A 13 25.42 -50.66 22.24
N ALA A 14 26.29 -50.48 23.22
CA ALA A 14 25.83 -50.37 24.60
C ALA A 14 24.96 -49.14 24.79
N ILE A 15 25.28 -48.04 24.10
CA ILE A 15 24.46 -46.85 24.26
C ILE A 15 23.13 -47.03 23.54
N ALA A 16 23.15 -47.61 22.34
CA ALA A 16 21.88 -47.85 21.66
C ALA A 16 20.96 -48.72 22.51
N GLU A 17 21.52 -49.68 23.25
CA GLU A 17 20.68 -50.55 24.09
C GLU A 17 19.99 -49.75 25.18
N GLY A 18 20.71 -48.84 25.85
CA GLY A 18 20.03 -48.01 26.84
C GLY A 18 18.97 -47.11 26.21
N LEU A 19 19.29 -46.51 25.06
CA LEU A 19 18.31 -45.68 24.39
C LEU A 19 17.11 -46.50 23.94
N SER A 20 17.30 -47.79 23.70
CA SER A 20 16.15 -48.60 23.29
C SER A 20 15.18 -48.78 24.45
N ARG A 21 15.71 -48.93 25.67
CA ARG A 21 14.85 -48.94 26.85
C ARG A 21 14.18 -47.59 27.04
N LEU A 22 14.95 -46.52 26.93
CA LEU A 22 14.36 -45.19 27.00
C LEU A 22 13.26 -45.02 25.96
N LEU A 23 13.49 -45.49 24.74
CA LEU A 23 12.46 -45.43 23.72
C LEU A 23 11.23 -46.20 24.19
N ALA A 24 11.43 -47.42 24.68
CA ALA A 24 10.28 -48.24 25.07
C ALA A 24 9.46 -47.58 26.18
N ASP A 25 10.14 -47.09 27.22
CA ASP A 25 9.41 -46.40 28.28
C ASP A 25 8.67 -45.20 27.74
N THR A 26 9.34 -44.40 26.93
CA THR A 26 8.72 -43.22 26.34
C THR A 26 7.54 -43.60 25.49
N TYR A 27 7.68 -44.64 24.68
CA TYR A 27 6.56 -45.02 23.83
C TYR A 27 5.38 -45.56 24.64
N THR A 28 5.68 -46.38 25.65
CA THR A 28 4.59 -46.89 26.49
C THR A 28 3.87 -45.75 27.19
N LEU A 29 4.64 -44.83 27.78
CA LEU A 29 4.03 -43.64 28.35
C LEU A 29 3.22 -42.87 27.32
N TYR A 30 3.71 -42.79 26.08
CA TYR A 30 2.96 -42.11 25.04
C TYR A 30 1.60 -42.75 24.86
N LEU A 31 1.57 -44.09 24.76
CA LEU A 31 0.29 -44.78 24.52
C LEU A 31 -0.63 -44.66 25.74
N LYS A 32 -0.09 -44.81 26.95
CA LYS A 32 -0.94 -44.66 28.13
C LYS A 32 -1.53 -43.25 28.25
N THR A 33 -0.75 -42.24 27.88
CA THR A 33 -1.25 -40.87 27.90
C THR A 33 -2.31 -40.68 26.82
N HIS A 34 -2.03 -41.19 25.63
CA HIS A 34 -3.03 -41.20 24.58
C HIS A 34 -4.31 -41.87 25.06
N ASN A 35 -4.16 -42.95 25.83
CA ASN A 35 -5.29 -43.73 26.30
C ASN A 35 -6.09 -42.96 27.33
N PHE A 36 -5.42 -42.47 28.36
CA PHE A 36 -6.12 -41.62 29.33
C PHE A 36 -6.71 -40.39 28.66
N HIS A 37 -6.07 -39.83 27.65
CA HIS A 37 -6.68 -38.69 26.97
C HIS A 37 -8.03 -39.05 26.40
N TRP A 38 -8.17 -40.23 25.79
CA TRP A 38 -9.44 -40.60 25.19
C TRP A 38 -10.49 -40.92 26.23
N ASN A 39 -10.07 -41.44 27.38
CA ASN A 39 -10.94 -42.23 28.22
C ASN A 39 -11.32 -41.59 29.55
N VAL A 40 -10.62 -40.53 29.97
CA VAL A 40 -10.92 -39.89 31.24
C VAL A 40 -12.34 -39.29 31.23
N THR A 41 -12.99 -39.33 32.40
CA THR A 41 -14.30 -38.72 32.58
C THR A 41 -14.34 -38.03 33.92
N GLY A 42 -15.49 -37.40 34.21
CA GLY A 42 -15.69 -36.69 35.45
C GLY A 42 -15.63 -35.18 35.30
N PRO A 43 -15.68 -34.48 36.43
CA PRO A 43 -15.65 -33.00 36.41
C PRO A 43 -14.43 -32.41 35.74
N MET A 44 -13.28 -33.08 35.82
CA MET A 44 -12.05 -32.60 35.22
C MET A 44 -11.85 -33.12 33.81
N PHE A 45 -12.91 -33.59 33.14
CA PHE A 45 -12.74 -34.08 31.78
C PHE A 45 -12.07 -33.04 30.89
N ASN A 46 -12.63 -31.84 30.83
CA ASN A 46 -12.16 -30.84 29.87
C ASN A 46 -10.69 -30.52 30.10
N THR A 47 -10.32 -30.33 31.37
CA THR A 47 -8.96 -29.93 31.69
C THR A 47 -7.98 -31.10 31.48
N LEU A 48 -8.36 -32.32 31.88
CA LEU A 48 -7.42 -33.44 31.71
C LEU A 48 -7.37 -33.91 30.28
N HIS A 49 -8.48 -33.81 29.56
CA HIS A 49 -8.49 -34.16 28.15
C HIS A 49 -7.50 -33.31 27.38
N LEU A 50 -7.42 -32.01 27.68
CA LEU A 50 -6.51 -31.13 26.99
C LEU A 50 -5.08 -31.30 27.52
N MET A 51 -4.92 -31.44 28.83
CA MET A 51 -3.59 -31.63 29.38
C MET A 51 -2.94 -32.89 28.83
N PHE A 52 -3.69 -34.00 28.73
CA PHE A 52 -3.11 -35.22 28.21
C PHE A 52 -2.87 -35.13 26.70
N GLU A 53 -3.68 -34.34 25.99
CA GLU A 53 -3.42 -34.07 24.58
C GLU A 53 -2.06 -33.41 24.42
N GLY A 54 -1.78 -32.39 25.21
CA GLY A 54 -0.50 -31.73 25.12
C GLY A 54 0.65 -32.66 25.39
N GLN A 55 0.48 -33.55 26.37
CA GLN A 55 1.57 -34.44 26.72
C GLN A 55 1.82 -35.48 25.62
N TYR A 56 0.77 -36.13 25.11
CA TYR A 56 1.03 -37.17 24.13
C TYR A 56 1.54 -36.56 22.84
N THR A 57 1.12 -35.32 22.55
CA THR A 57 1.65 -34.63 21.40
C THR A 57 3.14 -34.42 21.54
N GLU A 58 3.59 -34.07 22.74
CA GLU A 58 5.03 -33.90 22.97
C GLU A 58 5.75 -35.23 22.91
N LEU A 59 5.17 -36.28 23.50
CA LEU A 59 5.87 -37.56 23.54
C LEU A 59 6.02 -38.18 22.14
N ALA A 60 5.05 -37.95 21.25
CA ALA A 60 5.17 -38.43 19.89
C ALA A 60 6.42 -37.85 19.22
N VAL A 61 6.69 -36.57 19.47
CA VAL A 61 7.92 -35.97 18.94
C VAL A 61 9.14 -36.61 19.61
N ALA A 62 9.04 -36.83 20.92
CA ALA A 62 10.17 -37.41 21.67
C ALA A 62 10.51 -38.80 21.17
N VAL A 63 9.50 -39.64 20.89
CA VAL A 63 9.82 -40.97 20.39
CA VAL A 63 9.77 -40.97 20.35
C VAL A 63 10.62 -40.88 19.10
N ASP A 64 10.29 -39.93 18.23
CA ASP A 64 11.03 -39.78 16.99
C ASP A 64 12.46 -39.37 17.27
N ASP A 65 12.65 -38.41 18.18
CA ASP A 65 14.01 -37.95 18.45
C ASP A 65 14.87 -39.07 19.04
N ILE A 66 14.35 -39.81 20.04
CA ILE A 66 15.11 -40.93 20.61
C ILE A 66 15.41 -41.99 19.55
N ALA A 67 14.41 -42.34 18.74
CA ALA A 67 14.64 -43.34 17.72
C ALA A 67 15.75 -42.92 16.77
N GLU A 68 15.77 -41.64 16.38
CA GLU A 68 16.77 -41.19 15.41
C GLU A 68 18.16 -41.08 16.03
N ARG A 69 18.26 -40.86 17.35
CA ARG A 69 19.59 -40.94 17.95
C ARG A 69 20.13 -42.36 17.85
N ILE A 70 19.25 -43.35 18.05
CA ILE A 70 19.67 -44.73 17.90
C ILE A 70 20.20 -44.97 16.49
N ARG A 71 19.53 -44.40 15.48
CA ARG A 71 19.99 -44.56 14.09
C ARG A 71 21.33 -43.85 13.88
N ALA A 72 21.49 -42.65 14.46
CA ALA A 72 22.77 -41.96 14.37
C ALA A 72 23.90 -42.76 14.98
N LEU A 73 23.64 -43.52 16.04
CA LEU A 73 24.67 -44.39 16.60
C LEU A 73 24.91 -45.65 15.78
N GLY A 74 24.10 -45.90 14.75
CA GLY A 74 24.37 -47.01 13.87
C GLY A 74 23.60 -48.28 14.14
N PHE A 75 22.45 -48.20 14.79
CA PHE A 75 21.69 -49.38 15.14
C PHE A 75 20.21 -49.18 14.82
N PRO A 76 19.49 -50.29 14.63
CA PRO A 76 18.08 -50.19 14.26
C PRO A 76 17.23 -49.82 15.46
N ALA A 77 16.15 -49.10 15.18
CA ALA A 77 15.33 -48.59 16.25
C ALA A 77 14.19 -49.58 16.47
N PRO A 78 14.02 -50.13 17.66
CA PRO A 78 12.87 -51.03 17.91
C PRO A 78 11.55 -50.30 17.75
N GLY A 79 10.51 -51.06 17.36
CA GLY A 79 9.25 -50.46 16.97
C GLY A 79 8.10 -51.43 16.71
N THR A 80 7.83 -52.29 17.70
CA THR A 80 6.76 -53.27 17.71
C THR A 80 6.24 -53.41 19.14
N TYR A 81 4.97 -53.81 19.26
CA TYR A 81 4.38 -54.09 20.56
C TYR A 81 5.27 -55.02 21.35
N ALA A 82 5.70 -56.09 20.72
CA ALA A 82 6.53 -57.08 21.41
C ALA A 82 7.82 -56.45 21.89
N ALA A 83 8.45 -55.57 21.08
CA ALA A 83 9.75 -55.04 21.49
C ALA A 83 9.61 -54.02 22.62
N TYR A 84 8.58 -53.18 22.56
CA TYR A 84 8.39 -52.24 23.65
C TYR A 84 7.96 -52.95 24.93
N ALA A 85 7.05 -53.95 24.83
CA ALA A 85 6.60 -54.64 26.04
C ALA A 85 7.76 -55.31 26.75
N ARG A 86 8.72 -55.84 26.00
CA ARG A 86 9.89 -56.46 26.62
C ARG A 86 10.80 -55.43 27.28
N LEU A 87 11.06 -54.33 26.59
CA LEU A 87 12.10 -53.41 27.05
C LEU A 87 11.58 -52.44 28.10
N SER A 88 10.27 -52.22 28.14
CA SER A 88 9.68 -51.17 28.95
C SER A 88 9.69 -51.56 30.43
N SER A 89 9.86 -50.56 31.28
CA SER A 89 9.69 -50.68 32.71
C SER A 89 8.38 -50.10 33.21
N ILE A 90 7.55 -49.55 32.34
CA ILE A 90 6.26 -49.01 32.74
C ILE A 90 5.21 -50.12 32.68
N LYS A 91 4.43 -50.27 33.76
CA LYS A 91 3.31 -51.21 33.78
C LYS A 91 2.13 -50.64 33.01
N GLU A 92 1.55 -51.41 32.10
CA GLU A 92 0.42 -50.85 31.38
C GLU A 92 -0.84 -50.99 32.21
N GLU A 93 -1.87 -50.28 31.78
CA GLU A 93 -3.15 -50.23 32.46
C GLU A 93 -4.23 -50.63 31.45
N GLU A 94 -4.83 -51.78 31.67
CA GLU A 94 -5.78 -52.32 30.73
C GLU A 94 -7.19 -51.83 30.99
N GLY A 95 -7.40 -51.09 32.07
CA GLY A 95 -8.71 -50.64 32.48
C GLY A 95 -8.98 -49.19 32.13
N VAL A 96 -9.99 -48.63 32.79
CA VAL A 96 -10.24 -47.21 32.76
C VAL A 96 -10.26 -46.74 34.23
N PRO A 97 -9.13 -46.30 34.76
CA PRO A 97 -9.12 -45.85 36.15
C PRO A 97 -9.82 -44.52 36.31
N GLU A 98 -10.12 -44.20 37.56
CA GLU A 98 -10.64 -42.89 37.90
C GLU A 98 -9.65 -41.81 37.49
N ALA A 99 -10.17 -40.60 37.31
CA ALA A 99 -9.31 -39.49 36.88
C ALA A 99 -8.06 -39.35 37.76
N GLU A 100 -8.22 -39.44 39.08
CA GLU A 100 -7.06 -39.18 39.95
C GLU A 100 -6.03 -40.29 39.86
N GLU A 101 -6.46 -41.51 39.57
CA GLU A 101 -5.50 -42.59 39.41
C GLU A 101 -4.81 -42.51 38.05
N MET A 102 -5.50 -42.02 37.03
CA MET A 102 -4.83 -41.69 35.76
C MET A 102 -3.72 -40.68 36.00
N ILE A 103 -4.05 -39.60 36.71
CA ILE A 103 -3.03 -38.59 37.04
C ILE A 103 -1.89 -39.26 37.78
N ARG A 104 -2.22 -40.05 38.80
CA ARG A 104 -1.21 -40.68 39.63
C ARG A 104 -0.29 -41.58 38.81
N GLN A 105 -0.86 -42.36 37.88
CA GLN A 105 -0.03 -43.23 37.04
C GLN A 105 0.85 -42.41 36.09
N LEU A 106 0.31 -41.35 35.50
CA LEU A 106 1.11 -40.52 34.62
C LEU A 106 2.23 -39.84 35.36
N VAL A 107 2.01 -39.44 36.62
CA VAL A 107 3.12 -38.98 37.46
C VAL A 107 4.21 -40.05 37.53
N GLN A 108 3.83 -41.28 37.85
CA GLN A 108 4.82 -42.33 38.00
C GLN A 108 5.47 -42.70 36.68
N GLY A 109 4.74 -42.54 35.58
CA GLY A 109 5.35 -42.68 34.26
C GLY A 109 6.47 -41.69 34.02
N GLN A 110 6.23 -40.40 34.26
CA GLN A 110 7.30 -39.41 34.12
C GLN A 110 8.55 -39.85 34.89
N GLU A 111 8.35 -40.32 36.12
CA GLU A 111 9.48 -40.65 37.00
C GLU A 111 10.21 -41.92 36.58
N ALA A 112 9.52 -42.82 35.88
CA ALA A 112 10.17 -44.01 35.38
C ALA A 112 11.07 -43.68 34.18
N VAL A 113 10.64 -42.75 33.33
CA VAL A 113 11.53 -42.30 32.25
C VAL A 113 12.79 -41.66 32.84
N VAL A 114 12.62 -40.74 33.78
CA VAL A 114 13.79 -40.17 34.44
C VAL A 114 14.67 -41.28 34.97
N ARG A 115 14.07 -42.28 35.61
CA ARG A 115 14.86 -43.35 36.19
C ARG A 115 15.70 -44.03 35.12
N THR A 116 15.06 -44.38 34.00
CA THR A 116 15.76 -44.99 32.88
C THR A 116 16.85 -44.05 32.33
N ALA A 117 16.50 -42.78 32.11
CA ALA A 117 17.49 -41.82 31.65
C ALA A 117 18.71 -41.82 32.55
N ARG A 118 18.50 -41.71 33.86
CA ARG A 118 19.63 -41.67 34.79
C ARG A 118 20.51 -42.91 34.68
N SER A 119 19.91 -44.07 34.39
CA SER A 119 20.69 -45.31 34.36
C SER A 119 21.70 -45.32 33.22
N ILE A 120 21.49 -44.49 32.20
CA ILE A 120 22.33 -44.50 31.02
C ILE A 120 23.55 -43.59 31.16
N PHE A 121 23.53 -42.66 32.10
CA PHE A 121 24.56 -41.64 32.13
C PHE A 121 25.94 -42.21 32.45
N PRO A 122 26.06 -43.15 33.39
CA PRO A 122 27.39 -43.72 33.66
C PRO A 122 28.13 -44.09 32.39
N LEU A 123 27.41 -44.74 31.50
CA LEU A 123 28.00 -45.21 30.25
C LEU A 123 28.52 -44.06 29.40
N LEU A 124 27.77 -42.95 29.32
CA LEU A 124 28.11 -41.90 28.38
C LEU A 124 29.38 -41.17 28.80
N ASP A 125 29.58 -40.99 30.11
CA ASP A 125 30.78 -40.31 30.59
C ASP A 125 32.03 -41.01 30.06
N LYS A 126 32.08 -42.33 30.22
CA LYS A 126 33.21 -43.14 29.75
C LYS A 126 33.66 -42.73 28.34
N VAL A 127 32.70 -42.65 27.41
CA VAL A 127 33.01 -42.43 26.00
C VAL A 127 32.73 -41.00 25.54
N SER A 128 32.19 -40.16 26.41
CA SER A 128 31.94 -38.77 26.10
C SER A 128 31.05 -38.64 24.85
N ASP A 129 29.87 -39.26 24.95
CA ASP A 129 28.83 -39.11 23.95
C ASP A 129 27.95 -37.96 24.42
N GLU A 130 28.31 -36.76 23.98
CA GLU A 130 27.66 -35.56 24.48
C GLU A 130 26.26 -35.41 23.89
N PRO A 131 26.07 -35.66 22.59
CA PRO A 131 24.70 -35.54 22.06
C PRO A 131 23.70 -36.46 22.75
N THR A 132 24.07 -37.72 23.02
CA THR A 132 23.18 -38.57 23.81
C THR A 132 22.93 -37.98 25.19
N ALA A 133 23.96 -37.41 25.83
CA ALA A 133 23.76 -36.86 27.17
C ALA A 133 22.81 -35.68 27.12
N ASP A 134 22.92 -34.84 26.10
CA ASP A 134 22.00 -33.73 25.98
C ASP A 134 20.57 -34.23 25.72
N LEU A 135 20.42 -35.27 24.90
CA LEU A 135 19.11 -35.90 24.71
C LEU A 135 18.49 -36.34 26.04
N LEU A 136 19.23 -37.13 26.82
CA LEU A 136 18.70 -37.54 28.12
C LEU A 136 18.34 -36.32 28.95
N THR A 137 19.22 -35.33 28.96
CA THR A 137 18.98 -34.15 29.77
C THR A 137 17.66 -33.48 29.41
N GLN A 138 17.40 -33.32 28.10
CA GLN A 138 16.17 -32.64 27.70
C GLN A 138 14.95 -33.46 28.08
N ARG A 139 15.04 -34.79 28.01
CA ARG A 139 13.87 -35.60 28.34
C ARG A 139 13.61 -35.52 29.84
N MET A 140 14.67 -35.54 30.63
CA MET A 140 14.50 -35.42 32.08
C MET A 140 13.86 -34.09 32.42
N GLN A 141 14.30 -33.01 31.76
CA GLN A 141 13.71 -31.70 32.04
C GLN A 141 12.23 -31.72 31.76
N VAL A 142 11.83 -32.29 30.62
CA VAL A 142 10.44 -32.31 30.25
C VAL A 142 9.63 -33.17 31.22
N HIS A 143 10.16 -34.33 31.62
CA HIS A 143 9.41 -35.23 32.49
C HIS A 143 9.34 -34.70 33.92
N GLU A 144 10.44 -34.11 34.39
CA GLU A 144 10.39 -33.47 35.70
C GLU A 144 9.38 -32.33 35.73
N LYS A 145 9.32 -31.53 34.66
CA LYS A 145 8.35 -30.44 34.64
C LYS A 145 6.91 -30.97 34.57
N THR A 146 6.67 -31.99 33.74
CA THR A 146 5.33 -32.55 33.65
C THR A 146 4.91 -33.17 34.97
N ALA A 147 5.85 -33.82 35.65
CA ALA A 147 5.55 -34.38 36.96
C ALA A 147 4.99 -33.31 37.89
N TRP A 148 5.68 -32.15 37.97
CA TRP A 148 5.21 -31.07 38.82
C TRP A 148 3.79 -30.66 38.46
N MET A 149 3.50 -30.54 37.15
CA MET A 149 2.18 -30.07 36.77
C MET A 149 1.11 -31.12 37.09
N LEU A 150 1.46 -32.41 36.97
CA LEU A 150 0.50 -33.47 37.28
C LEU A 150 0.26 -33.60 38.78
N ARG A 151 1.33 -33.74 39.57
CA ARG A 151 1.15 -33.86 41.01
CA ARG A 151 1.15 -33.87 41.01
C ARG A 151 0.51 -32.62 41.61
N SER A 152 0.63 -31.46 40.96
CA SER A 152 -0.03 -30.28 41.49
C SER A 152 -1.54 -30.50 41.56
N LEU A 153 -2.09 -31.30 40.64
CA LEU A 153 -3.52 -31.55 40.66
C LEU A 153 -3.96 -32.33 41.90
N LEU A 154 -3.03 -33.02 42.58
CA LEU A 154 -3.34 -33.90 43.69
C LEU A 154 -3.07 -33.27 45.06
N ALA A 155 -2.57 -32.03 45.10
CA ALA A 155 -2.16 -31.43 46.36
C ALA A 155 -3.36 -31.10 47.25
N MET B 1 -14.03 2.53 -24.26
CA MET B 1 -13.07 3.67 -24.11
C MET B 1 -11.79 3.36 -24.89
N GLU B 2 -11.36 4.31 -25.72
CA GLU B 2 -10.22 4.06 -26.60
C GLU B 2 -8.97 3.75 -25.78
N ILE B 3 -8.14 2.88 -26.31
CA ILE B 3 -6.87 2.49 -25.68
C ILE B 3 -5.78 3.40 -26.21
N ASN B 4 -5.04 4.07 -25.30
CA ASN B 4 -3.95 4.97 -25.64
C ASN B 4 -2.73 4.60 -24.80
N ILE B 5 -2.09 3.49 -25.12
CA ILE B 5 -0.91 3.07 -24.36
C ILE B 5 0.35 3.20 -25.17
N GLY B 6 0.28 3.88 -26.31
CA GLY B 6 1.45 4.06 -27.13
C GLY B 6 1.71 2.97 -28.15
N ILE B 7 0.77 2.07 -28.38
CA ILE B 7 0.93 1.04 -29.39
C ILE B 7 -0.34 1.01 -30.23
N GLY B 8 -0.18 1.09 -31.53
CA GLY B 8 -1.32 1.04 -32.42
C GLY B 8 -2.00 -0.31 -32.42
N GLU B 9 -3.24 -0.30 -32.92
CA GLU B 9 -4.14 -1.42 -32.79
C GLU B 9 -3.62 -2.66 -33.54
N GLN B 10 -3.17 -2.50 -34.79
CA GLN B 10 -2.72 -3.67 -35.51
C GLN B 10 -1.39 -4.16 -34.97
N ASP B 11 -0.55 -3.27 -34.45
CA ASP B 11 0.65 -3.73 -33.78
C ASP B 11 0.32 -4.47 -32.49
N ARG B 12 -0.63 -3.96 -31.71
CA ARG B 12 -1.08 -4.72 -30.54
C ARG B 12 -1.64 -6.06 -30.94
N ALA B 13 -2.27 -6.15 -32.11
CA ALA B 13 -2.87 -7.41 -32.50
C ALA B 13 -1.79 -8.40 -32.91
N ALA B 14 -0.71 -7.92 -33.52
CA ALA B 14 0.42 -8.80 -33.82
C ALA B 14 1.04 -9.34 -32.55
N ILE B 15 1.26 -8.47 -31.55
CA ILE B 15 1.83 -8.93 -30.28
C ILE B 15 0.90 -9.94 -29.63
N ALA B 16 -0.39 -9.64 -29.60
CA ALA B 16 -1.36 -10.57 -29.01
C ALA B 16 -1.38 -11.90 -29.76
N GLU B 17 -1.26 -11.86 -31.09
CA GLU B 17 -1.17 -13.11 -31.83
C GLU B 17 0.04 -13.90 -31.35
N GLY B 18 1.15 -13.21 -31.11
CA GLY B 18 2.34 -13.91 -30.65
C GLY B 18 2.14 -14.46 -29.26
N LEU B 19 1.55 -13.66 -28.38
CA LEU B 19 1.36 -14.13 -27.02
C LEU B 19 0.29 -15.20 -26.96
N SER B 20 -0.61 -15.23 -27.94
CA SER B 20 -1.62 -16.29 -27.96
C SER B 20 -0.98 -17.64 -28.24
N ARG B 21 0.05 -17.66 -29.09
CA ARG B 21 0.78 -18.89 -29.33
C ARG B 21 1.59 -19.27 -28.10
N LEU B 22 2.19 -18.29 -27.44
CA LEU B 22 2.90 -18.60 -26.21
C LEU B 22 1.93 -19.14 -25.16
N LEU B 23 0.74 -18.55 -25.06
CA LEU B 23 -0.24 -19.04 -24.09
C LEU B 23 -0.68 -20.45 -24.41
N ALA B 24 -0.90 -20.78 -25.70
CA ALA B 24 -1.28 -22.14 -26.04
C ALA B 24 -0.18 -23.13 -25.73
N ASP B 25 1.09 -22.77 -26.05
CA ASP B 25 2.20 -23.66 -25.73
C ASP B 25 2.34 -23.84 -24.22
N THR B 26 2.19 -22.75 -23.46
CA THR B 26 2.30 -22.87 -22.02
C THR B 26 1.16 -23.69 -21.44
N TYR B 27 -0.05 -23.47 -21.95
CA TYR B 27 -1.17 -24.26 -21.49
C TYR B 27 -1.00 -25.75 -21.85
N THR B 28 -0.51 -26.05 -23.05
CA THR B 28 -0.32 -27.45 -23.43
C THR B 28 0.71 -28.09 -22.53
N LEU B 29 1.80 -27.37 -22.24
CA LEU B 29 2.79 -27.89 -21.32
C LEU B 29 2.20 -28.08 -19.93
N TYR B 30 1.32 -27.17 -19.51
CA TYR B 30 0.71 -27.26 -18.19
C TYR B 30 -0.06 -28.57 -18.05
N LEU B 31 -0.92 -28.86 -19.02
CA LEU B 31 -1.75 -30.05 -18.93
C LEU B 31 -0.94 -31.31 -19.10
N LYS B 32 0.06 -31.30 -20.00
CA LYS B 32 0.95 -32.46 -20.10
C LYS B 32 1.66 -32.70 -18.78
N THR B 33 2.18 -31.64 -18.16
CA THR B 33 2.88 -31.80 -16.89
C THR B 33 1.92 -32.30 -15.82
N HIS B 34 0.73 -31.74 -15.79
CA HIS B 34 -0.29 -32.19 -14.87
C HIS B 34 -0.59 -33.66 -15.08
N ASN B 35 -0.78 -34.04 -16.35
CA ASN B 35 -1.03 -35.44 -16.75
C ASN B 35 0.07 -36.34 -16.21
N PHE B 36 1.31 -35.97 -16.49
CA PHE B 36 2.43 -36.80 -16.08
C PHE B 36 2.53 -36.90 -14.58
N HIS B 37 2.21 -35.81 -13.88
CA HIS B 37 2.12 -35.84 -12.42
C HIS B 37 1.18 -36.94 -11.94
N TRP B 38 0.01 -37.06 -12.55
CA TRP B 38 -0.94 -38.07 -12.09
C TRP B 38 -0.43 -39.47 -12.41
N ASN B 39 0.16 -39.63 -13.60
CA ASN B 39 0.27 -40.93 -14.23
C ASN B 39 1.65 -41.56 -14.14
N VAL B 40 2.66 -40.81 -13.71
CA VAL B 40 4.00 -41.36 -13.60
C VAL B 40 4.01 -42.50 -12.58
N THR B 41 4.85 -43.51 -12.85
CA THR B 41 5.08 -44.60 -11.90
C THR B 41 6.53 -45.03 -11.97
N GLY B 42 6.90 -45.96 -11.09
CA GLY B 42 8.25 -46.46 -10.98
C GLY B 42 8.91 -45.99 -9.70
N PRO B 43 10.18 -46.33 -9.48
CA PRO B 43 10.84 -45.93 -8.23
C PRO B 43 11.08 -44.45 -8.12
N MET B 44 10.94 -43.69 -9.19
CA MET B 44 11.00 -42.24 -9.08
C MET B 44 9.64 -41.61 -8.87
N PHE B 45 8.60 -42.40 -8.49
CA PHE B 45 7.27 -41.81 -8.36
C PHE B 45 7.23 -40.64 -7.39
N ASN B 46 7.76 -40.81 -6.18
CA ASN B 46 7.58 -39.76 -5.19
C ASN B 46 8.26 -38.47 -5.65
N THR B 47 9.47 -38.60 -6.16
CA THR B 47 10.23 -37.42 -6.54
C THR B 47 9.67 -36.77 -7.81
N LEU B 48 9.23 -37.57 -8.77
CA LEU B 48 8.67 -36.98 -9.99
C LEU B 48 7.27 -36.43 -9.74
N HIS B 49 6.45 -37.15 -8.97
CA HIS B 49 5.13 -36.65 -8.60
C HIS B 49 5.25 -35.26 -7.98
N LEU B 50 6.16 -35.11 -7.03
CA LEU B 50 6.40 -33.80 -6.43
C LEU B 50 6.96 -32.82 -7.46
N MET B 51 7.97 -33.22 -8.21
CA MET B 51 8.61 -32.26 -9.12
C MET B 51 7.60 -31.76 -10.16
N PHE B 52 6.85 -32.67 -10.76
CA PHE B 52 5.89 -32.23 -11.76
C PHE B 52 4.78 -31.42 -11.11
N GLU B 53 4.53 -31.62 -9.81
CA GLU B 53 3.54 -30.79 -9.14
C GLU B 53 4.02 -29.35 -9.06
N GLY B 54 5.30 -29.16 -8.65
CA GLY B 54 5.85 -27.81 -8.64
C GLY B 54 5.74 -27.13 -9.98
N GLN B 55 6.03 -27.86 -11.05
CA GLN B 55 5.99 -27.29 -12.39
C GLN B 55 4.57 -26.94 -12.81
N TYR B 56 3.60 -27.85 -12.64
CA TYR B 56 2.26 -27.50 -13.10
C TYR B 56 1.71 -26.35 -12.27
N THR B 57 2.08 -26.26 -11.02
CA THR B 57 1.62 -25.14 -10.21
C THR B 57 2.15 -23.83 -10.75
N GLU B 58 3.44 -23.79 -11.11
CA GLU B 58 4.04 -22.59 -11.69
C GLU B 58 3.41 -22.23 -13.02
N LEU B 59 3.17 -23.23 -13.88
CA LEU B 59 2.60 -22.95 -15.18
C LEU B 59 1.17 -22.43 -15.06
N ALA B 60 0.41 -22.91 -14.07
CA ALA B 60 -0.95 -22.40 -13.91
C ALA B 60 -0.96 -20.90 -13.71
N VAL B 61 -0.02 -20.40 -12.92
CA VAL B 61 0.10 -18.96 -12.72
C VAL B 61 0.61 -18.28 -13.99
N ALA B 62 1.57 -18.92 -14.67
CA ALA B 62 2.09 -18.32 -15.90
C ALA B 62 1.01 -18.17 -16.96
N VAL B 63 0.12 -19.17 -17.10
CA VAL B 63 -0.94 -19.05 -18.09
CA VAL B 63 -1.00 -19.08 -18.04
C VAL B 63 -1.83 -17.83 -17.78
N ASP B 64 -2.11 -17.57 -16.50
CA ASP B 64 -2.90 -16.41 -16.13
C ASP B 64 -2.18 -15.10 -16.47
N ASP B 65 -0.87 -15.03 -16.20
CA ASP B 65 -0.11 -13.82 -16.49
C ASP B 65 0.00 -13.54 -17.98
N ILE B 66 0.17 -14.57 -18.80
CA ILE B 66 0.23 -14.35 -20.24
C ILE B 66 -1.14 -13.91 -20.75
N ALA B 67 -2.20 -14.59 -20.32
CA ALA B 67 -3.53 -14.20 -20.75
C ALA B 67 -3.84 -12.75 -20.41
N GLU B 68 -3.39 -12.29 -19.24
CA GLU B 68 -3.71 -10.94 -18.82
C GLU B 68 -2.90 -9.87 -19.54
N ARG B 69 -1.72 -10.23 -20.06
CA ARG B 69 -1.02 -9.31 -20.96
C ARG B 69 -1.77 -9.15 -22.28
N ILE B 70 -2.30 -10.24 -22.82
CA ILE B 70 -3.14 -10.14 -24.01
C ILE B 70 -4.30 -9.19 -23.73
N ARG B 71 -4.95 -9.33 -22.58
CA ARG B 71 -6.06 -8.44 -22.25
C ARG B 71 -5.55 -7.00 -22.11
N ALA B 72 -4.41 -6.81 -21.47
CA ALA B 72 -3.86 -5.46 -21.37
C ALA B 72 -3.66 -4.84 -22.74
N LEU B 73 -3.40 -5.67 -23.75
CA LEU B 73 -3.20 -5.17 -25.11
C LEU B 73 -4.52 -4.98 -25.85
N GLY B 74 -5.66 -5.24 -25.21
CA GLY B 74 -6.95 -4.99 -25.83
C GLY B 74 -7.49 -6.10 -26.73
N PHE B 75 -7.15 -7.35 -26.44
CA PHE B 75 -7.60 -8.45 -27.26
C PHE B 75 -8.03 -9.60 -26.37
N PRO B 76 -8.91 -10.46 -26.85
CA PRO B 76 -9.34 -11.58 -26.03
C PRO B 76 -8.27 -12.65 -25.94
N ALA B 77 -8.18 -13.27 -24.77
CA ALA B 77 -7.30 -14.39 -24.52
C ALA B 77 -7.97 -15.68 -24.97
N PRO B 78 -7.29 -16.52 -25.74
CA PRO B 78 -7.89 -17.79 -26.12
C PRO B 78 -7.95 -18.71 -24.91
N GLY B 79 -9.01 -19.51 -24.88
CA GLY B 79 -9.25 -20.38 -23.74
C GLY B 79 -10.20 -21.52 -24.03
N THR B 80 -9.91 -22.30 -25.09
CA THR B 80 -10.63 -23.53 -25.40
C THR B 80 -9.67 -24.59 -25.92
N TYR B 81 -10.10 -25.86 -25.82
CA TYR B 81 -9.28 -26.93 -26.37
C TYR B 81 -8.96 -26.66 -27.84
N ALA B 82 -9.94 -26.19 -28.60
CA ALA B 82 -9.77 -26.06 -30.04
C ALA B 82 -8.81 -24.94 -30.38
N ALA B 83 -8.79 -23.88 -29.57
CA ALA B 83 -7.89 -22.76 -29.82
C ALA B 83 -6.46 -23.15 -29.46
N TYR B 84 -6.31 -23.88 -28.35
CA TYR B 84 -4.97 -24.27 -27.93
C TYR B 84 -4.41 -25.35 -28.84
N ALA B 85 -5.22 -26.32 -29.25
CA ALA B 85 -4.73 -27.30 -30.21
C ALA B 85 -4.31 -26.61 -31.50
N ARG B 86 -5.07 -25.59 -31.91
CA ARG B 86 -4.74 -24.91 -33.16
C ARG B 86 -3.48 -24.06 -33.02
N LEU B 87 -3.32 -23.37 -31.89
CA LEU B 87 -2.25 -22.40 -31.70
C LEU B 87 -0.95 -22.99 -31.18
N SER B 88 -0.97 -24.17 -30.55
CA SER B 88 0.23 -24.68 -29.92
C SER B 88 1.13 -25.39 -30.93
N SER B 89 2.41 -25.37 -30.62
CA SER B 89 3.45 -26.00 -31.41
C SER B 89 3.95 -27.27 -30.76
N ILE B 90 3.44 -27.57 -29.58
CA ILE B 90 3.81 -28.73 -28.77
C ILE B 90 2.75 -29.81 -28.94
N LYS B 91 3.20 -31.05 -29.07
CA LYS B 91 2.29 -32.17 -29.24
C LYS B 91 1.99 -32.80 -27.89
N GLU B 92 0.76 -33.26 -27.74
CA GLU B 92 0.35 -33.94 -26.52
C GLU B 92 0.73 -35.41 -26.59
N GLU B 93 0.85 -36.00 -25.40
CA GLU B 93 1.07 -37.42 -25.23
C GLU B 93 -0.26 -38.04 -24.79
N GLU B 94 -0.83 -38.88 -25.67
CA GLU B 94 -2.11 -39.53 -25.42
C GLU B 94 -2.02 -40.77 -24.54
N GLY B 95 -0.83 -41.35 -24.39
CA GLY B 95 -0.68 -42.59 -23.66
C GLY B 95 0.02 -42.35 -22.34
N VAL B 96 0.74 -43.36 -21.83
CA VAL B 96 1.43 -43.25 -20.55
C VAL B 96 2.88 -43.70 -20.74
N PRO B 97 3.80 -42.80 -21.04
CA PRO B 97 5.17 -43.21 -21.30
C PRO B 97 5.86 -43.59 -20.02
N GLU B 98 6.99 -44.27 -20.19
CA GLU B 98 7.93 -44.49 -19.12
C GLU B 98 8.38 -43.15 -18.52
N ALA B 99 8.77 -43.19 -17.24
CA ALA B 99 9.17 -41.97 -16.53
C ALA B 99 10.29 -41.23 -17.27
N GLU B 100 11.30 -41.96 -17.74
CA GLU B 100 12.37 -41.32 -18.51
C GLU B 100 11.82 -40.58 -19.72
N GLU B 101 10.86 -41.19 -20.42
CA GLU B 101 10.34 -40.49 -21.59
C GLU B 101 9.45 -39.33 -21.19
N MET B 102 8.80 -39.41 -20.04
CA MET B 102 8.10 -38.24 -19.50
C MET B 102 9.06 -37.08 -19.32
N ILE B 103 10.18 -37.36 -18.66
CA ILE B 103 11.17 -36.32 -18.41
C ILE B 103 11.67 -35.72 -19.72
N ARG B 104 11.98 -36.57 -20.71
CA ARG B 104 12.48 -36.06 -21.98
C ARG B 104 11.46 -35.17 -22.66
N GLN B 105 10.21 -35.64 -22.72
CA GLN B 105 9.16 -34.79 -23.30
C GLN B 105 9.04 -33.47 -22.56
N LEU B 106 9.20 -33.47 -21.24
CA LEU B 106 9.06 -32.18 -20.54
C LEU B 106 10.27 -31.28 -20.79
N VAL B 107 11.47 -31.84 -20.95
CA VAL B 107 12.60 -31.03 -21.36
C VAL B 107 12.32 -30.38 -22.71
N GLN B 108 11.85 -31.16 -23.67
CA GLN B 108 11.54 -30.61 -25.00
C GLN B 108 10.42 -29.59 -24.91
N GLY B 109 9.49 -29.78 -23.98
CA GLY B 109 8.45 -28.79 -23.76
C GLY B 109 9.00 -27.46 -23.29
N GLN B 110 9.91 -27.49 -22.31
CA GLN B 110 10.53 -26.24 -21.87
C GLN B 110 11.16 -25.55 -23.07
N GLU B 111 11.90 -26.31 -23.88
CA GLU B 111 12.66 -25.73 -24.97
C GLU B 111 11.75 -25.23 -26.07
N ALA B 112 10.60 -25.89 -26.29
CA ALA B 112 9.65 -25.39 -27.27
C ALA B 112 9.10 -24.02 -26.88
N VAL B 113 8.75 -23.83 -25.61
CA VAL B 113 8.25 -22.54 -25.14
C VAL B 113 9.33 -21.45 -25.28
N VAL B 114 10.58 -21.79 -24.99
CA VAL B 114 11.67 -20.82 -25.20
C VAL B 114 11.72 -20.37 -26.66
N ARG B 115 11.58 -21.31 -27.60
CA ARG B 115 11.58 -20.96 -29.03
C ARG B 115 10.40 -20.07 -29.39
N THR B 116 9.22 -20.34 -28.82
CA THR B 116 8.08 -19.48 -29.17
C THR B 116 8.30 -18.08 -28.63
N ALA B 117 8.78 -17.99 -27.39
CA ALA B 117 9.13 -16.71 -26.79
C ALA B 117 10.11 -15.92 -27.66
N ARG B 118 11.22 -16.56 -28.07
CA ARG B 118 12.19 -15.91 -28.96
C ARG B 118 11.55 -15.42 -30.25
N SER B 119 10.66 -16.23 -30.84
CA SER B 119 10.07 -15.84 -32.12
C SER B 119 9.30 -14.52 -32.03
N ILE B 120 8.95 -14.07 -30.84
CA ILE B 120 8.20 -12.83 -30.70
C ILE B 120 9.10 -11.60 -30.62
N PHE B 121 10.37 -11.75 -30.30
CA PHE B 121 11.21 -10.56 -30.11
C PHE B 121 11.35 -9.73 -31.37
N PRO B 122 11.57 -10.30 -32.57
CA PRO B 122 11.69 -9.44 -33.76
C PRO B 122 10.55 -8.47 -33.86
N LEU B 123 9.35 -8.96 -33.58
CA LEU B 123 8.21 -8.08 -33.49
C LEU B 123 8.44 -6.98 -32.45
N LEU B 124 8.79 -7.37 -31.22
CA LEU B 124 8.93 -6.38 -30.16
C LEU B 124 10.02 -5.35 -30.47
N ASP B 125 11.05 -5.74 -31.20
CA ASP B 125 12.07 -4.79 -31.67
C ASP B 125 11.37 -3.65 -32.41
N LYS B 126 10.79 -3.97 -33.58
CA LYS B 126 10.09 -2.99 -34.41
C LYS B 126 9.08 -2.13 -33.63
N VAL B 127 8.35 -2.72 -32.70
CA VAL B 127 7.15 -2.06 -32.19
C VAL B 127 7.41 -1.28 -30.90
N SER B 128 8.08 -1.90 -29.94
CA SER B 128 8.46 -1.27 -28.68
C SER B 128 7.40 -1.49 -27.62
N ASP B 129 7.52 -2.62 -26.97
CA ASP B 129 6.60 -3.04 -25.93
C ASP B 129 7.48 -3.68 -24.87
N GLU B 130 7.90 -2.87 -23.90
CA GLU B 130 8.84 -3.35 -22.89
C GLU B 130 8.21 -4.35 -21.94
N PRO B 131 6.95 -4.16 -21.51
CA PRO B 131 6.33 -5.15 -20.63
C PRO B 131 6.23 -6.52 -21.24
N THR B 132 5.84 -6.62 -22.51
CA THR B 132 5.78 -7.93 -23.13
C THR B 132 7.17 -8.54 -23.21
N ALA B 133 8.18 -7.74 -23.55
CA ALA B 133 9.54 -8.28 -23.58
C ALA B 133 9.97 -8.78 -22.21
N ASP B 134 9.58 -8.08 -21.15
CA ASP B 134 9.92 -8.55 -19.81
C ASP B 134 9.22 -9.87 -19.51
N LEU B 135 7.96 -10.01 -19.93
CA LEU B 135 7.25 -11.27 -19.73
C LEU B 135 7.95 -12.44 -20.42
N LEU B 136 8.28 -12.27 -21.71
CA LEU B 136 8.97 -13.34 -22.45
C LEU B 136 10.28 -13.72 -21.76
N THR B 137 11.03 -12.71 -21.31
CA THR B 137 12.27 -12.92 -20.59
C THR B 137 12.04 -13.72 -19.31
N GLN B 138 10.99 -13.41 -18.56
CA GLN B 138 10.70 -14.20 -17.37
C GLN B 138 10.37 -15.65 -17.71
N ARG B 139 9.52 -15.88 -18.73
CA ARG B 139 9.20 -17.25 -19.08
C ARG B 139 10.43 -17.99 -19.56
N MET B 140 11.28 -17.33 -20.38
CA MET B 140 12.52 -17.97 -20.78
C MET B 140 13.36 -18.36 -19.58
N GLN B 141 13.48 -17.46 -18.60
CA GLN B 141 14.25 -17.78 -17.40
C GLN B 141 13.71 -19.02 -16.69
N VAL B 142 12.40 -19.09 -16.49
CA VAL B 142 11.82 -20.23 -15.77
C VAL B 142 12.03 -21.52 -16.56
N HIS B 143 11.78 -21.47 -17.86
CA HIS B 143 11.81 -22.69 -18.66
C HIS B 143 13.23 -23.21 -18.80
N GLU B 144 14.23 -22.32 -18.90
CA GLU B 144 15.62 -22.76 -19.04
C GLU B 144 16.14 -23.33 -17.71
N LYS B 145 15.72 -22.75 -16.58
CA LYS B 145 16.03 -23.34 -15.29
C LYS B 145 15.37 -24.71 -15.12
N THR B 146 14.06 -24.81 -15.42
CA THR B 146 13.38 -26.09 -15.33
C THR B 146 14.02 -27.13 -16.25
N ALA B 147 14.47 -26.71 -17.42
CA ALA B 147 15.12 -27.63 -18.34
C ALA B 147 16.37 -28.22 -17.71
N TRP B 148 17.15 -27.41 -16.98
CA TRP B 148 18.35 -27.94 -16.33
C TRP B 148 17.98 -28.94 -15.24
N MET B 149 16.93 -28.65 -14.47
CA MET B 149 16.55 -29.55 -13.40
C MET B 149 16.08 -30.87 -13.98
N LEU B 150 15.30 -30.79 -15.06
CA LEU B 150 14.78 -32.00 -15.68
C LEU B 150 15.90 -32.79 -16.32
N ARG B 151 16.76 -32.15 -17.11
CA ARG B 151 17.76 -32.92 -17.82
CA ARG B 151 17.75 -32.93 -17.82
C ARG B 151 18.82 -33.48 -16.88
N SER B 152 19.00 -32.87 -15.70
CA SER B 152 19.95 -33.43 -14.76
C SER B 152 19.56 -34.85 -14.36
N LEU B 153 18.25 -35.14 -14.34
CA LEU B 153 17.76 -36.45 -13.93
C LEU B 153 18.24 -37.53 -14.87
N LEU B 154 18.53 -37.17 -16.11
CA LEU B 154 18.85 -38.11 -17.17
C LEU B 154 20.36 -38.30 -17.31
N ALA B 155 21.16 -37.48 -16.63
CA ALA B 155 22.62 -37.52 -16.83
C ALA B 155 23.19 -38.87 -16.44
N SER B 156 24.12 -39.35 -17.27
CA SER B 156 24.84 -40.60 -17.05
C SER B 156 26.31 -40.34 -17.33
N MET C 1 1.53 -36.05 46.87
CA MET C 1 2.18 -37.25 46.27
C MET C 1 3.72 -37.11 46.37
N GLU C 2 4.40 -38.17 46.81
CA GLU C 2 5.85 -38.11 46.96
C GLU C 2 6.51 -37.72 45.64
N ILE C 3 7.70 -37.12 45.75
CA ILE C 3 8.48 -36.70 44.58
C ILE C 3 9.66 -37.65 44.47
N ASN C 4 9.79 -38.32 43.32
CA ASN C 4 10.79 -39.36 43.11
C ASN C 4 11.40 -39.16 41.72
N ILE C 5 12.26 -38.15 41.62
CA ILE C 5 12.99 -37.87 40.38
C ILE C 5 14.47 -38.20 40.51
N GLY C 6 14.88 -38.87 41.58
CA GLY C 6 16.26 -39.29 41.72
C GLY C 6 17.15 -38.39 42.54
N ILE C 7 16.59 -37.37 43.19
CA ILE C 7 17.32 -36.40 43.98
C ILE C 7 16.62 -36.23 45.32
N GLY C 8 17.39 -36.32 46.41
CA GLY C 8 16.81 -36.21 47.73
C GLY C 8 16.31 -34.82 48.04
N GLU C 9 15.42 -34.76 49.04
CA GLU C 9 14.77 -33.50 49.43
C GLU C 9 15.78 -32.47 49.92
N GLN C 10 16.74 -32.90 50.74
CA GLN C 10 17.77 -31.97 51.17
C GLN C 10 18.49 -31.40 49.96
N ASP C 11 18.87 -32.24 49.01
CA ASP C 11 19.56 -31.74 47.83
C ASP C 11 18.67 -30.86 46.96
N ARG C 12 17.42 -31.27 46.74
CA ARG C 12 16.56 -30.45 45.90
C ARG C 12 16.34 -29.08 46.52
N ALA C 13 16.26 -29.03 47.86
CA ALA C 13 16.04 -27.74 48.51
C ALA C 13 17.26 -26.84 48.33
N ALA C 14 18.46 -27.40 48.40
CA ALA C 14 19.66 -26.60 48.22
C ALA C 14 19.74 -26.07 46.79
N ILE C 15 19.34 -26.90 45.82
CA ILE C 15 19.36 -26.45 44.43
C ILE C 15 18.32 -25.36 44.23
N ALA C 16 17.15 -25.51 44.83
CA ALA C 16 16.11 -24.49 44.70
C ALA C 16 16.55 -23.17 45.31
N GLU C 17 17.41 -23.24 46.34
CA GLU C 17 17.98 -22.03 46.92
C GLU C 17 18.90 -21.32 45.92
N GLY C 18 19.82 -22.06 45.30
CA GLY C 18 20.64 -21.48 44.25
C GLY C 18 19.80 -20.85 43.15
N LEU C 19 18.78 -21.57 42.67
CA LEU C 19 17.95 -21.01 41.61
C LEU C 19 17.11 -19.84 42.09
N SER C 20 16.83 -19.77 43.39
CA SER C 20 16.11 -18.61 43.87
C SER C 20 16.95 -17.35 43.71
N ARG C 21 18.24 -17.45 44.06
CA ARG C 21 19.17 -16.36 43.79
C ARG C 21 19.21 -16.03 42.30
N LEU C 22 19.35 -17.04 41.45
CA LEU C 22 19.39 -16.79 40.01
C LEU C 22 18.09 -16.12 39.56
N LEU C 23 16.95 -16.64 40.03
CA LEU C 23 15.67 -16.05 39.68
C LEU C 23 15.63 -14.59 40.10
N ALA C 24 16.23 -14.28 41.25
CA ALA C 24 16.23 -12.93 41.79
C ALA C 24 17.13 -12.03 40.97
N ASP C 25 18.33 -12.50 40.64
CA ASP C 25 19.18 -11.71 39.76
C ASP C 25 18.50 -11.48 38.42
N THR C 26 17.88 -12.53 37.87
CA THR C 26 17.27 -12.40 36.54
C THR C 26 16.10 -11.43 36.58
N TYR C 27 15.27 -11.50 37.63
CA TYR C 27 14.15 -10.57 37.69
C TYR C 27 14.63 -9.16 37.90
N THR C 28 15.70 -9.00 38.66
CA THR C 28 16.21 -7.66 38.93
C THR C 28 16.78 -7.04 37.66
N LEU C 29 17.56 -7.82 36.92
CA LEU C 29 18.01 -7.36 35.61
C LEU C 29 16.82 -7.09 34.68
N TYR C 30 15.81 -7.94 34.74
CA TYR C 30 14.66 -7.77 33.87
C TYR C 30 14.03 -6.41 34.09
N LEU C 31 13.84 -6.03 35.35
CA LEU C 31 13.16 -4.77 35.63
C LEU C 31 14.06 -3.59 35.33
N LYS C 32 15.37 -3.72 35.57
CA LYS C 32 16.28 -2.63 35.25
C LYS C 32 16.33 -2.38 33.75
N THR C 33 16.48 -3.44 32.96
CA THR C 33 16.39 -3.33 31.50
C THR C 33 15.08 -2.68 31.07
N HIS C 34 13.98 -3.10 31.69
CA HIS C 34 12.68 -2.54 31.32
C HIS C 34 12.66 -1.05 31.60
N ASN C 35 13.27 -0.66 32.73
CA ASN C 35 13.38 0.73 33.15
C ASN C 35 14.17 1.54 32.13
N PHE C 36 15.38 1.08 31.80
CA PHE C 36 16.21 1.79 30.83
C PHE C 36 15.51 1.85 29.48
N HIS C 37 14.83 0.78 29.08
CA HIS C 37 14.04 0.83 27.85
C HIS C 37 13.14 2.05 27.82
N TRP C 38 12.48 2.34 28.94
CA TRP C 38 11.54 3.45 28.97
C TRP C 38 12.23 4.79 29.03
N ASN C 39 13.38 4.87 29.71
CA ASN C 39 13.94 6.13 30.18
C ASN C 39 15.17 6.61 29.45
N VAL C 40 15.78 5.77 28.62
CA VAL C 40 17.00 6.16 27.92
C VAL C 40 16.68 7.33 26.99
N THR C 41 17.63 8.25 26.85
CA THR C 41 17.47 9.36 25.90
C THR C 41 18.80 9.60 25.18
N GLY C 42 18.78 10.55 24.26
CA GLY C 42 19.98 10.93 23.55
C GLY C 42 20.00 10.38 22.15
N PRO C 43 21.12 10.57 21.46
CA PRO C 43 21.18 10.21 20.04
C PRO C 43 21.08 8.71 19.79
N MET C 44 21.30 7.87 20.81
CA MET C 44 21.14 6.43 20.65
C MET C 44 19.74 5.96 21.01
N PHE C 45 18.80 6.88 21.19
CA PHE C 45 17.49 6.47 21.69
C PHE C 45 16.93 5.29 20.91
N ASN C 46 16.77 5.47 19.59
CA ASN C 46 16.12 4.44 18.78
C ASN C 46 16.84 3.11 18.90
N THR C 47 18.17 3.11 18.86
CA THR C 47 18.88 1.84 18.88
C THR C 47 18.80 1.19 20.26
N LEU C 48 18.87 1.96 21.33
CA LEU C 48 18.89 1.36 22.66
C LEU C 48 17.47 1.02 23.14
N HIS C 49 16.49 1.86 22.81
CA HIS C 49 15.09 1.54 23.10
C HIS C 49 14.73 0.20 22.47
N LEU C 50 15.19 -0.05 21.25
CA LEU C 50 14.92 -1.33 20.59
C LEU C 50 15.72 -2.46 21.24
N MET C 51 17.01 -2.22 21.45
CA MET C 51 17.86 -3.28 21.98
C MET C 51 17.42 -3.71 23.36
N PHE C 52 17.11 -2.75 24.23
CA PHE C 52 16.69 -3.10 25.58
C PHE C 52 15.33 -3.78 25.56
N GLU C 53 14.49 -3.46 24.56
CA GLU C 53 13.20 -4.14 24.40
C GLU C 53 13.39 -5.63 24.12
N GLY C 54 14.25 -5.96 23.16
CA GLY C 54 14.57 -7.35 22.93
C GLY C 54 15.08 -8.04 24.19
N GLN C 55 15.94 -7.36 24.95
CA GLN C 55 16.49 -7.98 26.14
C GLN C 55 15.42 -8.23 27.21
N TYR C 56 14.56 -7.23 27.51
CA TYR C 56 13.56 -7.47 28.55
C TYR C 56 12.53 -8.49 28.10
N THR C 57 12.20 -8.51 26.80
CA THR C 57 11.30 -9.52 26.30
C THR C 57 11.88 -10.92 26.54
N GLU C 58 13.19 -11.07 26.38
CA GLU C 58 13.84 -12.38 26.56
C GLU C 58 13.92 -12.75 28.03
N LEU C 59 14.21 -11.78 28.91
CA LEU C 59 14.36 -12.04 30.33
C LEU C 59 13.02 -12.40 30.98
N ALA C 60 11.93 -11.81 30.49
CA ALA C 60 10.59 -12.13 30.98
C ALA C 60 10.28 -13.61 30.81
N VAL C 61 10.70 -14.19 29.67
CA VAL C 61 10.57 -15.62 29.42
C VAL C 61 11.51 -16.40 30.30
N ALA C 62 12.73 -15.89 30.48
CA ALA C 62 13.69 -16.56 31.34
C ALA C 62 13.21 -16.69 32.78
N VAL C 63 12.61 -15.63 33.32
CA VAL C 63 12.12 -15.71 34.69
CA VAL C 63 12.07 -15.67 34.68
C VAL C 63 11.10 -16.84 34.82
N ASP C 64 10.18 -16.97 33.87
CA ASP C 64 9.20 -18.03 33.93
C ASP C 64 9.87 -19.40 33.90
N ASP C 65 10.96 -19.55 33.11
CA ASP C 65 11.62 -20.85 33.00
C ASP C 65 12.35 -21.21 34.29
N ILE C 66 12.99 -20.23 34.92
CA ILE C 66 13.72 -20.49 36.16
C ILE C 66 12.74 -20.77 37.29
N ALA C 67 11.67 -19.96 37.38
CA ALA C 67 10.65 -20.20 38.39
C ALA C 67 10.11 -21.62 38.30
N GLU C 68 9.88 -22.11 37.07
CA GLU C 68 9.26 -23.41 36.89
C GLU C 68 10.27 -24.54 37.04
N ARG C 69 11.55 -24.26 36.93
CA ARG C 69 12.49 -25.28 37.33
C ARG C 69 12.45 -25.47 38.84
N ILE C 70 12.28 -24.38 39.60
CA ILE C 70 12.18 -24.52 41.04
C ILE C 70 10.95 -25.34 41.40
N ARG C 71 9.82 -25.10 40.73
CA ARG C 71 8.61 -25.89 41.02
C ARG C 71 8.81 -27.35 40.64
N ALA C 72 9.60 -27.64 39.59
CA ALA C 72 9.88 -29.03 39.26
C ALA C 72 10.69 -29.69 40.36
N LEU C 73 11.49 -28.92 41.09
CA LEU C 73 12.26 -29.46 42.20
C LEU C 73 11.42 -29.56 43.47
N GLY C 74 10.16 -29.15 43.42
CA GLY C 74 9.26 -29.32 44.54
C GLY C 74 9.25 -28.21 45.56
N PHE C 75 9.66 -27.00 45.19
CA PHE C 75 9.70 -25.87 46.10
C PHE C 75 8.99 -24.69 45.47
N PRO C 76 8.49 -23.76 46.29
CA PRO C 76 7.75 -22.63 45.75
C PRO C 76 8.70 -21.60 45.19
N ALA C 77 8.18 -20.83 44.24
CA ALA C 77 9.09 -19.88 43.60
C ALA C 77 8.90 -18.50 44.20
N PRO C 78 9.96 -17.80 44.62
CA PRO C 78 9.77 -16.44 45.13
C PRO C 78 9.32 -15.50 44.03
N GLY C 79 8.56 -14.49 44.45
CA GLY C 79 7.99 -13.53 43.53
C GLY C 79 7.34 -12.35 44.20
N THR C 80 8.12 -11.61 45.00
CA THR C 80 7.74 -10.31 45.54
C THR C 80 8.96 -9.39 45.56
N TYR C 81 8.70 -8.08 45.61
CA TYR C 81 9.80 -7.13 45.67
C TYR C 81 10.75 -7.46 46.81
N ALA C 82 10.21 -7.85 47.97
CA ALA C 82 11.05 -8.04 49.14
C ALA C 82 11.86 -9.33 49.04
N ALA C 83 11.27 -10.40 48.50
CA ALA C 83 12.04 -11.61 48.30
C ALA C 83 13.16 -11.40 47.28
N TYR C 84 12.86 -10.69 46.18
CA TYR C 84 13.93 -10.47 45.20
C TYR C 84 14.99 -9.49 45.72
N ALA C 85 14.59 -8.41 46.39
CA ALA C 85 15.59 -7.45 46.86
C ALA C 85 16.52 -8.11 47.86
N ARG C 86 16.00 -9.03 48.67
CA ARG C 86 16.84 -9.77 49.62
C ARG C 86 17.82 -10.70 48.92
N LEU C 87 17.38 -11.42 47.89
CA LEU C 87 18.22 -12.43 47.23
C LEU C 87 19.12 -11.84 46.15
N SER C 88 18.69 -10.76 45.50
CA SER C 88 19.42 -10.19 44.36
C SER C 88 20.80 -9.68 44.78
N SER C 89 21.82 -10.09 44.00
CA SER C 89 23.17 -9.51 44.06
C SER C 89 23.36 -8.33 43.12
N ILE C 90 22.29 -7.80 42.54
CA ILE C 90 22.35 -6.72 41.56
C ILE C 90 21.81 -5.43 42.20
N LYS C 91 22.67 -4.42 42.31
CA LYS C 91 22.29 -3.14 42.91
C LYS C 91 21.39 -2.36 41.96
N GLU C 92 20.26 -1.87 42.44
CA GLU C 92 19.37 -1.21 41.50
C GLU C 92 19.81 0.23 41.32
N GLU C 93 19.22 0.85 40.33
CA GLU C 93 19.51 2.23 39.96
C GLU C 93 18.21 3.00 40.13
N GLU C 94 18.17 3.92 41.09
CA GLU C 94 16.93 4.65 41.33
C GLU C 94 16.79 5.90 40.47
N GLY C 95 17.87 6.37 39.83
CA GLY C 95 17.82 7.52 38.94
C GLY C 95 17.67 7.18 37.47
N VAL C 96 18.03 8.14 36.62
CA VAL C 96 18.03 8.02 35.16
C VAL C 96 19.43 8.32 34.65
N PRO C 97 20.34 7.36 34.60
CA PRO C 97 21.70 7.66 34.17
C PRO C 97 21.77 7.95 32.68
N GLU C 98 22.93 8.46 32.26
CA GLU C 98 23.21 8.70 30.83
C GLU C 98 23.23 7.38 30.07
N ALA C 99 22.87 7.44 28.77
CA ALA C 99 22.78 6.23 27.96
C ALA C 99 23.98 5.31 28.13
N GLU C 100 25.17 5.88 28.23
CA GLU C 100 26.35 5.02 28.24
C GLU C 100 26.51 4.34 29.57
N GLU C 101 26.08 5.00 30.64
CA GLU C 101 26.09 4.36 31.94
C GLU C 101 24.99 3.31 32.03
N MET C 102 23.85 3.53 31.38
CA MET C 102 22.84 2.47 31.26
C MET C 102 23.45 1.23 30.61
N ILE C 103 24.21 1.41 29.53
CA ILE C 103 24.82 0.27 28.85
C ILE C 103 25.78 -0.44 29.80
N ARG C 104 26.64 0.32 30.47
CA ARG C 104 27.67 -0.28 31.34
C ARG C 104 27.05 -1.09 32.48
N GLN C 105 26.00 -0.54 33.10
CA GLN C 105 25.30 -1.28 34.14
C GLN C 105 24.68 -2.56 33.57
N LEU C 106 24.05 -2.47 32.39
CA LEU C 106 23.48 -3.68 31.82
C LEU C 106 24.56 -4.70 31.50
N VAL C 107 25.77 -4.27 31.14
CA VAL C 107 26.85 -5.24 30.97
C VAL C 107 27.10 -5.97 32.28
N GLN C 108 27.16 -5.22 33.37
CA GLN C 108 27.50 -5.81 34.66
C GLN C 108 26.37 -6.68 35.19
N GLY C 109 25.12 -6.31 34.89
CA GLY C 109 24.00 -7.21 35.17
C GLY C 109 24.17 -8.55 34.49
N GLN C 110 24.47 -8.54 33.18
CA GLN C 110 24.74 -9.80 32.48
C GLN C 110 25.77 -10.61 33.26
N GLU C 111 26.88 -9.97 33.59
CA GLU C 111 27.98 -10.72 34.20
C GLU C 111 27.64 -11.14 35.62
N ALA C 112 26.77 -10.39 36.30
CA ALA C 112 26.37 -10.79 37.63
C ALA C 112 25.51 -12.05 37.57
N VAL C 113 24.58 -12.12 36.61
CA VAL C 113 23.81 -13.35 36.49
C VAL C 113 24.74 -14.51 36.20
N VAL C 114 25.75 -14.29 35.36
CA VAL C 114 26.68 -15.36 35.03
C VAL C 114 27.42 -15.81 36.28
N ARG C 115 27.84 -14.83 37.08
CA ARG C 115 28.52 -15.13 38.34
C ARG C 115 27.65 -16.01 39.24
N THR C 116 26.36 -15.67 39.37
CA THR C 116 25.49 -16.47 40.22
C THR C 116 25.27 -17.86 39.65
N ALA C 117 25.10 -17.97 38.32
CA ALA C 117 24.97 -19.29 37.69
C ALA C 117 26.19 -20.16 37.99
N ARG C 118 27.38 -19.58 37.96
CA ARG C 118 28.58 -20.40 38.17
C ARG C 118 28.68 -20.90 39.59
N SER C 119 28.21 -20.11 40.56
CA SER C 119 28.26 -20.54 41.96
C SER C 119 27.41 -21.79 42.18
N ILE C 120 26.40 -21.99 41.35
CA ILE C 120 25.48 -23.10 41.58
C ILE C 120 25.99 -24.43 41.07
N PHE C 121 26.95 -24.44 40.15
CA PHE C 121 27.28 -25.70 39.48
C PHE C 121 27.74 -26.77 40.45
N PRO C 122 28.74 -26.54 41.33
CA PRO C 122 29.20 -27.61 42.23
C PRO C 122 28.07 -28.46 42.81
N LEU C 123 27.13 -27.79 43.46
CA LEU C 123 25.96 -28.45 44.03
C LEU C 123 25.24 -29.36 43.03
N LEU C 124 25.42 -29.15 41.73
CA LEU C 124 24.80 -30.04 40.76
C LEU C 124 25.71 -31.20 40.37
N ASP C 125 27.03 -31.05 40.53
CA ASP C 125 27.95 -32.16 40.30
C ASP C 125 27.66 -33.32 41.26
N LYS C 126 27.64 -33.02 42.55
CA LYS C 126 27.39 -34.04 43.57
C LYS C 126 26.15 -34.87 43.27
N VAL C 127 25.16 -34.30 42.58
CA VAL C 127 23.82 -34.86 42.51
C VAL C 127 23.42 -35.31 41.12
N SER C 128 24.09 -34.86 40.07
CA SER C 128 23.71 -35.16 38.68
C SER C 128 22.35 -34.55 38.34
N ASP C 129 22.14 -33.29 38.72
CA ASP C 129 20.92 -32.59 38.33
C ASP C 129 21.16 -31.99 36.94
N GLU C 130 20.95 -32.83 35.91
CA GLU C 130 21.27 -32.40 34.54
C GLU C 130 20.33 -31.30 34.06
N PRO C 131 19.02 -31.42 34.18
CA PRO C 131 18.17 -30.31 33.73
C PRO C 131 18.60 -28.96 34.27
N THR C 132 18.95 -28.88 35.56
CA THR C 132 19.33 -27.59 36.12
C THR C 132 20.63 -27.09 35.53
N ALA C 133 21.62 -27.97 35.42
CA ALA C 133 22.86 -27.57 34.77
C ALA C 133 22.58 -26.99 33.39
N ASP C 134 21.72 -27.64 32.62
CA ASP C 134 21.46 -27.13 31.28
C ASP C 134 20.78 -25.76 31.33
N LEU C 135 19.84 -25.57 32.27
CA LEU C 135 19.22 -24.25 32.38
C LEU C 135 20.27 -23.16 32.63
N LEU C 136 21.21 -23.41 33.53
CA LEU C 136 22.27 -22.44 33.80
C LEU C 136 23.11 -22.19 32.56
N THR C 137 23.51 -23.26 31.88
CA THR C 137 24.26 -23.16 30.62
C THR C 137 23.57 -22.23 29.64
N GLN C 138 22.26 -22.45 29.41
CA GLN C 138 21.50 -21.60 28.51
C GLN C 138 21.49 -20.15 28.97
N ARG C 139 21.26 -19.91 30.27
CA ARG C 139 21.30 -18.53 30.76
C ARG C 139 22.68 -17.93 30.56
N MET C 140 23.73 -18.69 30.86
CA MET C 140 25.06 -18.17 30.67
C MET C 140 25.29 -17.79 29.22
N GLN C 141 24.83 -18.65 28.29
CA GLN C 141 25.05 -18.38 26.87
C GLN C 141 24.36 -17.11 26.44
N VAL C 142 23.12 -16.91 26.90
CA VAL C 142 22.36 -15.71 26.57
C VAL C 142 23.01 -14.45 27.16
N HIS C 143 23.49 -14.51 28.40
CA HIS C 143 24.03 -13.32 29.05
C HIS C 143 25.41 -12.98 28.52
N GLU C 144 26.25 -13.98 28.30
CA GLU C 144 27.58 -13.68 27.76
C GLU C 144 27.48 -13.17 26.32
N LYS C 145 26.47 -13.63 25.57
CA LYS C 145 26.23 -13.05 24.26
C LYS C 145 25.69 -11.63 24.37
N THR C 146 24.73 -11.39 25.26
CA THR C 146 24.20 -10.05 25.38
C THR C 146 25.29 -9.08 25.85
N ALA C 147 26.20 -9.57 26.70
CA ALA C 147 27.32 -8.74 27.16
C ALA C 147 28.18 -8.27 26.00
N TRP C 148 28.49 -9.17 25.06
CA TRP C 148 29.31 -8.76 23.93
C TRP C 148 28.62 -7.67 23.13
N MET C 149 27.34 -7.87 22.82
CA MET C 149 26.62 -6.87 22.06
C MET C 149 26.60 -5.53 22.80
N LEU C 150 26.33 -5.55 24.10
CA LEU C 150 26.25 -4.30 24.86
C LEU C 150 27.62 -3.62 24.94
N ARG C 151 28.67 -4.37 25.28
CA ARG C 151 29.98 -3.75 25.43
CA ARG C 151 29.95 -3.71 25.42
C ARG C 151 30.56 -3.34 24.09
N SER C 152 30.13 -3.98 23.00
CA SER C 152 30.54 -3.54 21.67
C SER C 152 30.18 -2.08 21.46
N LEU C 153 29.02 -1.65 21.98
CA LEU C 153 28.56 -0.28 21.81
C LEU C 153 29.51 0.75 22.42
N LEU C 154 30.43 0.34 23.27
CA LEU C 154 31.32 1.24 23.98
C LEU C 154 32.73 1.24 23.45
N ALA C 155 33.02 0.44 22.43
CA ALA C 155 34.39 0.22 21.96
C ALA C 155 35.14 1.52 21.62
N MET D 1 -33.45 -17.88 -13.26
CA MET D 1 -33.08 -18.98 -14.20
C MET D 1 -33.59 -20.32 -13.65
N GLU D 2 -34.01 -21.22 -14.54
CA GLU D 2 -34.46 -22.53 -14.07
C GLU D 2 -33.39 -23.21 -13.25
N ILE D 3 -33.83 -23.97 -12.24
CA ILE D 3 -32.96 -24.84 -11.46
C ILE D 3 -33.10 -26.26 -11.98
N ASN D 4 -32.02 -26.81 -12.54
CA ASN D 4 -31.96 -28.20 -13.01
C ASN D 4 -30.78 -28.92 -12.35
N ILE D 5 -30.89 -29.17 -11.05
CA ILE D 5 -29.87 -29.95 -10.34
C ILE D 5 -30.25 -31.43 -10.24
N GLY D 6 -31.24 -31.89 -11.03
CA GLY D 6 -31.67 -33.26 -10.97
C GLY D 6 -32.57 -33.62 -9.81
N ILE D 7 -33.18 -32.62 -9.15
CA ILE D 7 -34.18 -32.83 -8.11
C ILE D 7 -35.36 -31.92 -8.41
N GLY D 8 -36.53 -32.53 -8.62
CA GLY D 8 -37.71 -31.75 -8.94
C GLY D 8 -38.12 -30.79 -7.84
N GLU D 9 -38.99 -29.84 -8.23
CA GLU D 9 -39.28 -28.69 -7.38
C GLU D 9 -40.00 -29.08 -6.09
N GLN D 10 -40.89 -30.07 -6.16
CA GLN D 10 -41.62 -30.44 -4.94
C GLN D 10 -40.72 -31.17 -3.97
N ASP D 11 -39.83 -32.01 -4.48
CA ASP D 11 -38.88 -32.70 -3.61
C ASP D 11 -37.94 -31.72 -2.90
N ARG D 12 -37.39 -30.75 -3.63
CA ARG D 12 -36.54 -29.73 -3.02
C ARG D 12 -37.30 -28.94 -1.96
N ALA D 13 -38.57 -28.60 -2.24
CA ALA D 13 -39.39 -27.91 -1.25
C ALA D 13 -39.47 -28.69 0.05
N ALA D 14 -39.61 -30.00 -0.04
CA ALA D 14 -39.76 -30.78 1.18
C ALA D 14 -38.43 -30.92 1.91
N ILE D 15 -37.34 -31.18 1.17
CA ILE D 15 -36.02 -31.18 1.83
C ILE D 15 -35.76 -29.81 2.43
N ALA D 16 -36.07 -28.75 1.70
CA ALA D 16 -35.90 -27.40 2.24
C ALA D 16 -36.63 -27.24 3.58
N GLU D 17 -37.83 -27.84 3.69
CA GLU D 17 -38.60 -27.76 4.93
C GLU D 17 -37.92 -28.53 6.05
N GLY D 18 -37.42 -29.74 5.78
CA GLY D 18 -36.66 -30.44 6.81
C GLY D 18 -35.49 -29.61 7.31
N LEU D 19 -34.71 -29.07 6.37
CA LEU D 19 -33.51 -28.32 6.74
C LEU D 19 -33.85 -27.05 7.49
N SER D 20 -35.00 -26.43 7.18
CA SER D 20 -35.46 -25.26 7.93
C SER D 20 -35.62 -25.58 9.40
N ARG D 21 -36.11 -26.78 9.71
CA ARG D 21 -36.23 -27.21 11.10
C ARG D 21 -34.86 -27.53 11.68
N LEU D 22 -34.02 -28.24 10.93
CA LEU D 22 -32.65 -28.40 11.37
C LEU D 22 -32.02 -27.05 11.69
N LEU D 23 -32.16 -26.09 10.77
CA LEU D 23 -31.58 -24.78 11.00
C LEU D 23 -32.14 -24.14 12.27
N ALA D 24 -33.47 -24.22 12.46
CA ALA D 24 -34.04 -23.59 13.64
C ALA D 24 -33.53 -24.23 14.91
N ASP D 25 -33.42 -25.56 14.92
CA ASP D 25 -32.88 -26.19 16.11
C ASP D 25 -31.41 -25.87 16.30
N THR D 26 -30.64 -25.83 15.20
CA THR D 26 -29.23 -25.49 15.30
C THR D 26 -29.06 -24.07 15.81
N TYR D 27 -29.82 -23.13 15.25
CA TYR D 27 -29.74 -21.73 15.72
C TYR D 27 -30.18 -21.61 17.19
N THR D 28 -31.30 -22.23 17.54
CA THR D 28 -31.74 -22.19 18.93
C THR D 28 -30.66 -22.74 19.85
N LEU D 29 -30.11 -23.91 19.51
CA LEU D 29 -29.02 -24.45 20.32
C LEU D 29 -27.85 -23.47 20.33
N TYR D 30 -27.62 -22.81 19.20
CA TYR D 30 -26.51 -21.86 19.10
C TYR D 30 -26.66 -20.75 20.13
N LEU D 31 -27.86 -20.16 20.17
CA LEU D 31 -28.07 -19.03 21.06
C LEU D 31 -28.12 -19.47 22.52
N LYS D 32 -28.57 -20.69 22.80
CA LYS D 32 -28.52 -21.17 24.16
C LYS D 32 -27.10 -21.41 24.63
N THR D 33 -26.28 -22.05 23.78
CA THR D 33 -24.88 -22.24 24.13
C THR D 33 -24.20 -20.90 24.34
N HIS D 34 -24.43 -19.97 23.43
CA HIS D 34 -23.93 -18.62 23.61
C HIS D 34 -24.39 -18.05 24.94
N ASN D 35 -25.69 -18.16 25.22
CA ASN D 35 -26.24 -17.65 26.47
C ASN D 35 -25.47 -18.20 27.66
N PHE D 36 -25.32 -19.54 27.70
CA PHE D 36 -24.63 -20.21 28.80
C PHE D 36 -23.16 -19.84 28.87
N HIS D 37 -22.52 -19.57 27.72
CA HIS D 37 -21.14 -19.11 27.73
C HIS D 37 -21.00 -17.81 28.53
N TRP D 38 -21.87 -16.83 28.26
CA TRP D 38 -21.84 -15.58 29.01
C TRP D 38 -22.14 -15.80 30.48
N ASN D 39 -23.11 -16.66 30.76
CA ASN D 39 -23.78 -16.63 32.06
C ASN D 39 -23.33 -17.70 33.04
N VAL D 40 -22.63 -18.74 32.60
CA VAL D 40 -22.16 -19.76 33.53
C VAL D 40 -21.29 -19.14 34.60
N THR D 41 -21.40 -19.70 35.82
CA THR D 41 -20.55 -19.34 36.95
C THR D 41 -20.26 -20.58 37.79
N GLY D 42 -19.44 -20.40 38.83
CA GLY D 42 -19.04 -21.47 39.70
C GLY D 42 -17.61 -21.88 39.44
N PRO D 43 -17.15 -22.91 40.15
CA PRO D 43 -15.73 -23.32 40.02
C PRO D 43 -15.39 -23.96 38.69
N MET D 44 -16.39 -24.31 37.90
CA MET D 44 -16.16 -24.79 36.54
C MET D 44 -16.21 -23.66 35.51
N PHE D 45 -16.20 -22.40 35.94
CA PHE D 45 -16.38 -21.29 34.99
C PHE D 45 -15.38 -21.35 33.85
N ASN D 46 -14.09 -21.49 34.18
CA ASN D 46 -13.06 -21.42 33.16
C ASN D 46 -13.24 -22.54 32.15
N THR D 47 -13.40 -23.76 32.64
CA THR D 47 -13.57 -24.90 31.75
C THR D 47 -14.82 -24.73 30.88
N LEU D 48 -15.94 -24.34 31.50
CA LEU D 48 -17.19 -24.26 30.73
C LEU D 48 -17.30 -22.98 29.92
N HIS D 49 -16.75 -21.87 30.41
CA HIS D 49 -16.72 -20.68 29.59
C HIS D 49 -16.02 -20.97 28.27
N LEU D 50 -14.92 -21.71 28.33
CA LEU D 50 -14.15 -22.02 27.13
C LEU D 50 -14.83 -23.12 26.31
N MET D 51 -15.33 -24.16 26.98
CA MET D 51 -16.02 -25.24 26.28
C MET D 51 -17.24 -24.74 25.52
N PHE D 52 -18.05 -23.89 26.16
CA PHE D 52 -19.24 -23.38 25.47
C PHE D 52 -18.86 -22.41 24.35
N GLU D 53 -17.72 -21.72 24.51
CA GLU D 53 -17.20 -20.89 23.43
C GLU D 53 -16.93 -21.70 22.16
N GLY D 54 -16.11 -22.76 22.29
CA GLY D 54 -15.86 -23.61 21.14
C GLY D 54 -17.14 -24.11 20.49
N GLN D 55 -18.17 -24.36 21.31
CA GLN D 55 -19.39 -24.93 20.77
C GLN D 55 -20.19 -23.91 19.96
N TYR D 56 -20.38 -22.69 20.50
CA TYR D 56 -21.16 -21.72 19.73
C TYR D 56 -20.38 -21.26 18.50
N THR D 57 -19.07 -21.09 18.63
CA THR D 57 -18.25 -20.81 17.45
C THR D 57 -18.51 -21.83 16.34
N GLU D 58 -18.48 -23.12 16.68
CA GLU D 58 -18.76 -24.16 15.69
C GLU D 58 -20.17 -24.03 15.15
N LEU D 59 -21.15 -23.82 16.03
CA LEU D 59 -22.54 -23.80 15.60
C LEU D 59 -22.84 -22.58 14.73
N ALA D 60 -22.17 -21.45 14.98
CA ALA D 60 -22.37 -20.31 14.11
C ALA D 60 -22.06 -20.66 12.66
N VAL D 61 -20.98 -21.39 12.45
CA VAL D 61 -20.64 -21.84 11.11
C VAL D 61 -21.66 -22.86 10.61
N ALA D 62 -22.11 -23.75 11.52
CA ALA D 62 -23.12 -24.73 11.13
C ALA D 62 -24.39 -24.04 10.61
N VAL D 63 -24.83 -22.98 11.30
CA VAL D 63 -26.06 -22.33 10.83
CA VAL D 63 -26.02 -22.24 10.86
C VAL D 63 -25.86 -21.79 9.41
N ASP D 64 -24.68 -21.21 9.11
CA ASP D 64 -24.43 -20.65 7.78
C ASP D 64 -24.41 -21.76 6.73
N ASP D 65 -23.76 -22.90 7.02
CA ASP D 65 -23.77 -24.01 6.07
C ASP D 65 -25.18 -24.54 5.82
N ILE D 66 -25.97 -24.73 6.88
CA ILE D 66 -27.31 -25.25 6.68
C ILE D 66 -28.13 -24.28 5.84
N ALA D 67 -28.07 -23.01 6.19
CA ALA D 67 -28.87 -22.04 5.47
C ALA D 67 -28.52 -22.01 3.98
N GLU D 68 -27.25 -22.20 3.64
CA GLU D 68 -26.86 -22.14 2.25
C GLU D 68 -27.21 -23.42 1.51
N ARG D 69 -27.32 -24.55 2.20
CA ARG D 69 -27.89 -25.72 1.54
C ARG D 69 -29.35 -25.44 1.14
N ILE D 70 -30.10 -24.76 2.01
CA ILE D 70 -31.47 -24.39 1.65
C ILE D 70 -31.45 -23.52 0.39
N ARG D 71 -30.53 -22.54 0.35
CA ARG D 71 -30.44 -21.68 -0.83
C ARG D 71 -30.08 -22.49 -2.08
N ALA D 72 -29.17 -23.46 -1.95
CA ALA D 72 -28.82 -24.30 -3.11
C ALA D 72 -30.03 -25.07 -3.66
N LEU D 73 -31.01 -25.36 -2.81
CA LEU D 73 -32.22 -26.10 -3.21
C LEU D 73 -33.28 -25.19 -3.81
N GLY D 74 -33.07 -23.89 -3.77
CA GLY D 74 -33.94 -22.94 -4.41
C GLY D 74 -34.92 -22.25 -3.49
N PHE D 75 -34.63 -22.17 -2.19
CA PHE D 75 -35.64 -21.68 -1.26
C PHE D 75 -35.05 -20.69 -0.28
N PRO D 76 -35.86 -19.72 0.17
CA PRO D 76 -35.36 -18.75 1.14
C PRO D 76 -34.99 -19.45 2.43
N ALA D 77 -33.97 -18.93 3.07
CA ALA D 77 -33.54 -19.48 4.35
C ALA D 77 -34.20 -18.70 5.46
N PRO D 78 -35.02 -19.32 6.32
CA PRO D 78 -35.59 -18.59 7.44
C PRO D 78 -34.50 -17.99 8.28
N GLY D 79 -34.83 -16.92 8.99
CA GLY D 79 -33.88 -16.24 9.85
C GLY D 79 -34.47 -15.05 10.58
N THR D 80 -35.48 -15.33 11.42
CA THR D 80 -36.04 -14.39 12.37
C THR D 80 -36.37 -15.13 13.66
N TYR D 81 -36.50 -14.38 14.75
CA TYR D 81 -36.92 -14.98 16.00
C TYR D 81 -38.21 -15.78 15.81
N ALA D 82 -39.17 -15.22 15.07
CA ALA D 82 -40.46 -15.87 14.93
C ALA D 82 -40.38 -17.13 14.10
N ALA D 83 -39.66 -17.11 12.98
CA ALA D 83 -39.50 -18.34 12.21
C ALA D 83 -38.81 -19.41 13.05
N TYR D 84 -37.79 -19.04 13.84
CA TYR D 84 -37.02 -20.07 14.52
C TYR D 84 -37.81 -20.68 15.67
N ALA D 85 -38.54 -19.85 16.44
CA ALA D 85 -39.37 -20.38 17.52
C ALA D 85 -40.47 -21.28 16.97
N ARG D 86 -41.08 -20.90 15.85
CA ARG D 86 -42.08 -21.77 15.23
C ARG D 86 -41.48 -23.09 14.76
N LEU D 87 -40.30 -23.06 14.13
CA LEU D 87 -39.72 -24.21 13.47
C LEU D 87 -38.89 -25.06 14.43
N SER D 88 -38.48 -24.48 15.54
CA SER D 88 -37.65 -25.13 16.52
C SER D 88 -38.43 -26.20 17.27
N SER D 89 -37.76 -27.30 17.60
CA SER D 89 -38.27 -28.26 18.57
C SER D 89 -37.55 -28.17 19.91
N ILE D 90 -36.43 -27.44 19.98
CA ILE D 90 -35.72 -27.21 21.23
C ILE D 90 -36.35 -26.01 21.92
N LYS D 91 -36.54 -26.12 23.22
CA LYS D 91 -37.07 -25.02 24.00
C LYS D 91 -35.92 -24.25 24.63
N GLU D 92 -36.08 -22.92 24.70
CA GLU D 92 -35.05 -22.07 25.29
C GLU D 92 -35.22 -21.98 26.80
N GLU D 93 -34.14 -21.51 27.43
CA GLU D 93 -34.02 -21.33 28.86
C GLU D 93 -34.00 -19.83 29.14
N GLU D 94 -35.05 -19.32 29.81
CA GLU D 94 -35.19 -17.89 30.06
C GLU D 94 -34.47 -17.44 31.31
N GLY D 95 -33.99 -18.37 32.11
CA GLY D 95 -33.38 -18.00 33.37
C GLY D 95 -31.90 -18.26 33.32
N VAL D 96 -31.31 -18.55 34.49
CA VAL D 96 -29.89 -18.81 34.62
C VAL D 96 -29.65 -20.07 35.43
N PRO D 97 -29.65 -21.23 34.80
CA PRO D 97 -29.49 -22.46 35.57
C PRO D 97 -28.10 -22.56 36.18
N GLU D 98 -27.99 -23.41 37.20
CA GLU D 98 -26.71 -23.89 37.71
C GLU D 98 -25.92 -24.62 36.60
N ALA D 99 -24.60 -24.65 36.79
CA ALA D 99 -23.70 -25.22 35.77
C ALA D 99 -24.13 -26.63 35.34
N GLU D 100 -24.35 -27.53 36.31
CA GLU D 100 -24.71 -28.90 35.95
C GLU D 100 -25.95 -28.94 35.08
N GLU D 101 -26.89 -28.03 35.30
CA GLU D 101 -28.12 -28.04 34.51
C GLU D 101 -27.88 -27.48 33.12
N MET D 102 -26.96 -26.51 33.01
CA MET D 102 -26.54 -26.03 31.70
C MET D 102 -25.98 -27.17 30.86
N ILE D 103 -25.11 -27.98 31.48
CA ILE D 103 -24.52 -29.12 30.79
C ILE D 103 -25.61 -30.07 30.33
N ARG D 104 -26.57 -30.37 31.22
CA ARG D 104 -27.60 -31.35 30.86
C ARG D 104 -28.45 -30.84 29.71
N GLN D 105 -28.82 -29.56 29.74
CA GLN D 105 -29.62 -29.00 28.65
C GLN D 105 -28.87 -29.03 27.33
N LEU D 106 -27.55 -28.84 27.37
CA LEU D 106 -26.78 -28.79 26.14
C LEU D 106 -26.64 -30.19 25.55
N VAL D 107 -26.35 -31.18 26.40
CA VAL D 107 -26.45 -32.58 25.99
C VAL D 107 -27.76 -32.83 25.28
N GLN D 108 -28.88 -32.58 25.99
CA GLN D 108 -30.21 -32.78 25.40
C GLN D 108 -30.35 -32.00 24.11
N GLY D 109 -29.79 -30.80 24.05
CA GLY D 109 -29.83 -30.03 22.82
C GLY D 109 -29.12 -30.74 21.69
N GLN D 110 -27.97 -31.37 21.97
CA GLN D 110 -27.28 -32.12 20.94
C GLN D 110 -28.17 -33.25 20.43
N GLU D 111 -28.86 -33.94 21.35
CA GLU D 111 -29.65 -35.09 20.94
C GLU D 111 -30.91 -34.66 20.20
N ALA D 112 -31.45 -33.48 20.52
CA ALA D 112 -32.58 -32.95 19.78
C ALA D 112 -32.19 -32.64 18.32
N VAL D 113 -31.02 -32.04 18.09
CA VAL D 113 -30.60 -31.80 16.71
C VAL D 113 -30.44 -33.14 15.98
N VAL D 114 -29.77 -34.10 16.61
CA VAL D 114 -29.62 -35.41 15.99
C VAL D 114 -30.99 -35.97 15.60
N ARG D 115 -32.00 -35.80 16.47
CA ARG D 115 -33.35 -36.23 16.15
C ARG D 115 -33.90 -35.49 14.95
N THR D 116 -33.79 -34.16 14.93
CA THR D 116 -34.31 -33.46 13.76
C THR D 116 -33.57 -33.91 12.50
N ALA D 117 -32.28 -34.24 12.63
CA ALA D 117 -31.53 -34.71 11.46
C ALA D 117 -32.08 -36.04 10.96
N ARG D 118 -32.20 -37.03 11.86
CA ARG D 118 -32.77 -38.31 11.44
C ARG D 118 -34.15 -38.14 10.80
N SER D 119 -34.95 -37.20 11.31
CA SER D 119 -36.26 -36.95 10.72
C SER D 119 -36.18 -36.67 9.23
N ILE D 120 -35.01 -36.31 8.71
CA ILE D 120 -34.94 -35.77 7.36
C ILE D 120 -34.53 -36.83 6.34
N PHE D 121 -33.77 -37.83 6.77
CA PHE D 121 -33.22 -38.78 5.81
C PHE D 121 -34.28 -39.41 4.93
N PRO D 122 -35.49 -39.71 5.42
CA PRO D 122 -36.52 -40.26 4.52
C PRO D 122 -36.77 -39.43 3.26
N LEU D 123 -36.87 -38.10 3.38
CA LEU D 123 -37.08 -37.29 2.18
C LEU D 123 -35.92 -37.42 1.18
N LEU D 124 -34.76 -37.88 1.63
CA LEU D 124 -33.62 -37.92 0.72
C LEU D 124 -33.52 -39.25 -0.02
N ASP D 125 -33.94 -40.34 0.61
CA ASP D 125 -33.89 -41.65 -0.04
C ASP D 125 -34.50 -41.60 -1.44
N LYS D 126 -35.65 -40.95 -1.58
CA LYS D 126 -36.40 -40.98 -2.83
C LYS D 126 -35.63 -40.37 -3.99
N VAL D 127 -34.89 -39.29 -3.74
CA VAL D 127 -34.27 -38.50 -4.82
C VAL D 127 -32.76 -38.56 -4.82
N SER D 128 -32.14 -39.26 -3.87
CA SER D 128 -30.69 -39.34 -3.82
C SER D 128 -30.07 -37.95 -3.77
N ASP D 129 -30.52 -37.14 -2.79
CA ASP D 129 -29.91 -35.86 -2.48
C ASP D 129 -28.75 -36.10 -1.53
N GLU D 130 -27.62 -36.50 -2.11
CA GLU D 130 -26.46 -36.90 -1.34
C GLU D 130 -25.77 -35.73 -0.63
N PRO D 131 -25.68 -34.55 -1.24
CA PRO D 131 -25.14 -33.39 -0.50
C PRO D 131 -25.83 -33.13 0.83
N THR D 132 -27.18 -33.14 0.82
CA THR D 132 -27.92 -32.93 2.07
C THR D 132 -27.66 -34.06 3.04
N ALA D 133 -27.57 -35.29 2.54
CA ALA D 133 -27.30 -36.42 3.44
C ALA D 133 -25.93 -36.30 4.08
N ASP D 134 -24.96 -35.75 3.35
CA ASP D 134 -23.65 -35.56 3.96
C ASP D 134 -23.69 -34.45 4.99
N LEU D 135 -24.39 -33.35 4.68
CA LEU D 135 -24.61 -32.29 5.66
C LEU D 135 -25.20 -32.83 6.96
N LEU D 136 -26.26 -33.65 6.88
CA LEU D 136 -26.85 -34.22 8.10
C LEU D 136 -25.85 -35.11 8.82
N THR D 137 -25.12 -35.93 8.07
CA THR D 137 -24.13 -36.81 8.71
C THR D 137 -23.09 -36.00 9.47
N GLN D 138 -22.64 -34.88 8.91
CA GLN D 138 -21.62 -34.09 9.61
C GLN D 138 -22.19 -33.49 10.89
N ARG D 139 -23.44 -33.00 10.83
CA ARG D 139 -24.05 -32.43 12.03
C ARG D 139 -24.25 -33.51 13.08
N MET D 140 -24.78 -34.66 12.67
CA MET D 140 -24.90 -35.77 13.60
C MET D 140 -23.55 -36.12 14.21
N GLN D 141 -22.49 -36.10 13.41
CA GLN D 141 -21.18 -36.46 13.97
C GLN D 141 -20.72 -35.43 14.99
N VAL D 142 -20.89 -34.14 14.69
CA VAL D 142 -20.49 -33.08 15.63
C VAL D 142 -21.28 -33.16 16.92
N HIS D 143 -22.62 -33.33 16.83
CA HIS D 143 -23.44 -33.30 18.04
C HIS D 143 -23.24 -34.57 18.89
N GLU D 144 -23.05 -35.72 18.25
CA GLU D 144 -22.78 -36.92 19.02
C GLU D 144 -21.43 -36.82 19.71
N LYS D 145 -20.42 -36.28 19.04
CA LYS D 145 -19.15 -36.05 19.71
C LYS D 145 -19.31 -35.07 20.86
N THR D 146 -19.96 -33.93 20.62
CA THR D 146 -20.08 -32.94 21.68
C THR D 146 -20.88 -33.50 22.86
N ALA D 147 -21.89 -34.33 22.58
CA ALA D 147 -22.67 -34.94 23.66
C ALA D 147 -21.78 -35.77 24.57
N TRP D 148 -20.87 -36.55 23.98
CA TRP D 148 -19.90 -37.33 24.76
C TRP D 148 -19.06 -36.43 25.65
N MET D 149 -18.55 -35.35 25.09
CA MET D 149 -17.68 -34.46 25.87
C MET D 149 -18.46 -33.80 27.00
N LEU D 150 -19.68 -33.35 26.73
CA LEU D 150 -20.49 -32.73 27.77
C LEU D 150 -20.88 -33.75 28.84
N ARG D 151 -21.45 -34.89 28.44
CA ARG D 151 -21.91 -35.87 29.42
CA ARG D 151 -21.92 -35.83 29.45
C ARG D 151 -20.75 -36.42 30.24
N SER D 152 -19.55 -36.40 29.67
CA SER D 152 -18.39 -36.88 30.43
C SER D 152 -18.17 -36.06 31.70
N LEU D 153 -18.53 -34.77 31.69
CA LEU D 153 -18.32 -33.93 32.86
C LEU D 153 -19.20 -34.33 34.06
N LEU D 154 -20.29 -35.07 33.83
CA LEU D 154 -21.25 -35.46 34.84
C LEU D 154 -20.98 -36.81 35.48
N ALA D 155 -19.99 -37.56 34.98
CA ALA D 155 -19.76 -38.93 35.44
C ALA D 155 -19.24 -38.96 36.88
N MET E 1 -25.36 -39.77 32.84
CA MET E 1 -26.50 -39.34 31.97
C MET E 1 -26.76 -40.34 30.83
N GLU E 2 -28.01 -40.75 30.65
CA GLU E 2 -28.31 -41.72 29.60
C GLU E 2 -27.98 -41.14 28.22
N ILE E 3 -27.65 -42.04 27.32
CA ILE E 3 -27.29 -41.71 25.94
C ILE E 3 -28.49 -41.97 25.06
N ASN E 4 -29.00 -40.92 24.38
CA ASN E 4 -30.18 -41.05 23.49
C ASN E 4 -29.86 -40.46 22.13
N ILE E 5 -29.05 -41.20 21.37
CA ILE E 5 -28.61 -40.74 20.06
C ILE E 5 -29.25 -41.55 18.98
N GLY E 6 -30.25 -42.36 19.32
CA GLY E 6 -31.01 -43.10 18.34
C GLY E 6 -30.45 -44.47 18.04
N ILE E 7 -29.53 -44.96 18.87
CA ILE E 7 -28.93 -46.28 18.71
C ILE E 7 -28.85 -46.89 20.08
N GLY E 8 -29.40 -48.10 20.22
CA GLY E 8 -29.46 -48.74 21.52
C GLY E 8 -28.10 -49.21 21.97
N GLU E 9 -28.03 -49.59 23.25
CA GLU E 9 -26.75 -49.86 23.88
C GLU E 9 -26.05 -51.08 23.28
N GLN E 10 -26.79 -52.16 22.99
CA GLN E 10 -26.11 -53.30 22.41
C GLN E 10 -25.77 -53.06 20.96
N ASP E 11 -26.60 -52.33 20.22
CA ASP E 11 -26.19 -51.96 18.88
C ASP E 11 -24.94 -51.10 18.91
N ARG E 12 -24.84 -50.18 19.87
CA ARG E 12 -23.66 -49.34 19.96
C ARG E 12 -22.45 -50.17 20.35
N ALA E 13 -22.65 -51.11 21.27
CA ALA E 13 -21.58 -52.02 21.65
C ALA E 13 -21.02 -52.74 20.43
N ALA E 14 -21.89 -53.12 19.49
CA ALA E 14 -21.44 -53.88 18.32
C ALA E 14 -20.63 -53.01 17.38
N ILE E 15 -21.10 -51.78 17.15
CA ILE E 15 -20.32 -50.83 16.36
C ILE E 15 -18.99 -50.55 17.04
N ALA E 16 -18.99 -50.44 18.37
CA ALA E 16 -17.73 -50.21 19.08
C ALA E 16 -16.77 -51.38 18.90
N GLU E 17 -17.30 -52.60 18.78
CA GLU E 17 -16.41 -53.74 18.60
C GLU E 17 -15.74 -53.67 17.24
N GLY E 18 -16.48 -53.31 16.21
CA GLY E 18 -15.88 -53.19 14.89
C GLY E 18 -14.88 -52.05 14.83
N LEU E 19 -15.24 -50.91 15.41
CA LEU E 19 -14.32 -49.78 15.46
C LEU E 19 -13.08 -50.10 16.28
N SER E 20 -13.19 -50.98 17.27
CA SER E 20 -12.02 -51.31 18.07
C SER E 20 -11.02 -52.14 17.28
N ARG E 21 -11.51 -53.05 16.42
CA ARG E 21 -10.59 -53.73 15.52
C ARG E 21 -10.01 -52.74 14.50
N LEU E 22 -10.85 -51.88 13.91
CA LEU E 22 -10.33 -50.87 13.01
C LEU E 22 -9.23 -50.05 13.69
N LEU E 23 -9.45 -49.66 14.94
CA LEU E 23 -8.47 -48.88 15.67
C LEU E 23 -7.19 -49.69 15.89
N ALA E 24 -7.32 -50.98 16.17
CA ALA E 24 -6.11 -51.78 16.40
C ALA E 24 -5.33 -51.96 15.09
N ASP E 25 -6.03 -52.14 13.97
CA ASP E 25 -5.34 -52.23 12.69
C ASP E 25 -4.68 -50.90 12.32
N THR E 26 -5.41 -49.79 12.49
CA THR E 26 -4.88 -48.47 12.18
C THR E 26 -3.67 -48.18 13.05
N TYR E 27 -3.73 -48.53 14.33
CA TYR E 27 -2.62 -48.26 15.21
C TYR E 27 -1.43 -49.16 14.92
N THR E 28 -1.65 -50.44 14.66
CA THR E 28 -0.52 -51.29 14.28
C THR E 28 0.12 -50.77 12.99
N LEU E 29 -0.68 -50.39 12.02
CA LEU E 29 -0.13 -49.82 10.80
C LEU E 29 0.62 -48.52 11.09
N TYR E 30 0.12 -47.72 12.03
CA TYR E 30 0.80 -46.49 12.41
C TYR E 30 2.18 -46.78 12.94
N LEU E 31 2.29 -47.71 13.89
CA LEU E 31 3.60 -48.03 14.46
C LEU E 31 4.53 -48.66 13.43
N LYS E 32 4.00 -49.52 12.56
CA LYS E 32 4.88 -50.13 11.55
C LYS E 32 5.39 -49.06 10.59
N THR E 33 4.50 -48.18 10.12
CA THR E 33 4.92 -47.07 9.30
C THR E 33 5.98 -46.22 10.01
N HIS E 34 5.80 -45.96 11.30
CA HIS E 34 6.77 -45.19 12.07
C HIS E 34 8.11 -45.92 12.13
N ASN E 35 8.05 -47.21 12.40
CA ASN E 35 9.22 -48.08 12.41
C ASN E 35 10.00 -47.99 11.09
N PHE E 36 9.31 -48.17 9.98
CA PHE E 36 9.96 -48.15 8.69
C PHE E 36 10.58 -46.79 8.38
N HIS E 37 9.88 -45.71 8.74
CA HIS E 37 10.43 -44.37 8.62
C HIS E 37 11.82 -44.28 9.25
N TRP E 38 11.95 -44.73 10.50
CA TRP E 38 13.25 -44.68 11.17
C TRP E 38 14.29 -45.57 10.52
N ASN E 39 13.88 -46.72 9.98
CA ASN E 39 14.81 -47.82 9.77
C ASN E 39 15.15 -48.10 8.31
N VAL E 40 14.41 -47.50 7.36
CA VAL E 40 14.66 -47.73 5.93
C VAL E 40 16.02 -47.15 5.55
N THR E 41 16.70 -47.84 4.64
CA THR E 41 17.97 -47.41 4.09
C THR E 41 18.03 -47.72 2.59
N GLY E 42 19.15 -47.38 1.97
CA GLY E 42 19.31 -47.51 0.54
C GLY E 42 19.09 -46.22 -0.21
N PRO E 43 19.23 -46.28 -1.54
CA PRO E 43 19.13 -45.05 -2.35
C PRO E 43 17.78 -44.39 -2.26
N MET E 44 16.78 -45.10 -1.79
CA MET E 44 15.46 -44.51 -1.67
C MET E 44 15.23 -43.95 -0.28
N PHE E 45 16.28 -43.81 0.53
CA PHE E 45 16.11 -43.34 1.89
C PHE E 45 15.34 -42.03 1.92
N ASN E 46 15.83 -41.00 1.23
CA ASN E 46 15.23 -39.67 1.33
C ASN E 46 13.76 -39.70 0.96
N THR E 47 13.44 -40.38 -0.13
CA THR E 47 12.07 -40.35 -0.61
C THR E 47 11.15 -41.17 0.31
N LEU E 48 11.62 -42.33 0.79
CA LEU E 48 10.76 -43.15 1.66
C LEU E 48 10.72 -42.64 3.09
N HIS E 49 11.83 -42.11 3.60
CA HIS E 49 11.84 -41.49 4.92
C HIS E 49 10.75 -40.43 5.00
N LEU E 50 10.62 -39.67 3.92
CA LEU E 50 9.67 -38.57 3.86
C LEU E 50 8.26 -39.08 3.68
N MET E 51 8.10 -40.05 2.79
CA MET E 51 6.79 -40.60 2.48
C MET E 51 6.20 -41.29 3.70
N PHE E 52 7.00 -42.12 4.38
CA PHE E 52 6.51 -42.81 5.57
C PHE E 52 6.22 -41.82 6.69
N GLU E 53 6.86 -40.65 6.66
CA GLU E 53 6.57 -39.64 7.68
C GLU E 53 5.23 -38.98 7.40
N GLY E 54 4.94 -38.67 6.14
CA GLY E 54 3.60 -38.22 5.81
C GLY E 54 2.56 -39.22 6.26
N GLN E 55 2.79 -40.50 5.98
CA GLN E 55 1.82 -41.53 6.35
C GLN E 55 1.67 -41.63 7.86
N TYR E 56 2.78 -41.78 8.61
CA TYR E 56 2.59 -42.00 10.05
C TYR E 56 1.98 -40.77 10.72
N THR E 57 2.20 -39.58 10.16
CA THR E 57 1.62 -38.36 10.73
C THR E 57 0.11 -38.35 10.51
N GLU E 58 -0.32 -38.70 9.29
CA GLU E 58 -1.74 -38.85 8.96
C GLU E 58 -2.41 -39.86 9.88
N LEU E 59 -1.72 -40.97 10.17
CA LEU E 59 -2.30 -42.07 10.94
C LEU E 59 -2.40 -41.75 12.44
N ALA E 60 -1.50 -40.93 12.97
CA ALA E 60 -1.66 -40.50 14.35
C ALA E 60 -2.97 -39.76 14.54
N VAL E 61 -3.37 -38.97 13.56
CA VAL E 61 -4.66 -38.27 13.66
C VAL E 61 -5.80 -39.26 13.51
N ALA E 62 -5.68 -40.20 12.57
CA ALA E 62 -6.72 -41.22 12.37
C ALA E 62 -7.00 -42.01 13.65
N VAL E 63 -5.95 -42.41 14.37
CA VAL E 63 -6.13 -43.17 15.60
CA VAL E 63 -6.19 -43.20 15.58
C VAL E 63 -6.98 -42.38 16.59
N ASP E 64 -6.68 -41.09 16.70
CA ASP E 64 -7.44 -40.23 17.62
C ASP E 64 -8.89 -40.06 17.13
N ASP E 65 -9.11 -39.98 15.82
CA ASP E 65 -10.48 -39.83 15.32
C ASP E 65 -11.30 -41.11 15.53
N ILE E 66 -10.70 -42.27 15.29
CA ILE E 66 -11.44 -43.51 15.46
C ILE E 66 -11.79 -43.69 16.92
N ALA E 67 -10.80 -43.47 17.79
CA ALA E 67 -10.98 -43.70 19.22
C ALA E 67 -12.06 -42.81 19.81
N GLU E 68 -12.16 -41.58 19.31
CA GLU E 68 -13.18 -40.68 19.85
C GLU E 68 -14.54 -40.94 19.27
N ARG E 69 -14.64 -41.64 18.13
CA ARG E 69 -15.94 -42.14 17.71
C ARG E 69 -16.43 -43.26 18.63
N ILE E 70 -15.52 -44.12 19.09
CA ILE E 70 -15.91 -45.13 20.06
C ILE E 70 -16.45 -44.47 21.33
N ARG E 71 -15.77 -43.42 21.80
CA ARG E 71 -16.26 -42.71 22.98
C ARG E 71 -17.62 -42.08 22.73
N ALA E 72 -17.80 -41.46 21.57
CA ALA E 72 -19.08 -40.91 21.21
C ALA E 72 -20.20 -41.93 21.30
N LEU E 73 -19.88 -43.21 21.06
CA LEU E 73 -20.87 -44.28 21.11
C LEU E 73 -21.07 -44.83 22.51
N GLY E 74 -20.26 -44.39 23.46
CA GLY E 74 -20.47 -44.72 24.85
C GLY E 74 -19.59 -45.80 25.39
N PHE E 75 -18.43 -46.04 24.78
CA PHE E 75 -17.61 -47.19 25.12
C PHE E 75 -16.15 -46.79 25.23
N PRO E 76 -15.39 -47.51 26.07
CA PRO E 76 -13.98 -47.14 26.27
C PRO E 76 -13.16 -47.47 25.04
N ALA E 77 -12.13 -46.67 24.81
CA ALA E 77 -11.33 -46.91 23.61
C ALA E 77 -10.13 -47.73 24.01
N PRO E 78 -9.87 -48.87 23.38
CA PRO E 78 -8.69 -49.64 23.76
C PRO E 78 -7.43 -48.90 23.39
N GLY E 79 -6.39 -49.09 24.21
CA GLY E 79 -5.16 -48.37 24.05
C GLY E 79 -4.01 -48.98 24.83
N THR E 80 -3.69 -50.25 24.56
CA THR E 80 -2.56 -50.94 25.16
C THR E 80 -1.97 -51.89 24.13
N TYR E 81 -0.69 -52.22 24.32
CA TYR E 81 -0.04 -53.22 23.46
C TYR E 81 -0.84 -54.51 23.41
N ALA E 82 -1.27 -54.99 24.58
CA ALA E 82 -2.01 -56.25 24.63
C ALA E 82 -3.36 -56.14 23.90
N ALA E 83 -4.09 -55.05 24.14
CA ALA E 83 -5.37 -54.88 23.45
C ALA E 83 -5.19 -54.87 21.94
N TYR E 84 -4.22 -54.13 21.44
CA TYR E 84 -4.07 -53.98 19.99
C TYR E 84 -3.51 -55.25 19.38
N ALA E 85 -2.61 -55.94 20.09
CA ALA E 85 -2.11 -57.22 19.60
C ALA E 85 -3.23 -58.21 19.45
N ARG E 86 -4.16 -58.21 20.40
CA ARG E 86 -5.29 -59.13 20.37
C ARG E 86 -6.26 -58.81 19.23
N LEU E 87 -6.55 -57.54 18.99
CA LEU E 87 -7.56 -57.13 18.03
C LEU E 87 -7.04 -56.97 16.61
N SER E 88 -5.73 -56.83 16.43
CA SER E 88 -5.16 -56.48 15.14
C SER E 88 -5.11 -57.69 14.22
N SER E 89 -5.49 -57.47 12.97
CA SER E 89 -5.33 -58.46 11.91
C SER E 89 -4.03 -58.27 11.15
N ILE E 90 -3.29 -57.20 11.43
CA ILE E 90 -2.08 -56.89 10.69
C ILE E 90 -0.89 -57.54 11.38
N LYS E 91 -0.05 -58.17 10.61
CA LYS E 91 1.10 -58.86 11.17
C LYS E 91 2.22 -57.87 11.40
N GLU E 92 3.00 -58.09 12.45
CA GLU E 92 4.06 -57.15 12.75
C GLU E 92 5.37 -57.64 12.17
N GLU E 93 6.26 -56.69 11.94
CA GLU E 93 7.59 -56.94 11.39
C GLU E 93 8.56 -56.63 12.51
N GLU E 94 9.21 -57.67 13.04
CA GLU E 94 10.16 -57.52 14.13
C GLU E 94 11.59 -57.23 13.64
N GLY E 95 11.84 -57.29 12.34
CA GLY E 95 13.19 -57.06 11.86
C GLY E 95 13.30 -55.81 11.01
N VAL E 96 14.26 -55.82 10.09
CA VAL E 96 14.46 -54.67 9.20
C VAL E 96 14.44 -55.13 7.75
N PRO E 97 13.27 -55.17 7.09
CA PRO E 97 13.23 -55.58 5.68
C PRO E 97 13.96 -54.60 4.76
N GLU E 98 14.36 -55.12 3.60
CA GLU E 98 14.76 -54.26 2.50
C GLU E 98 13.67 -53.25 2.17
N ALA E 99 14.06 -52.12 1.57
CA ALA E 99 13.11 -51.07 1.31
C ALA E 99 11.89 -51.60 0.58
N GLU E 100 12.12 -52.40 -0.46
CA GLU E 100 11.02 -52.85 -1.30
C GLU E 100 10.05 -53.73 -0.51
N GLU E 101 10.57 -54.51 0.44
CA GLU E 101 9.68 -55.30 1.28
C GLU E 101 8.91 -54.40 2.23
N MET E 102 9.53 -53.30 2.70
CA MET E 102 8.78 -52.30 3.47
C MET E 102 7.62 -51.73 2.65
N ILE E 103 7.89 -51.30 1.41
CA ILE E 103 6.81 -50.74 0.59
C ILE E 103 5.69 -51.76 0.44
N ARG E 104 6.07 -53.02 0.19
CA ARG E 104 5.09 -54.07 -0.02
C ARG E 104 4.30 -54.37 1.26
N GLN E 105 4.95 -54.47 2.40
CA GLN E 105 4.18 -54.67 3.62
C GLN E 105 3.19 -53.54 3.86
N LEU E 106 3.59 -52.29 3.60
CA LEU E 106 2.71 -51.15 3.84
C LEU E 106 1.54 -51.11 2.85
N VAL E 107 1.75 -51.54 1.61
CA VAL E 107 0.61 -51.66 0.70
C VAL E 107 -0.43 -52.63 1.29
N GLN E 108 0.04 -53.75 1.84
CA GLN E 108 -0.86 -54.75 2.40
C GLN E 108 -1.48 -54.26 3.69
N GLY E 109 -0.75 -53.43 4.44
CA GLY E 109 -1.35 -52.73 5.57
C GLY E 109 -2.53 -51.87 5.15
N GLN E 110 -2.35 -51.06 4.10
CA GLN E 110 -3.47 -50.26 3.64
C GLN E 110 -4.66 -51.15 3.32
N GLU E 111 -4.41 -52.26 2.61
CA GLU E 111 -5.52 -53.08 2.11
C GLU E 111 -6.17 -53.84 3.25
N ALA E 112 -5.41 -54.13 4.31
CA ALA E 112 -5.94 -54.78 5.50
C ALA E 112 -6.93 -53.88 6.22
N VAL E 113 -6.59 -52.61 6.40
CA VAL E 113 -7.49 -51.70 7.07
C VAL E 113 -8.76 -51.50 6.26
N VAL E 114 -8.63 -51.40 4.93
CA VAL E 114 -9.81 -51.27 4.09
C VAL E 114 -10.72 -52.47 4.27
N ARG E 115 -10.13 -53.66 4.39
CA ARG E 115 -10.88 -54.89 4.61
C ARG E 115 -11.65 -54.82 5.92
N THR E 116 -10.96 -54.42 6.99
CA THR E 116 -11.62 -54.31 8.28
C THR E 116 -12.75 -53.31 8.24
N ALA E 117 -12.56 -52.20 7.54
CA ALA E 117 -13.61 -51.20 7.46
C ALA E 117 -14.82 -51.71 6.68
N ARG E 118 -14.56 -52.40 5.56
CA ARG E 118 -15.67 -52.92 4.75
C ARG E 118 -16.55 -53.85 5.57
N SER E 119 -15.94 -54.61 6.48
CA SER E 119 -16.66 -55.60 7.28
C SER E 119 -17.70 -54.98 8.19
N ILE E 120 -17.76 -53.66 8.30
CA ILE E 120 -18.54 -53.01 9.33
C ILE E 120 -19.81 -52.36 8.79
N PHE E 121 -19.82 -51.98 7.51
CA PHE E 121 -20.95 -51.30 6.87
C PHE E 121 -22.25 -52.10 6.97
N PRO E 122 -22.23 -53.45 6.95
CA PRO E 122 -23.46 -54.20 7.21
C PRO E 122 -24.16 -53.71 8.48
N LEU E 123 -23.43 -53.76 9.59
CA LEU E 123 -23.97 -53.34 10.86
C LEU E 123 -24.50 -51.91 10.80
N LEU E 124 -23.65 -50.97 10.39
CA LEU E 124 -24.10 -49.58 10.33
C LEU E 124 -25.33 -49.45 9.46
N ASP E 125 -25.46 -50.30 8.45
CA ASP E 125 -26.67 -50.35 7.63
C ASP E 125 -27.88 -50.67 8.50
N LYS E 126 -27.84 -51.83 9.16
CA LYS E 126 -28.95 -52.27 10.00
C LYS E 126 -29.36 -51.20 11.00
N VAL E 127 -28.39 -50.57 11.67
CA VAL E 127 -28.70 -49.67 12.79
C VAL E 127 -28.59 -48.19 12.41
N SER E 128 -28.46 -47.88 11.12
CA SER E 128 -28.36 -46.52 10.59
C SER E 128 -27.50 -45.60 11.47
N ASP E 129 -26.20 -45.80 11.40
CA ASP E 129 -25.22 -44.99 12.09
C ASP E 129 -24.43 -44.30 10.99
N GLU E 130 -24.80 -43.08 10.68
CA GLU E 130 -24.29 -42.38 9.51
C GLU E 130 -22.94 -41.74 9.80
N PRO E 131 -22.70 -41.20 11.01
CA PRO E 131 -21.34 -40.76 11.34
C PRO E 131 -20.30 -41.85 11.17
N THR E 132 -20.54 -43.04 11.74
CA THR E 132 -19.52 -44.08 11.66
C THR E 132 -19.28 -44.50 10.22
N ALA E 133 -20.33 -44.51 9.41
CA ALA E 133 -20.16 -44.85 8.01
C ALA E 133 -19.28 -43.84 7.30
N ASP E 134 -19.47 -42.55 7.62
CA ASP E 134 -18.62 -41.53 7.02
C ASP E 134 -17.17 -41.71 7.43
N LEU E 135 -16.93 -42.01 8.72
CA LEU E 135 -15.57 -42.24 9.18
C LEU E 135 -14.92 -43.41 8.44
N LEU E 136 -15.62 -44.53 8.31
CA LEU E 136 -15.06 -45.63 7.53
C LEU E 136 -14.77 -45.19 6.10
N THR E 137 -15.71 -44.46 5.49
CA THR E 137 -15.52 -43.99 4.11
C THR E 137 -14.25 -43.15 3.98
N GLN E 138 -13.99 -42.26 4.94
CA GLN E 138 -12.80 -41.42 4.88
C GLN E 138 -11.53 -42.24 5.06
N ARG E 139 -11.56 -43.25 5.93
CA ARG E 139 -10.37 -44.07 6.09
C ARG E 139 -10.08 -44.87 4.82
N MET E 140 -11.11 -45.38 4.16
CA MET E 140 -10.91 -46.15 2.93
C MET E 140 -10.33 -45.26 1.84
N GLN E 141 -10.83 -44.04 1.71
CA GLN E 141 -10.31 -43.13 0.70
C GLN E 141 -8.83 -42.86 0.91
N VAL E 142 -8.43 -42.72 2.18
CA VAL E 142 -7.03 -42.44 2.51
C VAL E 142 -6.14 -43.63 2.19
N HIS E 143 -6.54 -44.80 2.67
CA HIS E 143 -5.71 -45.99 2.50
C HIS E 143 -5.65 -46.39 1.04
N GLU E 144 -6.73 -46.22 0.30
CA GLU E 144 -6.70 -46.58 -1.11
C GLU E 144 -5.80 -45.63 -1.89
N LYS E 145 -5.81 -44.34 -1.55
CA LYS E 145 -4.90 -43.42 -2.20
C LYS E 145 -3.46 -43.76 -1.87
N THR E 146 -3.18 -43.94 -0.57
CA THR E 146 -1.87 -44.32 -0.10
C THR E 146 -1.39 -45.57 -0.80
N ALA E 147 -2.26 -46.57 -0.95
CA ALA E 147 -1.85 -47.80 -1.59
C ALA E 147 -1.47 -47.57 -3.03
N TRP E 148 -2.11 -46.63 -3.71
CA TRP E 148 -1.70 -46.32 -5.08
C TRP E 148 -0.32 -45.66 -5.11
N MET E 149 -0.06 -44.76 -4.16
CA MET E 149 1.23 -44.08 -4.12
C MET E 149 2.33 -45.05 -3.73
N LEU E 150 2.04 -45.93 -2.78
CA LEU E 150 3.00 -46.96 -2.42
C LEU E 150 3.28 -47.88 -3.61
N ARG E 151 2.24 -48.51 -4.18
CA ARG E 151 2.45 -49.52 -5.21
CA ARG E 151 2.55 -49.53 -5.18
C ARG E 151 3.04 -48.92 -6.48
N SER E 152 2.84 -47.63 -6.70
CA SER E 152 3.43 -46.99 -7.87
C SER E 152 4.96 -47.08 -7.86
N LEU E 153 5.54 -47.11 -6.66
CA LEU E 153 6.99 -47.26 -6.49
C LEU E 153 7.53 -48.61 -6.96
N LEU E 154 6.69 -49.63 -7.00
CA LEU E 154 7.11 -50.98 -7.35
C LEU E 154 6.93 -51.29 -8.83
N ALA E 155 6.36 -50.37 -9.60
CA ALA E 155 6.03 -50.64 -10.99
C ALA E 155 7.30 -50.76 -11.83
N MET F 1 -18.60 -13.20 45.69
CA MET F 1 -17.79 -12.03 46.11
C MET F 1 -18.55 -10.76 45.76
N GLU F 2 -18.47 -9.75 46.63
CA GLU F 2 -19.12 -8.49 46.34
C GLU F 2 -18.39 -7.77 45.20
N ILE F 3 -19.14 -7.00 44.43
CA ILE F 3 -18.59 -6.23 43.32
C ILE F 3 -18.28 -4.84 43.85
N ASN F 4 -16.99 -4.53 43.95
CA ASN F 4 -16.51 -3.21 44.38
C ASN F 4 -15.75 -2.54 43.24
N ILE F 5 -16.50 -2.02 42.28
CA ILE F 5 -15.91 -1.33 41.13
C ILE F 5 -16.30 0.15 41.11
N GLY F 6 -16.78 0.70 42.23
CA GLY F 6 -17.10 2.12 42.28
C GLY F 6 -18.34 2.53 41.54
N ILE F 7 -19.27 1.59 41.29
CA ILE F 7 -20.62 1.90 40.81
C ILE F 7 -21.59 1.13 41.68
N GLY F 8 -22.68 1.77 42.09
CA GLY F 8 -23.59 1.14 43.01
C GLY F 8 -24.57 0.20 42.33
N GLU F 9 -25.15 -0.68 43.14
CA GLU F 9 -26.00 -1.74 42.63
C GLU F 9 -27.11 -1.20 41.73
N GLN F 10 -27.88 -0.21 42.19
CA GLN F 10 -28.98 0.28 41.35
C GLN F 10 -28.45 0.89 40.07
N ASP F 11 -27.35 1.63 40.17
CA ASP F 11 -26.78 2.28 38.99
C ASP F 11 -26.30 1.24 37.98
N ARG F 12 -25.55 0.26 38.44
CA ARG F 12 -25.16 -0.84 37.58
C ARG F 12 -26.39 -1.45 36.92
N ALA F 13 -27.41 -1.74 37.72
CA ALA F 13 -28.62 -2.37 37.19
C ALA F 13 -29.25 -1.53 36.10
N ALA F 14 -29.18 -0.20 36.24
CA ALA F 14 -29.74 0.67 35.21
C ALA F 14 -28.89 0.65 33.96
N ILE F 15 -27.57 0.59 34.12
CA ILE F 15 -26.68 0.44 32.96
C ILE F 15 -26.91 -0.91 32.29
N ALA F 16 -26.91 -1.98 33.08
CA ALA F 16 -27.22 -3.30 32.55
C ALA F 16 -28.51 -3.26 31.74
N GLU F 17 -29.52 -2.57 32.26
CA GLU F 17 -30.78 -2.48 31.52
C GLU F 17 -30.57 -1.80 30.17
N GLY F 18 -29.79 -0.72 30.13
CA GLY F 18 -29.53 -0.06 28.87
C GLY F 18 -28.68 -0.93 27.96
N LEU F 19 -27.56 -1.43 28.47
CA LEU F 19 -26.76 -2.37 27.68
C LEU F 19 -27.60 -3.51 27.15
N SER F 20 -28.64 -3.93 27.89
CA SER F 20 -29.47 -5.04 27.45
C SER F 20 -30.28 -4.67 26.22
N ARG F 21 -30.73 -3.41 26.14
CA ARG F 21 -31.40 -2.99 24.91
C ARG F 21 -30.41 -2.89 23.77
N LEU F 22 -29.17 -2.50 24.08
CA LEU F 22 -28.13 -2.44 23.07
C LEU F 22 -27.85 -3.83 22.51
N LEU F 23 -27.71 -4.81 23.41
CA LEU F 23 -27.52 -6.20 23.01
C LEU F 23 -28.68 -6.69 22.18
N ALA F 24 -29.90 -6.32 22.55
CA ALA F 24 -31.04 -6.82 21.80
C ALA F 24 -31.07 -6.24 20.41
N ASP F 25 -30.72 -4.96 20.28
CA ASP F 25 -30.69 -4.35 18.97
C ASP F 25 -29.54 -4.91 18.15
N THR F 26 -28.37 -5.10 18.77
CA THR F 26 -27.23 -5.66 18.06
C THR F 26 -27.53 -7.08 17.60
N TYR F 27 -28.08 -7.90 18.49
CA TYR F 27 -28.40 -9.27 18.12
C TYR F 27 -29.47 -9.30 17.05
N THR F 28 -30.44 -8.38 17.12
CA THR F 28 -31.50 -8.43 16.11
C THR F 28 -30.94 -7.99 14.77
N LEU F 29 -30.04 -7.02 14.79
CA LEU F 29 -29.41 -6.57 13.57
C LEU F 29 -28.46 -7.64 13.03
N TYR F 30 -27.72 -8.31 13.92
CA TYR F 30 -26.89 -9.46 13.53
C TYR F 30 -27.69 -10.48 12.75
N LEU F 31 -28.83 -10.91 13.29
CA LEU F 31 -29.59 -11.95 12.62
C LEU F 31 -30.26 -11.41 11.36
N LYS F 32 -30.70 -10.16 11.36
CA LYS F 32 -31.18 -9.59 10.10
C LYS F 32 -30.08 -9.58 9.04
N THR F 33 -28.88 -9.15 9.42
CA THR F 33 -27.77 -9.10 8.45
C THR F 33 -27.47 -10.50 7.91
N HIS F 34 -27.36 -11.47 8.82
CA HIS F 34 -27.18 -12.87 8.45
C HIS F 34 -28.25 -13.31 7.46
N ASN F 35 -29.51 -13.10 7.82
CA ASN F 35 -30.63 -13.41 6.95
C ASN F 35 -30.40 -12.82 5.55
N PHE F 36 -30.09 -11.53 5.47
CA PHE F 36 -30.00 -10.89 4.16
C PHE F 36 -28.77 -11.38 3.39
N HIS F 37 -27.68 -11.67 4.10
CA HIS F 37 -26.56 -12.40 3.50
C HIS F 37 -27.03 -13.65 2.77
N TRP F 38 -27.83 -14.50 3.43
CA TRP F 38 -28.24 -15.74 2.80
C TRP F 38 -29.17 -15.48 1.61
N ASN F 39 -30.04 -14.49 1.72
CA ASN F 39 -31.21 -14.42 0.88
C ASN F 39 -31.18 -13.37 -0.21
N VAL F 40 -30.18 -12.47 -0.23
CA VAL F 40 -30.17 -11.43 -1.25
C VAL F 40 -30.01 -12.06 -2.62
N THR F 41 -30.62 -11.44 -3.62
CA THR F 41 -30.42 -11.85 -5.01
C THR F 41 -30.32 -10.61 -5.88
N GLY F 42 -30.06 -10.86 -7.17
CA GLY F 42 -29.90 -9.80 -8.13
C GLY F 42 -28.45 -9.59 -8.56
N PRO F 43 -28.24 -8.63 -9.48
CA PRO F 43 -26.89 -8.37 -9.99
C PRO F 43 -25.88 -7.99 -8.92
N MET F 44 -26.32 -7.41 -7.81
CA MET F 44 -25.43 -7.07 -6.72
C MET F 44 -25.24 -8.22 -5.75
N PHE F 45 -25.62 -9.44 -6.11
CA PHE F 45 -25.46 -10.57 -5.20
C PHE F 45 -24.06 -10.65 -4.60
N ASN F 46 -23.03 -10.63 -5.46
CA ASN F 46 -21.68 -10.84 -4.95
C ASN F 46 -21.27 -9.73 -4.00
N THR F 47 -21.44 -8.48 -4.41
CA THR F 47 -21.03 -7.38 -3.53
C THR F 47 -21.83 -7.40 -2.22
N LEU F 48 -23.13 -7.68 -2.27
CA LEU F 48 -23.90 -7.61 -1.03
C LEU F 48 -23.70 -8.85 -0.16
N HIS F 49 -23.70 -10.04 -0.77
CA HIS F 49 -23.39 -11.27 -0.03
C HIS F 49 -22.11 -11.09 0.76
N LEU F 50 -21.09 -10.52 0.13
CA LEU F 50 -19.82 -10.31 0.82
C LEU F 50 -19.92 -9.18 1.85
N MET F 51 -20.55 -8.08 1.46
CA MET F 51 -20.71 -6.98 2.39
C MET F 51 -21.46 -7.41 3.64
N PHE F 52 -22.60 -8.07 3.47
CA PHE F 52 -23.37 -8.49 4.64
C PHE F 52 -22.59 -9.50 5.48
N GLU F 53 -21.76 -10.34 4.85
CA GLU F 53 -20.92 -11.27 5.61
C GLU F 53 -19.97 -10.53 6.54
N GLY F 54 -19.29 -9.52 6.04
CA GLY F 54 -18.39 -8.77 6.91
C GLY F 54 -19.14 -8.11 8.04
N GLN F 55 -20.30 -7.53 7.74
CA GLN F 55 -21.15 -6.96 8.78
C GLN F 55 -21.57 -8.00 9.80
N TYR F 56 -22.13 -9.13 9.37
CA TYR F 56 -22.61 -10.09 10.37
C TYR F 56 -21.44 -10.64 11.17
N THR F 57 -20.28 -10.81 10.53
CA THR F 57 -19.11 -11.32 11.25
C THR F 57 -18.71 -10.38 12.38
N GLU F 58 -18.80 -9.06 12.11
CA GLU F 58 -18.39 -8.05 13.09
C GLU F 58 -19.39 -7.95 14.24
N LEU F 59 -20.68 -8.07 13.94
CA LEU F 59 -21.67 -7.97 15.02
C LEU F 59 -21.58 -9.15 15.97
N ALA F 60 -21.32 -10.36 15.47
CA ALA F 60 -21.18 -11.50 16.37
C ALA F 60 -20.13 -11.25 17.43
N VAL F 61 -19.03 -10.60 17.05
CA VAL F 61 -18.04 -10.31 18.08
C VAL F 61 -18.57 -9.21 19.01
N ALA F 62 -19.37 -8.30 18.45
CA ALA F 62 -19.89 -7.20 19.25
C ALA F 62 -20.94 -7.69 20.25
N VAL F 63 -21.82 -8.63 19.86
CA VAL F 63 -22.76 -9.17 20.83
CA VAL F 63 -22.76 -9.23 20.80
C VAL F 63 -22.01 -9.78 22.01
N ASP F 64 -20.93 -10.51 21.73
CA ASP F 64 -20.14 -11.08 22.81
C ASP F 64 -19.57 -9.99 23.70
N ASP F 65 -19.15 -8.86 23.12
CA ASP F 65 -18.55 -7.81 23.93
C ASP F 65 -19.61 -7.02 24.73
N ILE F 66 -20.74 -6.70 24.12
CA ILE F 66 -21.82 -6.07 24.88
C ILE F 66 -22.23 -6.98 26.03
N ALA F 67 -22.54 -8.25 25.73
CA ALA F 67 -22.94 -9.20 26.77
C ALA F 67 -21.93 -9.29 27.89
N GLU F 68 -20.63 -9.29 27.59
CA GLU F 68 -19.67 -9.42 28.69
C GLU F 68 -19.46 -8.13 29.47
N ARG F 69 -19.90 -6.99 28.94
CA ARG F 69 -19.89 -5.80 29.77
C ARG F 69 -21.00 -5.88 30.81
N ILE F 70 -22.17 -6.36 30.41
CA ILE F 70 -23.28 -6.63 31.33
C ILE F 70 -22.84 -7.58 32.43
N ARG F 71 -22.09 -8.64 32.11
CA ARG F 71 -21.63 -9.55 33.17
C ARG F 71 -20.60 -8.87 34.06
N ALA F 72 -19.72 -8.06 33.47
CA ALA F 72 -18.80 -7.29 34.28
C ALA F 72 -19.55 -6.38 35.25
N LEU F 73 -20.72 -5.89 34.84
CA LEU F 73 -21.49 -5.02 35.70
C LEU F 73 -22.30 -5.79 36.73
N GLY F 74 -22.18 -7.12 36.75
CA GLY F 74 -22.80 -7.96 37.76
C GLY F 74 -24.19 -8.49 37.45
N PHE F 75 -24.59 -8.58 36.19
CA PHE F 75 -25.95 -8.93 35.84
C PHE F 75 -25.97 -9.97 34.74
N PRO F 76 -27.08 -10.70 34.60
CA PRO F 76 -27.13 -11.75 33.58
C PRO F 76 -27.32 -11.18 32.17
N ALA F 77 -26.63 -11.79 31.23
CA ALA F 77 -26.78 -11.36 29.86
C ALA F 77 -28.01 -12.03 29.29
N PRO F 78 -28.95 -11.27 28.74
CA PRO F 78 -30.09 -11.91 28.10
C PRO F 78 -29.66 -12.63 26.84
N GLY F 79 -30.37 -13.73 26.55
CA GLY F 79 -30.06 -14.52 25.39
C GLY F 79 -31.16 -15.47 24.96
N THR F 80 -32.32 -14.94 24.57
CA THR F 80 -33.39 -15.78 24.03
C THR F 80 -34.19 -14.99 23.00
N TYR F 81 -34.87 -15.73 22.14
CA TYR F 81 -35.75 -15.12 21.17
C TYR F 81 -36.73 -14.16 21.84
N ALA F 82 -37.32 -14.57 22.96
CA ALA F 82 -38.34 -13.76 23.62
C ALA F 82 -37.74 -12.50 24.19
N ALA F 83 -36.61 -12.63 24.86
CA ALA F 83 -36.06 -11.48 25.56
C ALA F 83 -35.50 -10.45 24.57
N TYR F 84 -35.01 -10.90 23.43
CA TYR F 84 -34.56 -9.94 22.42
C TYR F 84 -35.73 -9.29 21.71
N ALA F 85 -36.79 -10.04 21.42
CA ALA F 85 -37.91 -9.42 20.72
C ALA F 85 -38.56 -8.35 21.58
N ARG F 86 -38.40 -8.46 22.91
CA ARG F 86 -38.98 -7.49 23.83
C ARG F 86 -38.14 -6.23 23.91
N LEU F 87 -36.83 -6.39 24.11
CA LEU F 87 -35.93 -5.25 24.30
C LEU F 87 -35.61 -4.55 22.99
N SER F 88 -35.65 -5.27 21.87
CA SER F 88 -35.17 -4.71 20.62
C SER F 88 -36.16 -3.70 20.08
N SER F 89 -35.61 -2.62 19.50
CA SER F 89 -36.37 -1.64 18.76
C SER F 89 -36.25 -1.84 17.26
N ILE F 90 -35.67 -2.95 16.81
CA ILE F 90 -35.53 -3.25 15.39
C ILE F 90 -36.75 -4.04 14.95
N LYS F 91 -37.53 -3.49 14.04
CA LYS F 91 -38.59 -4.28 13.43
C LYS F 91 -37.96 -5.38 12.59
N GLU F 92 -38.37 -6.62 12.83
CA GLU F 92 -37.84 -7.70 12.03
C GLU F 92 -38.59 -7.76 10.70
N GLU F 93 -37.90 -8.33 9.71
CA GLU F 93 -38.44 -8.52 8.37
C GLU F 93 -38.61 -10.02 8.16
N GLU F 94 -39.83 -10.44 7.88
CA GLU F 94 -40.18 -11.85 7.82
C GLU F 94 -40.19 -12.40 6.41
N GLY F 95 -40.04 -11.53 5.41
CA GLY F 95 -39.99 -11.98 4.03
C GLY F 95 -38.66 -11.71 3.38
N VAL F 96 -38.65 -11.56 2.06
CA VAL F 96 -37.40 -11.37 1.32
C VAL F 96 -37.53 -10.11 0.46
N PRO F 97 -37.12 -8.95 0.99
CA PRO F 97 -37.14 -7.71 0.19
C PRO F 97 -36.17 -7.73 -0.99
N GLU F 98 -36.39 -6.76 -1.88
CA GLU F 98 -35.40 -6.43 -2.90
C GLU F 98 -34.10 -5.99 -2.25
N ALA F 99 -32.99 -6.22 -2.96
CA ALA F 99 -31.68 -5.89 -2.40
C ALA F 99 -31.65 -4.43 -1.92
N GLU F 100 -32.18 -3.51 -2.72
CA GLU F 100 -32.15 -2.11 -2.31
C GLU F 100 -32.90 -1.91 -1.00
N GLU F 101 -34.02 -2.61 -0.82
CA GLU F 101 -34.76 -2.53 0.44
C GLU F 101 -33.99 -3.19 1.59
N MET F 102 -33.37 -4.34 1.34
CA MET F 102 -32.42 -4.89 2.33
C MET F 102 -31.42 -3.84 2.76
N ILE F 103 -30.85 -3.11 1.80
CA ILE F 103 -29.84 -2.11 2.15
C ILE F 103 -30.46 -1.02 3.02
N ARG F 104 -31.64 -0.52 2.63
CA ARG F 104 -32.30 0.51 3.44
C ARG F 104 -32.57 0.02 4.86
N GLN F 105 -33.16 -1.18 5.01
CA GLN F 105 -33.42 -1.64 6.36
C GLN F 105 -32.13 -1.71 7.13
N LEU F 106 -31.04 -2.13 6.47
CA LEU F 106 -29.79 -2.26 7.19
C LEU F 106 -29.23 -0.91 7.59
N VAL F 107 -29.42 0.12 6.75
CA VAL F 107 -29.02 1.47 7.15
C VAL F 107 -29.78 1.87 8.42
N GLN F 108 -31.12 1.80 8.34
CA GLN F 108 -31.96 2.12 9.48
C GLN F 108 -31.58 1.29 10.68
N GLY F 109 -31.11 0.06 10.46
CA GLY F 109 -30.66 -0.75 11.57
C GLY F 109 -29.43 -0.19 12.23
N GLN F 110 -28.46 0.28 11.43
CA GLN F 110 -27.31 0.95 12.02
C GLN F 110 -27.74 2.15 12.85
N GLU F 111 -28.62 2.98 12.29
CA GLU F 111 -29.06 4.17 13.00
C GLU F 111 -29.82 3.80 14.28
N ALA F 112 -30.66 2.76 14.19
CA ALA F 112 -31.37 2.26 15.38
C ALA F 112 -30.42 1.94 16.53
N VAL F 113 -29.38 1.15 16.26
CA VAL F 113 -28.42 0.84 17.31
C VAL F 113 -27.78 2.12 17.86
N VAL F 114 -27.45 3.07 16.98
CA VAL F 114 -26.84 4.31 17.48
C VAL F 114 -27.85 5.08 18.34
N ARG F 115 -29.09 5.16 17.87
CA ARG F 115 -30.12 5.82 18.67
C ARG F 115 -30.20 5.22 20.06
N THR F 116 -30.13 3.88 20.16
CA THR F 116 -30.19 3.23 21.47
C THR F 116 -28.97 3.59 22.30
N ALA F 117 -27.77 3.52 21.71
CA ALA F 117 -26.57 3.87 22.47
C ALA F 117 -26.64 5.29 22.99
N ARG F 118 -27.12 6.22 22.16
CA ARG F 118 -27.19 7.62 22.57
C ARG F 118 -28.14 7.78 23.74
N SER F 119 -29.29 7.09 23.68
CA SER F 119 -30.25 7.09 24.78
C SER F 119 -29.61 6.72 26.13
N ILE F 120 -28.53 5.96 26.11
CA ILE F 120 -27.96 5.45 27.36
C ILE F 120 -26.99 6.43 28.01
N PHE F 121 -26.65 7.51 27.33
CA PHE F 121 -25.58 8.37 27.79
C PHE F 121 -26.00 9.24 28.97
N PRO F 122 -27.21 9.84 28.97
CA PRO F 122 -27.65 10.59 30.16
C PRO F 122 -27.36 9.80 31.44
N LEU F 123 -27.86 8.57 31.47
CA LEU F 123 -27.57 7.66 32.57
C LEU F 123 -26.07 7.59 32.85
N LEU F 124 -25.24 7.60 31.81
CA LEU F 124 -23.82 7.46 32.05
C LEU F 124 -23.22 8.76 32.54
N ASP F 125 -23.71 9.89 32.04
CA ASP F 125 -23.31 11.23 32.49
C ASP F 125 -23.95 11.63 33.84
N LYS F 126 -24.34 10.64 34.65
CA LYS F 126 -24.74 10.88 36.03
C LYS F 126 -24.13 9.85 36.99
N VAL F 127 -23.25 8.98 36.51
CA VAL F 127 -22.83 7.82 37.30
C VAL F 127 -21.34 7.53 37.21
N SER F 128 -20.66 8.05 36.19
CA SER F 128 -19.24 7.75 36.00
C SER F 128 -19.03 6.27 35.74
N ASP F 129 -18.96 5.89 34.47
CA ASP F 129 -18.73 4.53 34.01
C ASP F 129 -18.02 4.65 32.65
N GLU F 130 -16.72 4.90 32.71
CA GLU F 130 -15.96 5.13 31.49
C GLU F 130 -15.93 3.91 30.56
N PRO F 131 -15.75 2.68 31.05
CA PRO F 131 -15.77 1.53 30.14
C PRO F 131 -17.05 1.40 29.34
N THR F 132 -18.20 1.43 29.99
CA THR F 132 -19.42 1.34 29.21
C THR F 132 -19.50 2.49 28.23
N ALA F 133 -18.98 3.66 28.60
CA ALA F 133 -19.01 4.79 27.70
C ALA F 133 -18.14 4.52 26.47
N ASP F 134 -16.98 3.92 26.67
CA ASP F 134 -16.12 3.60 25.54
C ASP F 134 -16.75 2.54 24.65
N LEU F 135 -17.41 1.54 25.23
CA LEU F 135 -18.07 0.51 24.42
C LEU F 135 -19.13 1.13 23.52
N LEU F 136 -19.96 2.01 24.08
CA LEU F 136 -20.96 2.68 23.28
C LEU F 136 -20.30 3.48 22.16
N THR F 137 -19.16 4.11 22.45
CA THR F 137 -18.42 4.85 21.43
C THR F 137 -18.00 3.94 20.28
N GLN F 138 -17.38 2.80 20.62
CA GLN F 138 -16.95 1.88 19.57
C GLN F 138 -18.13 1.46 18.72
N ARG F 139 -19.27 1.12 19.34
CA ARG F 139 -20.40 0.66 18.53
C ARG F 139 -20.88 1.77 17.62
N MET F 140 -20.91 3.02 18.13
CA MET F 140 -21.42 4.10 17.29
C MET F 140 -20.48 4.34 16.12
N GLN F 141 -19.17 4.30 16.38
CA GLN F 141 -18.19 4.45 15.31
C GLN F 141 -18.44 3.45 14.20
N VAL F 142 -18.53 2.17 14.57
CA VAL F 142 -18.74 1.10 13.61
C VAL F 142 -20.04 1.28 12.84
N HIS F 143 -21.15 1.55 13.55
CA HIS F 143 -22.44 1.63 12.86
C HIS F 143 -22.56 2.87 12.01
N GLU F 144 -21.89 3.95 12.38
CA GLU F 144 -21.90 5.15 11.53
C GLU F 144 -21.06 4.93 10.28
N LYS F 145 -19.87 4.36 10.44
CA LYS F 145 -19.12 3.85 9.29
C LYS F 145 -19.99 2.96 8.43
N THR F 146 -20.60 1.92 9.02
CA THR F 146 -21.35 0.97 8.21
C THR F 146 -22.49 1.66 7.48
N ALA F 147 -23.12 2.66 8.12
CA ALA F 147 -24.25 3.35 7.52
C ALA F 147 -23.81 4.13 6.28
N TRP F 148 -22.66 4.80 6.36
CA TRP F 148 -22.12 5.47 5.18
C TRP F 148 -21.86 4.48 4.03
N MET F 149 -21.21 3.36 4.33
CA MET F 149 -20.95 2.42 3.24
C MET F 149 -22.24 1.92 2.66
N LEU F 150 -23.23 1.68 3.53
CA LEU F 150 -24.50 1.15 3.06
C LEU F 150 -25.24 2.18 2.24
N ARG F 151 -25.46 3.38 2.80
CA ARG F 151 -26.24 4.38 2.07
CA ARG F 151 -26.24 4.38 2.08
C ARG F 151 -25.57 4.77 0.76
N SER F 152 -24.22 4.72 0.70
CA SER F 152 -23.52 5.07 -0.54
C SER F 152 -24.04 4.25 -1.72
N LEU F 153 -24.35 2.97 -1.48
CA LEU F 153 -24.88 2.11 -2.52
C LEU F 153 -26.16 2.63 -3.13
N LEU F 154 -26.84 3.54 -2.43
CA LEU F 154 -28.15 4.01 -2.86
C LEU F 154 -28.09 5.33 -3.60
N ALA F 155 -26.92 5.95 -3.69
CA ALA F 155 -26.83 7.31 -4.24
C ALA F 155 -27.26 7.41 -5.72
N MET G 1 -30.53 8.73 0.32
CA MET G 1 -31.17 8.32 1.61
C MET G 1 -30.66 9.17 2.77
N GLU G 2 -31.60 9.66 3.57
CA GLU G 2 -31.30 10.54 4.70
C GLU G 2 -30.25 9.96 5.62
N ILE G 3 -29.63 10.85 6.39
CA ILE G 3 -28.71 10.50 7.46
C ILE G 3 -29.36 10.91 8.76
N ASN G 4 -29.60 9.94 9.66
CA ASN G 4 -30.22 10.16 10.98
C ASN G 4 -29.40 9.39 12.01
N ILE G 5 -28.28 9.99 12.41
CA ILE G 5 -27.38 9.41 13.39
C ILE G 5 -27.37 10.24 14.68
N GLY G 6 -28.40 11.05 14.88
CA GLY G 6 -28.53 11.81 16.09
C GLY G 6 -27.79 13.13 16.08
N ILE G 7 -27.33 13.57 14.91
CA ILE G 7 -26.63 14.85 14.76
C ILE G 7 -27.12 15.48 13.46
N GLY G 8 -27.35 16.81 13.50
CA GLY G 8 -27.95 17.50 12.37
C GLY G 8 -26.91 17.97 11.36
N GLU G 9 -27.40 18.34 10.18
CA GLU G 9 -26.53 18.67 9.06
C GLU G 9 -25.54 19.77 9.44
N GLN G 10 -26.04 20.90 9.96
CA GLN G 10 -25.16 22.03 10.25
C GLN G 10 -24.09 21.65 11.25
N ASP G 11 -24.41 20.79 12.21
CA ASP G 11 -23.41 20.34 13.16
C ASP G 11 -22.43 19.34 12.52
N ARG G 12 -22.92 18.40 11.73
CA ARG G 12 -22.00 17.47 11.08
C ARG G 12 -21.04 18.24 10.18
N ALA G 13 -21.57 19.20 9.42
CA ALA G 13 -20.75 20.00 8.53
C ALA G 13 -19.65 20.73 9.30
N ALA G 14 -20.00 21.28 10.47
CA ALA G 14 -19.00 21.91 11.31
C ALA G 14 -17.93 20.91 11.77
N ILE G 15 -18.34 19.68 12.04
CA ILE G 15 -17.36 18.68 12.44
C ILE G 15 -16.54 18.23 11.23
N ALA G 16 -17.21 18.03 10.09
CA ALA G 16 -16.47 17.70 8.88
C ALA G 16 -15.42 18.76 8.58
N GLU G 17 -15.78 20.04 8.74
CA GLU G 17 -14.83 21.14 8.48
C GLU G 17 -13.60 21.05 9.38
N GLY G 18 -13.78 20.80 10.67
CA GLY G 18 -12.63 20.63 11.54
C GLY G 18 -11.82 19.36 11.25
N LEU G 19 -12.51 18.26 10.91
CA LEU G 19 -11.78 17.06 10.53
C LEU G 19 -11.07 17.24 9.19
N SER G 20 -11.63 18.08 8.31
CA SER G 20 -10.93 18.46 7.10
C SER G 20 -9.59 19.09 7.41
N ARG G 21 -9.52 19.91 8.46
CA ARG G 21 -8.24 20.50 8.80
C ARG G 21 -7.32 19.47 9.40
N LEU G 22 -7.85 18.57 10.23
CA LEU G 22 -7.05 17.48 10.78
C LEU G 22 -6.49 16.58 9.69
N LEU G 23 -7.34 16.20 8.73
CA LEU G 23 -6.90 15.39 7.59
C LEU G 23 -5.75 16.08 6.86
N ALA G 24 -5.87 17.39 6.66
CA ALA G 24 -4.86 18.14 5.93
C ALA G 24 -3.56 18.26 6.71
N ASP G 25 -3.63 18.45 8.01
CA ASP G 25 -2.38 18.42 8.76
C ASP G 25 -1.79 17.03 8.77
N THR G 26 -2.64 16.01 8.93
CA THR G 26 -2.12 14.65 8.99
C THR G 26 -1.48 14.26 7.66
N TYR G 27 -2.09 14.63 6.53
CA TYR G 27 -1.50 14.27 5.24
C TYR G 27 -0.20 15.01 5.01
N THR G 28 -0.16 16.30 5.33
CA THR G 28 1.05 17.07 5.13
C THR G 28 2.19 16.51 5.96
N LEU G 29 1.90 16.09 7.18
CA LEU G 29 2.92 15.41 7.99
C LEU G 29 3.29 14.05 7.40
N TYR G 30 2.31 13.33 6.86
CA TYR G 30 2.57 12.07 6.17
C TYR G 30 3.59 12.28 5.07
N LEU G 31 3.28 13.20 4.16
CA LEU G 31 4.19 13.46 3.04
C LEU G 31 5.54 13.97 3.53
N LYS G 32 5.56 14.86 4.53
CA LYS G 32 6.86 15.36 5.02
C LYS G 32 7.69 14.23 5.57
N THR G 33 7.07 13.30 6.30
CA THR G 33 7.81 12.21 6.92
C THR G 33 8.36 11.24 5.87
N HIS G 34 7.54 10.94 4.88
CA HIS G 34 7.96 10.15 3.72
C HIS G 34 9.17 10.78 3.06
N ASN G 35 9.08 12.09 2.78
CA ASN G 35 10.19 12.85 2.20
C ASN G 35 11.47 12.67 2.99
N PHE G 36 11.40 12.96 4.30
CA PHE G 36 12.58 12.79 5.15
C PHE G 36 13.07 11.34 5.16
N HIS G 37 12.15 10.38 5.06
CA HIS G 37 12.57 8.98 4.99
C HIS G 37 13.50 8.74 3.81
N TRP G 38 13.07 9.14 2.60
CA TRP G 38 13.94 9.03 1.42
C TRP G 38 15.24 9.82 1.60
N ASN G 39 15.17 11.02 2.17
CA ASN G 39 16.21 12.03 1.96
C ASN G 39 17.21 12.19 3.11
N VAL G 40 16.93 11.62 4.28
CA VAL G 40 17.84 11.76 5.42
C VAL G 40 19.18 11.09 5.13
N THR G 41 20.27 11.71 5.58
CA THR G 41 21.60 11.11 5.53
C THR G 41 22.33 11.42 6.83
N GLY G 42 23.54 10.88 6.95
CA GLY G 42 24.36 11.01 8.11
C GLY G 42 24.49 9.69 8.88
N PRO G 43 25.33 9.69 9.92
CA PRO G 43 25.53 8.46 10.71
C PRO G 43 24.24 7.88 11.27
N MET G 44 23.18 8.68 11.37
CA MET G 44 21.89 8.22 11.81
C MET G 44 21.02 7.75 10.66
N PHE G 45 21.60 7.51 9.48
CA PHE G 45 20.77 7.15 8.33
C PHE G 45 19.86 5.98 8.67
N ASN G 46 20.47 4.90 9.17
CA ASN G 46 19.73 3.65 9.38
C ASN G 46 18.60 3.84 10.38
N THR G 47 18.89 4.40 11.56
CA THR G 47 17.84 4.52 12.56
C THR G 47 16.75 5.49 12.11
N LEU G 48 17.12 6.58 11.44
CA LEU G 48 16.10 7.55 11.04
C LEU G 48 15.31 7.06 9.83
N HIS G 49 16.00 6.50 8.83
CA HIS G 49 15.31 5.88 7.70
C HIS G 49 14.24 4.94 8.20
N LEU G 50 14.60 4.07 9.15
CA LEU G 50 13.65 3.10 9.69
C LEU G 50 12.58 3.77 10.53
N MET G 51 12.99 4.72 11.38
CA MET G 51 12.03 5.38 12.25
C MET G 51 11.00 6.15 11.44
N PHE G 52 11.45 6.88 10.41
CA PHE G 52 10.48 7.65 9.62
C PHE G 52 9.61 6.74 8.78
N GLU G 53 10.08 5.53 8.50
CA GLU G 53 9.26 4.55 7.81
C GLU G 53 8.08 4.11 8.68
N GLY G 54 8.34 3.79 9.96
CA GLY G 54 7.24 3.42 10.83
C GLY G 54 6.21 4.53 10.94
N GLN G 55 6.68 5.78 11.02
CA GLN G 55 5.76 6.90 11.14
C GLN G 55 4.95 7.09 9.86
N TYR G 56 5.59 7.11 8.69
CA TYR G 56 4.78 7.37 7.49
C TYR G 56 3.82 6.25 7.23
N THR G 57 4.17 5.02 7.65
CA THR G 57 3.25 3.88 7.49
C THR G 57 2.01 4.04 8.36
N GLU G 58 2.22 4.40 9.63
CA GLU G 58 1.11 4.70 10.54
C GLU G 58 0.26 5.83 10.00
N LEU G 59 0.89 6.91 9.56
CA LEU G 59 0.15 8.08 9.13
C LEU G 59 -0.70 7.75 7.92
N ALA G 60 -0.23 6.85 7.04
CA ALA G 60 -1.02 6.50 5.86
C ALA G 60 -2.34 5.87 6.25
N VAL G 61 -2.35 5.13 7.36
CA VAL G 61 -3.59 4.54 7.85
C VAL G 61 -4.45 5.59 8.54
N ALA G 62 -3.83 6.55 9.23
CA ALA G 62 -4.61 7.59 9.89
C ALA G 62 -5.33 8.46 8.88
N VAL G 63 -4.66 8.83 7.78
CA VAL G 63 -5.37 9.64 6.78
CA VAL G 63 -5.33 9.61 6.73
C VAL G 63 -6.59 8.90 6.28
N ASP G 64 -6.53 7.57 6.18
CA ASP G 64 -7.70 6.82 5.74
C ASP G 64 -8.80 6.84 6.80
N ASP G 65 -8.41 6.78 8.08
CA ASP G 65 -9.39 6.81 9.16
C ASP G 65 -10.04 8.18 9.31
N ILE G 66 -9.25 9.25 9.26
CA ILE G 66 -9.85 10.59 9.28
C ILE G 66 -10.77 10.78 8.09
N ALA G 67 -10.33 10.35 6.91
CA ALA G 67 -11.12 10.61 5.71
C ALA G 67 -12.48 9.93 5.79
N GLU G 68 -12.53 8.76 6.42
CA GLU G 68 -13.79 8.00 6.42
C GLU G 68 -14.71 8.40 7.56
N ARG G 69 -14.19 9.03 8.61
CA ARG G 69 -15.07 9.68 9.57
C ARG G 69 -15.84 10.83 8.91
N ILE G 70 -15.13 11.69 8.18
CA ILE G 70 -15.79 12.72 7.39
C ILE G 70 -16.89 12.12 6.53
N ARG G 71 -16.58 10.99 5.88
CA ARG G 71 -17.58 10.37 5.02
C ARG G 71 -18.77 9.86 5.85
N ALA G 72 -18.49 9.28 7.01
CA ALA G 72 -19.54 8.84 7.91
C ALA G 72 -20.42 10.00 8.33
N LEU G 73 -19.83 11.19 8.52
CA LEU G 73 -20.62 12.38 8.85
C LEU G 73 -21.38 12.95 7.67
N GLY G 74 -21.19 12.40 6.47
CA GLY G 74 -21.96 12.78 5.32
C GLY G 74 -21.34 13.86 4.44
N PHE G 75 -20.03 14.00 4.45
CA PHE G 75 -19.43 15.04 3.62
C PHE G 75 -18.28 14.48 2.81
N PRO G 76 -17.97 15.11 1.68
CA PRO G 76 -16.84 14.62 0.87
C PRO G 76 -15.55 14.92 1.60
N ALA G 77 -14.58 13.97 1.47
CA ALA G 77 -13.29 14.16 2.14
C ALA G 77 -12.31 14.83 1.18
N PRO G 78 -11.61 15.87 1.61
CA PRO G 78 -10.68 16.57 0.72
C PRO G 78 -9.48 15.71 0.41
N GLY G 79 -9.06 15.75 -0.85
CA GLY G 79 -7.86 15.04 -1.25
C GLY G 79 -7.19 15.57 -2.49
N THR G 80 -6.66 16.80 -2.43
CA THR G 80 -5.84 17.37 -3.49
C THR G 80 -4.72 18.16 -2.85
N TYR G 81 -3.64 18.37 -3.60
CA TYR G 81 -2.58 19.26 -3.12
C TYR G 81 -3.15 20.61 -2.69
N ALA G 82 -4.06 21.17 -3.49
CA ALA G 82 -4.52 22.53 -3.20
C ALA G 82 -5.38 22.55 -1.95
N ALA G 83 -6.30 21.59 -1.84
CA ALA G 83 -7.14 21.49 -0.65
C ALA G 83 -6.30 21.29 0.60
N TYR G 84 -5.24 20.49 0.53
CA TYR G 84 -4.45 20.30 1.73
C TYR G 84 -3.54 21.50 2.00
N ALA G 85 -2.99 22.13 0.97
CA ALA G 85 -2.18 23.32 1.20
C ALA G 85 -2.99 24.40 1.89
N ARG G 86 -4.25 24.56 1.48
CA ARG G 86 -5.08 25.61 2.02
C ARG G 86 -5.40 25.35 3.49
N LEU G 87 -5.85 24.13 3.79
CA LEU G 87 -6.34 23.76 5.11
C LEU G 87 -5.26 23.46 6.12
N SER G 88 -4.03 23.24 5.69
CA SER G 88 -3.02 22.73 6.60
C SER G 88 -2.34 23.87 7.34
N SER G 89 -1.90 23.57 8.57
CA SER G 89 -1.15 24.52 9.38
C SER G 89 0.30 24.13 9.52
N ILE G 90 0.73 23.05 8.86
CA ILE G 90 2.13 22.60 8.91
C ILE G 90 2.89 23.31 7.81
N LYS G 91 4.09 23.79 8.11
CA LYS G 91 4.92 24.46 7.12
C LYS G 91 5.70 23.41 6.36
N GLU G 92 5.56 23.37 5.05
CA GLU G 92 6.31 22.39 4.30
C GLU G 92 7.76 22.83 4.14
N GLU G 93 8.63 21.84 4.02
CA GLU G 93 10.06 22.02 3.83
C GLU G 93 10.41 21.61 2.41
N GLU G 94 10.80 22.58 1.58
CA GLU G 94 11.11 22.32 0.18
C GLU G 94 12.55 21.87 -0.04
N GLY G 95 13.40 21.97 0.96
CA GLY G 95 14.77 21.58 0.84
C GLY G 95 15.04 20.22 1.44
N VAL G 96 16.30 19.98 1.78
CA VAL G 96 16.73 18.76 2.43
C VAL G 96 17.50 19.16 3.69
N PRO G 97 16.87 19.21 4.86
CA PRO G 97 17.58 19.69 6.04
C PRO G 97 18.54 18.66 6.59
N GLU G 98 19.48 19.15 7.40
CA GLU G 98 20.27 18.26 8.24
C GLU G 98 19.37 17.39 9.10
N ALA G 99 19.88 16.22 9.46
CA ALA G 99 19.05 15.21 10.13
C ALA G 99 18.41 15.77 11.40
N GLU G 100 19.15 16.56 12.16
CA GLU G 100 18.61 17.10 13.41
C GLU G 100 17.50 18.09 13.14
N GLU G 101 17.59 18.84 12.06
CA GLU G 101 16.49 19.72 11.73
C GLU G 101 15.28 18.92 11.26
N MET G 102 15.51 17.78 10.58
CA MET G 102 14.38 16.93 10.20
C MET G 102 13.62 16.46 11.42
N ILE G 103 14.36 16.00 12.44
CA ILE G 103 13.77 15.54 13.69
C ILE G 103 12.96 16.67 14.33
N ARG G 104 13.58 17.84 14.48
CA ARG G 104 12.90 18.95 15.12
C ARG G 104 11.62 19.30 14.38
N GLN G 105 11.66 19.36 13.05
CA GLN G 105 10.44 19.66 12.31
C GLN G 105 9.36 18.60 12.53
N LEU G 106 9.76 17.34 12.67
CA LEU G 106 8.75 16.29 12.82
C LEU G 106 8.11 16.34 14.22
N VAL G 107 8.90 16.70 15.24
CA VAL G 107 8.34 17.02 16.54
C VAL G 107 7.27 18.10 16.41
N GLN G 108 7.60 19.22 15.78
CA GLN G 108 6.63 20.29 15.63
C GLN G 108 5.42 19.83 14.87
N GLY G 109 5.62 18.89 13.96
CA GLY G 109 4.51 18.40 13.18
C GLY G 109 3.55 17.60 14.02
N GLN G 110 4.10 16.75 14.90
CA GLN G 110 3.28 16.02 15.88
C GLN G 110 2.42 16.99 16.69
N GLU G 111 3.08 18.01 17.25
CA GLU G 111 2.39 18.98 18.10
C GLU G 111 1.37 19.78 17.30
N ALA G 112 1.66 20.07 16.05
CA ALA G 112 0.69 20.78 15.23
C ALA G 112 -0.58 19.97 15.07
N VAL G 113 -0.46 18.66 14.85
CA VAL G 113 -1.67 17.86 14.70
C VAL G 113 -2.46 17.86 15.99
N VAL G 114 -1.74 17.73 17.11
CA VAL G 114 -2.39 17.78 18.42
C VAL G 114 -3.13 19.10 18.58
N ARG G 115 -2.45 20.20 18.29
CA ARG G 115 -3.08 21.51 18.38
C ARG G 115 -4.35 21.57 17.57
N THR G 116 -4.32 21.03 16.35
CA THR G 116 -5.53 21.04 15.55
C THR G 116 -6.62 20.17 16.18
N ALA G 117 -6.23 19.04 16.76
CA ALA G 117 -7.21 18.14 17.37
C ALA G 117 -7.88 18.80 18.57
N ARG G 118 -7.09 19.36 19.50
CA ARG G 118 -7.66 20.07 20.65
C ARG G 118 -8.70 21.10 20.23
N SER G 119 -8.41 21.83 19.15
CA SER G 119 -9.28 22.92 18.74
C SER G 119 -10.67 22.45 18.31
N ILE G 120 -10.83 21.16 18.04
CA ILE G 120 -12.08 20.62 17.53
C ILE G 120 -13.02 20.19 18.65
N PHE G 121 -12.47 19.86 19.83
CA PHE G 121 -13.25 19.23 20.89
C PHE G 121 -14.46 20.07 21.26
N PRO G 122 -14.31 21.33 21.66
CA PRO G 122 -15.48 22.17 21.95
C PRO G 122 -16.67 21.86 21.06
N LEU G 123 -16.44 21.80 19.75
CA LEU G 123 -17.51 21.54 18.81
C LEU G 123 -18.15 20.15 18.97
N LEU G 124 -17.45 19.18 19.54
CA LEU G 124 -18.05 17.87 19.76
C LEU G 124 -18.84 17.82 21.06
N ASP G 125 -18.37 18.55 22.08
CA ASP G 125 -19.04 18.60 23.37
C ASP G 125 -20.50 18.98 23.23
N LYS G 126 -20.80 19.97 22.40
CA LYS G 126 -22.18 20.42 22.23
C LYS G 126 -23.10 19.27 21.83
N VAL G 127 -22.67 18.40 20.91
CA VAL G 127 -23.56 17.42 20.31
C VAL G 127 -23.21 15.98 20.67
N SER G 128 -22.11 15.75 21.40
CA SER G 128 -21.74 14.42 21.86
C SER G 128 -21.50 13.47 20.68
N ASP G 129 -20.65 13.93 19.75
CA ASP G 129 -20.13 13.09 18.67
C ASP G 129 -18.93 12.36 19.24
N GLU G 130 -19.22 11.27 19.96
CA GLU G 130 -18.23 10.52 20.72
C GLU G 130 -17.23 9.77 19.82
N PRO G 131 -17.69 9.14 18.73
CA PRO G 131 -16.74 8.58 17.76
C PRO G 131 -15.66 9.57 17.30
N THR G 132 -16.05 10.74 16.81
CA THR G 132 -15.07 11.76 16.43
C THR G 132 -14.18 12.12 17.60
N ALA G 133 -14.75 12.21 18.80
CA ALA G 133 -13.94 12.49 19.98
C ALA G 133 -12.88 11.42 20.19
N ASP G 134 -13.29 10.16 20.04
CA ASP G 134 -12.32 9.07 20.24
C ASP G 134 -11.28 9.04 19.11
N LEU G 135 -11.68 9.38 17.88
CA LEU G 135 -10.71 9.50 16.79
C LEU G 135 -9.65 10.53 17.13
N LEU G 136 -10.08 11.76 17.43
CA LEU G 136 -9.15 12.78 17.92
C LEU G 136 -8.27 12.25 19.04
N THR G 137 -8.88 11.58 20.03
CA THR G 137 -8.11 11.13 21.18
C THR G 137 -7.03 10.14 20.76
N GLN G 138 -7.34 9.29 19.77
CA GLN G 138 -6.35 8.32 19.31
C GLN G 138 -5.19 9.02 18.62
N ARG G 139 -5.50 9.95 17.69
CA ARG G 139 -4.43 10.68 16.99
C ARG G 139 -3.53 11.39 17.99
N MET G 140 -4.15 12.06 18.97
CA MET G 140 -3.37 12.75 20.00
C MET G 140 -2.42 11.81 20.71
N GLN G 141 -2.87 10.59 21.02
CA GLN G 141 -2.03 9.62 21.71
C GLN G 141 -0.84 9.17 20.86
N VAL G 142 -1.09 8.86 19.58
CA VAL G 142 0.02 8.53 18.69
C VAL G 142 1.01 9.71 18.60
N HIS G 143 0.50 10.91 18.29
CA HIS G 143 1.41 12.03 18.04
C HIS G 143 2.19 12.41 19.28
N GLU G 144 1.56 12.41 20.46
CA GLU G 144 2.30 12.72 21.68
C GLU G 144 3.35 11.67 21.98
N LYS G 145 3.02 10.39 21.78
CA LYS G 145 4.03 9.35 21.92
C LYS G 145 5.15 9.55 20.91
N THR G 146 4.80 9.75 19.64
CA THR G 146 5.85 9.92 18.63
C THR G 146 6.71 11.13 18.97
N ALA G 147 6.12 12.19 19.52
CA ALA G 147 6.89 13.38 19.86
C ALA G 147 7.95 13.07 20.92
N TRP G 148 7.55 12.33 21.97
CA TRP G 148 8.53 11.89 22.97
C TRP G 148 9.69 11.13 22.32
N MET G 149 9.37 10.16 21.47
CA MET G 149 10.45 9.36 20.89
C MET G 149 11.33 10.23 20.02
N LEU G 150 10.74 11.14 19.26
CA LEU G 150 11.55 12.03 18.43
C LEU G 150 12.45 12.89 19.29
N ARG G 151 11.88 13.60 20.27
CA ARG G 151 12.66 14.56 21.03
CA ARG G 151 12.69 14.57 21.00
C ARG G 151 13.70 13.88 21.91
N SER G 152 13.49 12.61 22.25
CA SER G 152 14.54 11.94 23.02
C SER G 152 15.84 11.85 22.22
N LEU G 153 15.75 11.89 20.88
CA LEU G 153 16.97 11.82 20.07
C LEU G 153 17.81 13.08 20.21
N LEU G 154 17.19 14.22 20.53
CA LEU G 154 17.94 15.47 20.61
C LEU G 154 18.60 15.68 21.96
N ALA G 155 18.23 14.89 22.98
CA ALA G 155 18.62 15.19 24.34
C ALA G 155 20.14 15.16 24.52
N SER G 156 20.64 16.06 25.36
CA SER G 156 22.07 16.22 25.57
C SER G 156 22.37 16.52 27.02
N MET H 1 21.29 -35.40 -21.98
CA MET H 1 20.40 -34.89 -23.05
C MET H 1 20.93 -33.57 -23.59
N GLU H 2 20.87 -33.36 -24.91
CA GLU H 2 21.46 -32.16 -25.48
C GLU H 2 20.64 -30.92 -25.15
N ILE H 3 21.33 -29.80 -25.06
CA ILE H 3 20.73 -28.53 -24.70
C ILE H 3 20.41 -27.79 -26.00
N ASN H 4 19.16 -27.37 -26.15
CA ASN H 4 18.69 -26.60 -27.30
C ASN H 4 17.87 -25.44 -26.77
N ILE H 5 18.56 -24.46 -26.19
CA ILE H 5 17.92 -23.29 -25.65
C ILE H 5 18.20 -22.08 -26.51
N GLY H 6 18.69 -22.28 -27.74
CA GLY H 6 18.89 -21.21 -28.67
C GLY H 6 20.21 -20.50 -28.54
N ILE H 7 21.15 -21.04 -27.77
CA ILE H 7 22.49 -20.51 -27.64
C ILE H 7 23.46 -21.66 -27.78
N GLY H 8 24.44 -21.51 -28.67
CA GLY H 8 25.43 -22.56 -28.86
C GLY H 8 26.40 -22.70 -27.70
N GLU H 9 27.12 -23.82 -27.71
CA GLU H 9 27.86 -24.26 -26.54
C GLU H 9 29.00 -23.31 -26.16
N GLN H 10 29.78 -22.83 -27.13
CA GLN H 10 30.86 -21.92 -26.78
C GLN H 10 30.35 -20.55 -26.37
N ASP H 11 29.23 -20.11 -26.93
CA ASP H 11 28.66 -18.85 -26.46
C ASP H 11 28.11 -18.98 -25.05
N ARG H 12 27.53 -20.14 -24.73
CA ARG H 12 27.08 -20.39 -23.36
C ARG H 12 28.27 -20.45 -22.42
N ALA H 13 29.36 -21.09 -22.86
CA ALA H 13 30.59 -21.13 -22.06
C ALA H 13 31.12 -19.73 -21.77
N ALA H 14 31.04 -18.83 -22.73
CA ALA H 14 31.50 -17.46 -22.48
C ALA H 14 30.62 -16.75 -21.47
N ILE H 15 29.28 -16.86 -21.61
CA ILE H 15 28.38 -16.25 -20.64
C ILE H 15 28.63 -16.84 -19.26
N ALA H 16 28.80 -18.16 -19.19
CA ALA H 16 29.06 -18.82 -17.92
C ALA H 16 30.37 -18.33 -17.29
N GLU H 17 31.40 -18.08 -18.12
CA GLU H 17 32.66 -17.52 -17.62
C GLU H 17 32.46 -16.15 -16.99
N GLY H 18 31.61 -15.33 -17.60
CA GLY H 18 31.33 -14.03 -17.02
C GLY H 18 30.54 -14.16 -15.73
N LEU H 19 29.50 -14.99 -15.74
CA LEU H 19 28.71 -15.21 -14.53
C LEU H 19 29.55 -15.83 -13.43
N SER H 20 30.63 -16.55 -13.79
CA SER H 20 31.48 -17.14 -12.76
C SER H 20 32.29 -16.07 -12.05
N ARG H 21 32.72 -15.03 -12.78
CA ARG H 21 33.36 -13.91 -12.11
C ARG H 21 32.36 -13.15 -11.26
N LEU H 22 31.14 -12.97 -11.77
CA LEU H 22 30.10 -12.31 -10.98
C LEU H 22 29.81 -13.09 -9.71
N LEU H 23 29.68 -14.41 -9.81
CA LEU H 23 29.49 -15.25 -8.64
C LEU H 23 30.64 -15.09 -7.68
N ALA H 24 31.87 -15.17 -8.19
CA ALA H 24 33.06 -15.00 -7.35
C ALA H 24 33.02 -13.68 -6.59
N ASP H 25 32.67 -12.59 -7.30
CA ASP H 25 32.59 -11.28 -6.65
C ASP H 25 31.46 -11.24 -5.64
N THR H 26 30.27 -11.68 -6.05
CA THR H 26 29.14 -11.69 -5.13
C THR H 26 29.46 -12.50 -3.89
N TYR H 27 30.09 -13.67 -4.06
CA TYR H 27 30.38 -14.50 -2.91
C TYR H 27 31.44 -13.87 -2.02
N THR H 28 32.49 -13.31 -2.63
CA THR H 28 33.47 -12.62 -1.79
C THR H 28 32.82 -11.48 -1.02
N LEU H 29 31.93 -10.70 -1.66
CA LEU H 29 31.27 -9.63 -0.92
C LEU H 29 30.35 -10.19 0.16
N TYR H 30 29.75 -11.36 -0.09
CA TYR H 30 28.93 -12.01 0.93
C TYR H 30 29.75 -12.30 2.19
N LEU H 31 30.90 -12.92 2.00
CA LEU H 31 31.70 -13.31 3.14
C LEU H 31 32.24 -12.08 3.88
N LYS H 32 32.67 -11.07 3.14
CA LYS H 32 33.14 -9.85 3.78
C LYS H 32 32.03 -9.23 4.60
N THR H 33 30.85 -9.06 3.99
CA THR H 33 29.70 -8.52 4.71
C THR H 33 29.41 -9.33 5.96
N HIS H 34 29.44 -10.66 5.84
CA HIS H 34 29.21 -11.54 6.98
C HIS H 34 30.25 -11.27 8.06
N ASN H 35 31.50 -11.22 7.63
CA ASN H 35 32.62 -10.96 8.52
C ASN H 35 32.42 -9.65 9.27
N PHE H 36 32.11 -8.56 8.55
CA PHE H 36 31.92 -7.28 9.21
C PHE H 36 30.70 -7.31 10.12
N HIS H 37 29.65 -8.05 9.74
CA HIS H 37 28.51 -8.25 10.64
C HIS H 37 28.96 -8.77 12.01
N TRP H 38 29.83 -9.79 12.03
CA TRP H 38 30.26 -10.36 13.30
C TRP H 38 31.16 -9.40 14.07
N ASN H 39 32.01 -8.65 13.37
CA ASN H 39 33.18 -8.02 13.99
C ASN H 39 33.08 -6.53 14.23
N VAL H 40 32.12 -5.83 13.63
CA VAL H 40 31.99 -4.41 13.84
C VAL H 40 31.76 -4.09 15.32
N THR H 41 32.35 -2.99 15.80
CA THR H 41 32.07 -2.47 17.12
C THR H 41 32.01 -0.94 17.09
N GLY H 42 31.79 -0.36 18.26
CA GLY H 42 31.59 1.05 18.41
C GLY H 42 30.14 1.39 18.56
N PRO H 43 29.83 2.68 18.72
CA PRO H 43 28.45 3.12 18.96
C PRO H 43 27.50 2.79 17.84
N MET H 44 28.00 2.43 16.65
CA MET H 44 27.11 2.07 15.56
C MET H 44 26.83 0.56 15.53
N PHE H 45 27.32 -0.19 16.52
CA PHE H 45 27.20 -1.65 16.49
C PHE H 45 25.78 -2.10 16.13
N ASN H 46 24.79 -1.72 16.92
CA ASN H 46 23.45 -2.23 16.67
C ASN H 46 23.02 -1.95 15.23
N THR H 47 23.24 -0.73 14.77
CA THR H 47 22.72 -0.37 13.45
C THR H 47 23.43 -1.14 12.35
N LEU H 48 24.76 -1.30 12.47
CA LEU H 48 25.55 -1.93 11.43
C LEU H 48 25.49 -3.45 11.51
N HIS H 49 25.43 -4.00 12.71
CA HIS H 49 25.19 -5.43 12.86
C HIS H 49 23.95 -5.81 12.09
N LEU H 50 22.85 -5.06 12.31
CA LEU H 50 21.61 -5.35 11.62
C LEU H 50 21.72 -5.08 10.13
N MET H 51 22.30 -3.95 9.76
CA MET H 51 22.38 -3.59 8.35
C MET H 51 23.17 -4.62 7.57
N PHE H 52 24.32 -5.02 8.10
CA PHE H 52 25.13 -5.99 7.39
C PHE H 52 24.46 -7.36 7.37
N GLU H 53 23.63 -7.66 8.38
CA GLU H 53 22.86 -8.88 8.37
C GLU H 53 21.89 -8.89 7.21
N GLY H 54 21.21 -7.77 6.99
CA GLY H 54 20.30 -7.70 5.86
C GLY H 54 21.03 -7.91 4.56
N GLN H 55 22.26 -7.42 4.47
CA GLN H 55 23.02 -7.52 3.24
C GLN H 55 23.51 -8.95 3.03
N TYR H 56 24.11 -9.57 4.05
CA TYR H 56 24.65 -10.90 3.80
C TYR H 56 23.52 -11.89 3.53
N THR H 57 22.37 -11.70 4.20
CA THR H 57 21.20 -12.54 3.93
C THR H 57 20.74 -12.38 2.49
N GLU H 58 20.68 -11.15 1.96
CA GLU H 58 20.32 -10.93 0.56
C GLU H 58 21.35 -11.56 -0.38
N LEU H 59 22.63 -11.38 -0.10
CA LEU H 59 23.67 -11.91 -0.96
C LEU H 59 23.68 -13.43 -0.98
N ALA H 60 23.42 -14.07 0.15
CA ALA H 60 23.35 -15.52 0.14
C ALA H 60 22.33 -16.01 -0.88
N VAL H 61 21.21 -15.31 -1.01
CA VAL H 61 20.22 -15.68 -2.02
C VAL H 61 20.75 -15.37 -3.43
N ALA H 62 21.47 -14.25 -3.59
CA ALA H 62 21.99 -13.90 -4.90
C ALA H 62 23.02 -14.92 -5.37
N VAL H 63 23.87 -15.43 -4.48
CA VAL H 63 24.84 -16.43 -4.93
CA VAL H 63 24.84 -16.46 -4.87
C VAL H 63 24.13 -17.67 -5.47
N ASP H 64 23.00 -18.05 -4.87
CA ASP H 64 22.28 -19.22 -5.36
C ASP H 64 21.62 -18.93 -6.71
N ASP H 65 21.06 -17.73 -6.91
CA ASP H 65 20.43 -17.45 -8.19
C ASP H 65 21.46 -17.38 -9.31
N ILE H 66 22.63 -16.82 -9.04
CA ILE H 66 23.66 -16.69 -10.07
C ILE H 66 24.20 -18.06 -10.43
N ALA H 67 24.50 -18.87 -9.41
CA ALA H 67 25.04 -20.20 -9.67
C ALA H 67 24.07 -21.05 -10.48
N GLU H 68 22.78 -20.92 -10.19
CA GLU H 68 21.82 -21.72 -10.94
C GLU H 68 21.62 -21.20 -12.36
N ARG H 69 21.88 -19.91 -12.63
CA ARG H 69 21.88 -19.47 -14.02
C ARG H 69 23.02 -20.12 -14.78
N ILE H 70 24.19 -20.19 -14.15
CA ILE H 70 25.30 -20.91 -14.73
C ILE H 70 24.89 -22.33 -15.09
N ARG H 71 24.25 -23.04 -14.15
CA ARG H 71 23.76 -24.40 -14.40
C ARG H 71 22.74 -24.43 -15.54
N ALA H 72 21.82 -23.48 -15.57
CA ALA H 72 20.86 -23.43 -16.67
C ALA H 72 21.56 -23.25 -18.00
N LEU H 73 22.77 -22.64 -18.01
CA LEU H 73 23.54 -22.52 -19.25
C LEU H 73 24.33 -23.79 -19.58
N GLY H 74 24.32 -24.76 -18.69
CA GLY H 74 24.92 -26.04 -18.95
C GLY H 74 26.34 -26.22 -18.47
N PHE H 75 26.76 -25.45 -17.48
CA PHE H 75 28.13 -25.51 -16.98
C PHE H 75 28.15 -25.63 -15.47
N PRO H 76 29.24 -26.15 -14.90
CA PRO H 76 29.33 -26.24 -13.43
C PRO H 76 29.50 -24.88 -12.79
N ALA H 77 28.88 -24.72 -11.63
CA ALA H 77 29.04 -23.48 -10.89
C ALA H 77 30.29 -23.58 -10.02
N PRO H 78 31.22 -22.64 -10.05
CA PRO H 78 32.36 -22.75 -9.15
C PRO H 78 31.93 -22.52 -7.72
N GLY H 79 32.62 -23.18 -6.79
CA GLY H 79 32.28 -23.10 -5.40
C GLY H 79 33.37 -23.61 -4.47
N THR H 80 34.55 -23.00 -4.52
CA THR H 80 35.63 -23.25 -3.57
C THR H 80 36.36 -21.95 -3.27
N TYR H 81 37.09 -21.94 -2.16
CA TYR H 81 37.96 -20.80 -1.83
C TYR H 81 38.92 -20.51 -2.98
N ALA H 82 39.58 -21.53 -3.51
CA ALA H 82 40.52 -21.34 -4.61
C ALA H 82 39.85 -20.78 -5.86
N ALA H 83 38.66 -21.28 -6.21
CA ALA H 83 38.00 -20.76 -7.40
C ALA H 83 37.61 -19.30 -7.20
N TYR H 84 37.02 -18.98 -6.05
CA TYR H 84 36.59 -17.61 -5.78
C TYR H 84 37.79 -16.68 -5.61
N ALA H 85 38.85 -17.11 -4.92
CA ALA H 85 40.06 -16.28 -4.87
C ALA H 85 40.54 -15.96 -6.29
N ARG H 86 40.52 -16.95 -7.17
CA ARG H 86 41.07 -16.76 -8.51
C ARG H 86 40.20 -15.82 -9.35
N LEU H 87 38.89 -15.95 -9.23
CA LEU H 87 37.97 -15.31 -10.14
C LEU H 87 37.49 -13.96 -9.65
N SER H 88 37.72 -13.66 -8.39
CA SER H 88 37.15 -12.46 -7.78
C SER H 88 38.04 -11.27 -8.07
N SER H 89 37.43 -10.12 -8.34
CA SER H 89 38.12 -8.84 -8.46
C SER H 89 38.03 -8.03 -7.18
N ILE H 90 37.33 -8.54 -6.18
CA ILE H 90 37.18 -7.87 -4.89
C ILE H 90 38.20 -8.48 -3.93
N LYS H 91 38.89 -7.62 -3.22
CA LYS H 91 39.89 -8.05 -2.28
C LYS H 91 39.28 -8.24 -0.91
N GLU H 92 39.77 -9.22 -0.19
CA GLU H 92 39.32 -9.49 1.15
C GLU H 92 40.07 -8.66 2.18
N GLU H 93 39.41 -8.44 3.31
CA GLU H 93 39.98 -7.75 4.47
C GLU H 93 40.35 -8.81 5.50
N GLU H 94 41.63 -8.90 5.86
CA GLU H 94 42.10 -9.92 6.80
C GLU H 94 42.09 -9.46 8.26
N GLY H 95 41.89 -8.16 8.51
CA GLY H 95 41.88 -7.62 9.84
C GLY H 95 40.51 -7.16 10.27
N VAL H 96 40.50 -6.30 11.29
CA VAL H 96 39.24 -5.78 11.81
C VAL H 96 39.31 -4.27 11.74
N PRO H 97 38.85 -3.64 10.67
CA PRO H 97 38.94 -2.18 10.55
C PRO H 97 37.84 -1.46 11.34
N GLU H 98 38.08 -0.16 11.53
CA GLU H 98 37.08 0.70 12.14
C GLU H 98 35.76 0.65 11.36
N ALA H 99 34.66 0.87 12.07
CA ALA H 99 33.34 0.83 11.44
C ALA H 99 33.28 1.62 10.14
N GLU H 100 33.95 2.78 10.11
CA GLU H 100 33.83 3.65 8.93
C GLU H 100 34.53 3.04 7.73
N GLU H 101 35.67 2.39 7.96
CA GLU H 101 36.37 1.72 6.89
C GLU H 101 35.57 0.52 6.40
N MET H 102 34.91 -0.18 7.32
CA MET H 102 34.02 -1.28 6.91
C MET H 102 32.94 -0.78 5.95
N ILE H 103 32.27 0.33 6.31
CA ILE H 103 31.26 0.88 5.42
C ILE H 103 31.86 1.22 4.08
N ARG H 104 33.06 1.82 4.09
CA ARG H 104 33.72 2.27 2.87
C ARG H 104 34.07 1.09 1.97
N GLN H 105 34.59 0.00 2.54
CA GLN H 105 34.88 -1.17 1.73
C GLN H 105 33.62 -1.77 1.12
N LEU H 106 32.53 -1.77 1.88
CA LEU H 106 31.30 -2.37 1.37
C LEU H 106 30.72 -1.52 0.25
N VAL H 107 30.81 -0.19 0.36
CA VAL H 107 30.43 0.67 -0.76
C VAL H 107 31.22 0.30 -1.99
N GLN H 108 32.54 0.16 -1.84
CA GLN H 108 33.37 -0.20 -2.98
C GLN H 108 33.06 -1.59 -3.46
N GLY H 109 32.66 -2.48 -2.56
CA GLY H 109 32.26 -3.83 -2.99
C GLY H 109 31.02 -3.81 -3.85
N GLN H 110 29.99 -3.09 -3.40
CA GLN H 110 28.80 -2.96 -4.23
C GLN H 110 29.20 -2.52 -5.62
N GLU H 111 30.09 -1.51 -5.71
CA GLU H 111 30.41 -0.90 -7.00
C GLU H 111 31.29 -1.81 -7.84
N ALA H 112 32.13 -2.61 -7.19
CA ALA H 112 32.92 -3.60 -7.93
C ALA H 112 32.01 -4.61 -8.59
N VAL H 113 30.88 -4.93 -7.96
CA VAL H 113 30.00 -5.94 -8.52
C VAL H 113 29.25 -5.35 -9.71
N VAL H 114 28.83 -4.09 -9.60
CA VAL H 114 28.21 -3.39 -10.72
C VAL H 114 29.15 -3.38 -11.91
N ARG H 115 30.42 -3.10 -11.66
CA ARG H 115 31.40 -3.10 -12.73
C ARG H 115 31.44 -4.45 -13.43
N THR H 116 31.53 -5.54 -12.65
CA THR H 116 31.59 -6.88 -13.26
C THR H 116 30.32 -7.16 -14.05
N ALA H 117 29.16 -6.75 -13.53
CA ALA H 117 27.92 -6.96 -14.28
C ALA H 117 27.96 -6.21 -15.60
N ARG H 118 28.37 -4.94 -15.58
CA ARG H 118 28.42 -4.17 -16.81
C ARG H 118 29.31 -4.84 -17.83
N SER H 119 30.42 -5.43 -17.38
CA SER H 119 31.39 -6.04 -18.29
C SER H 119 30.80 -7.20 -19.08
N ILE H 120 29.68 -7.74 -18.65
CA ILE H 120 29.14 -8.93 -19.30
C ILE H 120 28.13 -8.59 -20.39
N PHE H 121 27.54 -7.40 -20.35
CA PHE H 121 26.53 -7.05 -21.33
C PHE H 121 27.00 -7.04 -22.78
N PRO H 122 28.22 -6.60 -23.12
CA PRO H 122 28.64 -6.69 -24.53
C PRO H 122 28.45 -8.08 -25.09
N LEU H 123 28.74 -9.08 -24.28
CA LEU H 123 28.56 -10.46 -24.68
C LEU H 123 27.10 -10.78 -24.91
N LEU H 124 26.24 -10.43 -23.95
CA LEU H 124 24.83 -10.80 -24.07
C LEU H 124 24.21 -10.21 -25.31
N ASP H 125 24.54 -8.94 -25.62
CA ASP H 125 24.05 -8.29 -26.83
C ASP H 125 24.29 -9.18 -28.04
N LYS H 126 25.57 -9.42 -28.35
CA LYS H 126 25.96 -10.23 -29.51
C LYS H 126 25.32 -11.62 -29.49
N VAL H 127 25.13 -12.22 -28.32
CA VAL H 127 24.68 -13.61 -28.29
C VAL H 127 23.17 -13.72 -28.13
N SER H 128 22.56 -12.75 -27.46
CA SER H 128 21.12 -12.72 -27.22
C SER H 128 20.74 -13.70 -26.12
N ASP H 129 20.67 -13.19 -24.88
CA ASP H 129 20.43 -13.99 -23.68
C ASP H 129 19.70 -13.06 -22.70
N GLU H 130 18.41 -13.00 -22.82
CA GLU H 130 17.63 -12.02 -22.09
C GLU H 130 17.56 -12.38 -20.62
N PRO H 131 17.44 -13.67 -20.30
CA PRO H 131 17.45 -14.05 -18.87
C PRO H 131 18.71 -13.62 -18.16
N THR H 132 19.87 -13.86 -18.75
CA THR H 132 21.09 -13.43 -18.06
C THR H 132 21.11 -11.91 -17.93
N ALA H 133 20.70 -11.20 -18.97
CA ALA H 133 20.70 -9.75 -18.89
C ALA H 133 19.78 -9.28 -17.77
N ASP H 134 18.63 -9.93 -17.61
CA ASP H 134 17.71 -9.57 -16.52
C ASP H 134 18.34 -9.86 -15.16
N LEU H 135 19.06 -10.97 -15.04
CA LEU H 135 19.78 -11.24 -13.80
C LEU H 135 20.79 -10.14 -13.46
N LEU H 136 21.60 -9.72 -14.44
CA LEU H 136 22.59 -8.70 -14.17
C LEU H 136 21.90 -7.40 -13.83
N THR H 137 20.77 -7.13 -14.49
CA THR H 137 20.03 -5.92 -14.19
C THR H 137 19.55 -5.94 -12.75
N GLN H 138 19.05 -7.08 -12.27
CA GLN H 138 18.56 -7.13 -10.88
C GLN H 138 19.70 -6.96 -9.89
N ARG H 139 20.87 -7.54 -10.16
CA ARG H 139 21.98 -7.35 -9.24
C ARG H 139 22.45 -5.91 -9.22
N MET H 140 22.44 -5.25 -10.38
CA MET H 140 22.87 -3.86 -10.41
C MET H 140 21.92 -2.99 -9.61
N GLN H 141 20.61 -3.24 -9.73
CA GLN H 141 19.62 -2.52 -8.94
C GLN H 141 19.90 -2.63 -7.44
N VAL H 142 20.09 -3.85 -6.96
CA VAL H 142 20.30 -4.11 -5.54
C VAL H 142 21.57 -3.45 -5.04
N HIS H 143 22.67 -3.60 -5.79
CA HIS H 143 23.95 -3.05 -5.34
C HIS H 143 23.97 -1.53 -5.41
N GLU H 144 23.27 -0.92 -6.35
CA GLU H 144 23.27 0.53 -6.41
C GLU H 144 22.42 1.10 -5.28
N LYS H 145 21.30 0.45 -4.99
CA LYS H 145 20.50 0.78 -3.81
C LYS H 145 21.32 0.61 -2.54
N THR H 146 21.93 -0.57 -2.37
CA THR H 146 22.73 -0.82 -1.19
C THR H 146 23.83 0.22 -1.05
N ALA H 147 24.40 0.66 -2.17
CA ALA H 147 25.49 1.60 -2.07
C ALA H 147 25.02 2.96 -1.57
N TRP H 148 23.80 3.39 -1.96
CA TRP H 148 23.26 4.64 -1.48
C TRP H 148 23.04 4.59 0.02
N MET H 149 22.49 3.47 0.50
CA MET H 149 22.24 3.34 1.93
C MET H 149 23.53 3.34 2.72
N LEU H 150 24.56 2.68 2.20
CA LEU H 150 25.84 2.65 2.89
C LEU H 150 26.52 4.02 2.90
N ARG H 151 26.67 4.67 1.73
CA ARG H 151 27.40 5.93 1.67
CA ARG H 151 27.44 5.90 1.78
C ARG H 151 26.66 7.02 2.43
N SER H 152 25.33 6.90 2.51
CA SER H 152 24.54 7.87 3.25
C SER H 152 25.01 7.98 4.69
N LEU H 153 25.55 6.90 5.25
CA LEU H 153 26.04 6.90 6.62
C LEU H 153 27.31 7.74 6.77
N LEU H 154 28.02 7.97 5.68
CA LEU H 154 29.28 8.68 5.72
C LEU H 154 29.09 10.16 5.48
N ALA H 155 27.92 10.56 4.97
CA ALA H 155 27.63 11.95 4.69
C ALA H 155 27.81 12.81 5.92
N SER H 156 28.49 13.93 5.75
CA SER H 156 28.55 14.98 6.77
C SER H 156 27.18 15.20 7.43
N MET I 1 31.26 10.42 0.17
CA MET I 1 31.99 9.44 -0.69
C MET I 1 31.59 9.55 -2.16
N GLU I 2 32.58 9.54 -3.06
CA GLU I 2 32.27 9.66 -4.48
C GLU I 2 31.39 8.50 -4.94
N ILE I 3 30.51 8.79 -5.89
CA ILE I 3 29.62 7.81 -6.48
C ILE I 3 30.28 7.27 -7.76
N ASN I 4 30.61 5.98 -7.76
CA ASN I 4 31.23 5.32 -8.92
C ASN I 4 30.37 4.14 -9.36
N ILE I 5 29.23 4.41 -10.00
CA ILE I 5 28.35 3.34 -10.49
C ILE I 5 28.34 3.27 -12.02
N GLY I 6 29.30 3.91 -12.67
CA GLY I 6 29.40 3.86 -14.11
C GLY I 6 28.53 4.87 -14.84
N ILE I 7 27.97 5.85 -14.17
CA ILE I 7 27.18 6.88 -14.83
C ILE I 7 27.68 8.24 -14.34
N GLY I 8 27.94 9.14 -15.27
CA GLY I 8 28.40 10.46 -14.89
C GLY I 8 27.35 11.26 -14.14
N GLU I 9 27.82 12.30 -13.47
CA GLU I 9 26.95 13.09 -12.60
C GLU I 9 25.84 13.79 -13.39
N GLN I 10 26.19 14.47 -14.48
CA GLN I 10 25.13 15.16 -15.24
C GLN I 10 24.20 14.17 -15.90
N ASP I 11 24.73 13.02 -16.35
CA ASP I 11 23.87 11.96 -16.86
C ASP I 11 22.92 11.43 -15.77
N ARG I 12 23.43 11.27 -14.55
CA ARG I 12 22.55 10.87 -13.47
C ARG I 12 21.52 11.95 -13.17
N ALA I 13 21.91 13.23 -13.23
CA ALA I 13 20.96 14.31 -12.96
C ALA I 13 19.81 14.29 -13.98
N ALA I 14 20.11 13.96 -15.23
CA ALA I 14 19.06 13.93 -16.26
C ALA I 14 18.13 12.75 -16.04
N ILE I 15 18.67 11.60 -15.62
CA ILE I 15 17.80 10.46 -15.30
C ILE I 15 16.95 10.79 -14.11
N ALA I 16 17.55 11.44 -13.12
CA ALA I 16 16.82 11.79 -11.90
C ALA I 16 15.72 12.79 -12.22
N GLU I 17 15.99 13.76 -13.09
CA GLU I 17 14.95 14.68 -13.55
C GLU I 17 13.79 13.93 -14.19
N GLY I 18 14.07 12.98 -15.09
CA GLY I 18 12.99 12.20 -15.64
C GLY I 18 12.24 11.41 -14.57
N LEU I 19 12.96 10.79 -13.65
CA LEU I 19 12.30 10.00 -12.62
C LEU I 19 11.52 10.89 -11.65
N SER I 20 11.94 12.14 -11.49
CA SER I 20 11.21 13.05 -10.63
C SER I 20 9.85 13.43 -11.22
N ARG I 21 9.76 13.48 -12.55
CA ARG I 21 8.45 13.65 -13.16
C ARG I 21 7.64 12.37 -13.09
N LEU I 22 8.29 11.21 -13.24
CA LEU I 22 7.56 9.96 -13.02
C LEU I 22 7.01 9.88 -11.60
N LEU I 23 7.80 10.32 -10.61
CA LEU I 23 7.35 10.28 -9.23
C LEU I 23 6.16 11.22 -9.03
N ALA I 24 6.23 12.40 -9.61
CA ALA I 24 5.16 13.38 -9.42
C ALA I 24 3.86 12.89 -10.01
N ASP I 25 3.93 12.27 -11.19
CA ASP I 25 2.72 11.74 -11.79
C ASP I 25 2.21 10.55 -10.99
N THR I 26 3.12 9.72 -10.49
CA THR I 26 2.71 8.55 -9.72
C THR I 26 2.07 9.00 -8.40
N TYR I 27 2.66 9.99 -7.72
CA TYR I 27 2.07 10.47 -6.48
C TYR I 27 0.73 11.15 -6.74
N THR I 28 0.63 11.93 -7.81
CA THR I 28 -0.64 12.59 -8.09
C THR I 28 -1.73 11.57 -8.36
N LEU I 29 -1.38 10.48 -9.04
CA LEU I 29 -2.36 9.45 -9.29
C LEU I 29 -2.66 8.67 -8.03
N TYR I 30 -1.66 8.48 -7.17
CA TYR I 30 -1.88 7.87 -5.88
C TYR I 30 -2.94 8.65 -5.12
N LEU I 31 -2.75 9.96 -5.01
CA LEU I 31 -3.69 10.78 -4.26
C LEU I 31 -5.04 10.80 -4.95
N LYS I 32 -5.08 11.00 -6.27
CA LYS I 32 -6.39 10.97 -6.93
C LYS I 32 -7.10 9.63 -6.71
N THR I 33 -6.35 8.53 -6.75
CA THR I 33 -7.00 7.24 -6.55
C THR I 33 -7.52 7.11 -5.12
N HIS I 34 -6.73 7.60 -4.17
CA HIS I 34 -7.10 7.58 -2.76
C HIS I 34 -8.35 8.41 -2.50
N ASN I 35 -8.34 9.62 -3.03
CA ASN I 35 -9.51 10.49 -3.00
C ASN I 35 -10.74 9.76 -3.53
N PHE I 36 -10.68 9.23 -4.75
CA PHE I 36 -11.86 8.56 -5.30
C PHE I 36 -12.29 7.38 -4.44
N HIS I 37 -11.34 6.72 -3.79
CA HIS I 37 -11.66 5.63 -2.89
C HIS I 37 -12.57 6.09 -1.74
N TRP I 38 -12.19 7.19 -1.07
CA TRP I 38 -13.04 7.78 -0.02
C TRP I 38 -14.38 8.23 -0.55
N ASN I 39 -14.42 8.79 -1.76
CA ASN I 39 -15.55 9.62 -2.16
C ASN I 39 -16.49 8.99 -3.17
N VAL I 40 -16.15 7.87 -3.79
CA VAL I 40 -17.06 7.31 -4.78
C VAL I 40 -18.35 6.87 -4.08
N THR I 41 -19.46 6.96 -4.82
CA THR I 41 -20.77 6.49 -4.34
C THR I 41 -21.52 5.91 -5.53
N GLY I 42 -22.70 5.36 -5.24
CA GLY I 42 -23.52 4.74 -6.23
C GLY I 42 -23.53 3.24 -6.07
N PRO I 43 -24.25 2.54 -6.95
CA PRO I 43 -24.38 1.08 -6.81
C PRO I 43 -23.08 0.33 -6.97
N MET I 44 -22.05 0.96 -7.55
CA MET I 44 -20.75 0.33 -7.69
C MET I 44 -19.86 0.60 -6.49
N PHE I 45 -20.41 1.15 -5.40
CA PHE I 45 -19.56 1.61 -4.30
C PHE I 45 -18.63 0.53 -3.81
N ASN I 46 -19.18 -0.65 -3.54
CA ASN I 46 -18.39 -1.68 -2.90
C ASN I 46 -17.27 -2.13 -3.82
N THR I 47 -17.55 -2.30 -5.10
CA THR I 47 -16.51 -2.82 -5.97
C THR I 47 -15.45 -1.77 -6.29
N LEU I 48 -15.84 -0.48 -6.44
CA LEU I 48 -14.84 0.56 -6.72
C LEU I 48 -14.04 0.98 -5.48
N HIS I 49 -14.71 1.12 -4.33
CA HIS I 49 -14.00 1.30 -3.06
C HIS I 49 -12.85 0.33 -2.95
N LEU I 50 -13.12 -0.94 -3.23
CA LEU I 50 -12.09 -1.96 -3.05
C LEU I 50 -11.08 -1.89 -4.18
N MET I 51 -11.54 -1.74 -5.41
CA MET I 51 -10.62 -1.65 -6.53
C MET I 51 -9.70 -0.44 -6.35
N PHE I 52 -10.28 0.73 -6.06
CA PHE I 52 -9.42 1.89 -5.84
C PHE I 52 -8.50 1.68 -4.64
N GLU I 53 -8.91 0.87 -3.68
CA GLU I 53 -7.99 0.61 -2.56
C GLU I 53 -6.81 -0.25 -2.99
N GLY I 54 -7.06 -1.25 -3.82
CA GLY I 54 -5.96 -2.02 -4.38
C GLY I 54 -4.99 -1.11 -5.12
N GLN I 55 -5.53 -0.19 -5.89
CA GLN I 55 -4.68 0.68 -6.69
C GLN I 55 -3.84 1.62 -5.81
N TYR I 56 -4.45 2.29 -4.82
CA TYR I 56 -3.63 3.26 -4.08
C TYR I 56 -2.61 2.55 -3.22
N THR I 57 -2.91 1.35 -2.75
CA THR I 57 -1.93 0.63 -1.97
C THR I 57 -0.71 0.27 -2.82
N GLU I 58 -0.94 -0.20 -4.05
CA GLU I 58 0.14 -0.52 -4.97
C GLU I 58 0.97 0.71 -5.31
N LEU I 59 0.30 1.83 -5.62
CA LEU I 59 0.98 3.08 -5.94
C LEU I 59 1.80 3.62 -4.76
N ALA I 60 1.35 3.38 -3.52
CA ALA I 60 2.14 3.86 -2.39
C ALA I 60 3.51 3.23 -2.39
N VAL I 61 3.58 1.94 -2.72
CA VAL I 61 4.87 1.25 -2.79
C VAL I 61 5.65 1.73 -4.00
N ALA I 62 4.95 1.96 -5.12
CA ALA I 62 5.62 2.49 -6.32
C ALA I 62 6.29 3.82 -6.02
N VAL I 63 5.60 4.73 -5.31
CA VAL I 63 6.22 6.02 -5.04
CA VAL I 63 6.19 6.02 -4.98
C VAL I 63 7.49 5.81 -4.23
N ASP I 64 7.52 4.84 -3.32
CA ASP I 64 8.72 4.64 -2.53
C ASP I 64 9.82 4.04 -3.41
N ASP I 65 9.45 3.16 -4.34
CA ASP I 65 10.46 2.53 -5.19
C ASP I 65 11.08 3.55 -6.14
N ILE I 66 10.25 4.40 -6.74
CA ILE I 66 10.78 5.40 -7.65
C ILE I 66 11.66 6.39 -6.91
N ALA I 67 11.20 6.87 -5.75
CA ALA I 67 12.01 7.84 -5.02
C ALA I 67 13.37 7.28 -4.66
N GLU I 68 13.45 5.98 -4.38
CA GLU I 68 14.73 5.44 -3.94
C GLU I 68 15.63 5.10 -5.09
N ARG I 69 15.09 4.96 -6.30
CA ARG I 69 15.96 4.92 -7.46
C ARG I 69 16.64 6.27 -7.66
N ILE I 70 15.88 7.35 -7.48
CA ILE I 70 16.49 8.69 -7.52
C ILE I 70 17.61 8.79 -6.51
N ARG I 71 17.36 8.35 -5.28
CA ARG I 71 18.42 8.37 -4.28
C ARG I 71 19.59 7.50 -4.70
N ALA I 72 19.31 6.33 -5.28
CA ALA I 72 20.44 5.52 -5.71
C ALA I 72 21.24 6.24 -6.79
N LEU I 73 20.60 7.11 -7.57
CA LEU I 73 21.33 7.87 -8.57
C LEU I 73 22.04 9.07 -7.96
N GLY I 74 21.88 9.31 -6.66
CA GLY I 74 22.61 10.37 -5.98
C GLY I 74 21.91 11.71 -5.91
N PHE I 75 20.59 11.76 -6.04
CA PHE I 75 19.88 13.02 -6.05
C PHE I 75 18.72 12.98 -5.08
N PRO I 76 18.28 14.15 -4.59
CA PRO I 76 17.16 14.16 -3.65
C PRO I 76 15.84 13.82 -4.32
N ALA I 77 14.96 13.10 -3.58
CA ALA I 77 13.63 12.81 -4.12
C ALA I 77 12.66 13.92 -3.77
N PRO I 78 11.93 14.47 -4.74
CA PRO I 78 10.94 15.50 -4.41
C PRO I 78 9.82 14.94 -3.58
N GLY I 79 9.31 15.79 -2.67
CA GLY I 79 8.32 15.38 -1.70
C GLY I 79 7.52 16.50 -1.07
N THR I 80 6.94 17.38 -1.89
CA THR I 80 6.07 18.42 -1.40
C THR I 80 4.94 18.61 -2.39
N TYR I 81 3.85 19.21 -1.90
CA TYR I 81 2.77 19.54 -2.81
C TYR I 81 3.25 20.45 -3.93
N ALA I 82 4.11 21.42 -3.62
CA ALA I 82 4.54 22.35 -4.66
C ALA I 82 5.42 21.65 -5.69
N ALA I 83 6.34 20.81 -5.23
CA ALA I 83 7.23 20.14 -6.16
C ALA I 83 6.45 19.20 -7.06
N TYR I 84 5.42 18.54 -6.52
CA TYR I 84 4.65 17.58 -7.33
C TYR I 84 3.69 18.29 -8.25
N ALA I 85 3.10 19.40 -7.80
CA ALA I 85 2.25 20.18 -8.69
C ALA I 85 3.06 20.74 -9.86
N ARG I 86 4.31 21.11 -9.61
CA ARG I 86 5.14 21.63 -10.69
C ARG I 86 5.50 20.55 -11.70
N LEU I 87 5.87 19.36 -11.21
CA LEU I 87 6.47 18.33 -12.04
C LEU I 87 5.47 17.38 -12.66
N SER I 88 4.24 17.38 -12.18
CA SER I 88 3.25 16.43 -12.61
C SER I 88 2.65 16.81 -13.95
N SER I 89 2.40 15.81 -14.79
CA SER I 89 1.65 16.03 -16.01
C SER I 89 0.17 15.74 -15.83
N ILE I 90 -0.25 15.30 -14.65
CA ILE I 90 -1.63 14.86 -14.39
C ILE I 90 -2.33 15.93 -13.57
N LYS I 91 -3.54 16.28 -13.97
CA LYS I 91 -4.37 17.23 -13.26
C LYS I 91 -5.18 16.55 -12.18
N GLU I 92 -5.35 17.23 -11.08
CA GLU I 92 -6.14 16.72 -9.98
C GLU I 92 -7.61 17.07 -10.18
N GLU I 93 -8.46 16.28 -9.53
CA GLU I 93 -9.90 16.50 -9.52
C GLU I 93 -10.25 17.09 -8.17
N GLU I 94 -10.79 18.31 -8.18
CA GLU I 94 -11.06 19.06 -6.95
C GLU I 94 -12.46 18.81 -6.41
N GLY I 95 -13.38 18.33 -7.23
CA GLY I 95 -14.73 17.98 -6.85
C GLY I 95 -14.90 16.49 -6.59
N VAL I 96 -16.10 15.99 -6.88
CA VAL I 96 -16.48 14.60 -6.69
C VAL I 96 -17.29 14.23 -7.91
N PRO I 97 -16.70 13.63 -8.92
CA PRO I 97 -17.46 13.30 -10.11
C PRO I 97 -18.23 12.00 -9.91
N GLU I 98 -19.10 11.73 -10.87
CA GLU I 98 -19.80 10.46 -10.90
C GLU I 98 -18.82 9.29 -11.10
N ALA I 99 -19.26 8.12 -10.64
CA ALA I 99 -18.40 6.94 -10.63
C ALA I 99 -17.80 6.67 -12.00
N GLU I 100 -18.60 6.79 -13.06
CA GLU I 100 -18.08 6.53 -14.40
C GLU I 100 -16.95 7.47 -14.73
N GLU I 101 -17.10 8.75 -14.39
CA GLU I 101 -16.05 9.71 -14.68
C GLU I 101 -14.82 9.47 -13.82
N MET I 102 -15.00 8.97 -12.59
CA MET I 102 -13.82 8.61 -11.80
C MET I 102 -13.01 7.53 -12.52
N ILE I 103 -13.70 6.50 -13.02
CA ILE I 103 -13.04 5.42 -13.72
C ILE I 103 -12.31 5.97 -14.95
N ARG I 104 -12.99 6.83 -15.70
CA ARG I 104 -12.39 7.43 -16.89
C ARG I 104 -11.15 8.22 -16.56
N GLN I 105 -11.18 9.01 -15.49
CA GLN I 105 -9.98 9.74 -15.12
C GLN I 105 -8.85 8.82 -14.65
N LEU I 106 -9.17 7.69 -13.99
CA LEU I 106 -8.09 6.82 -13.58
C LEU I 106 -7.46 6.10 -14.78
N VAL I 107 -8.26 5.69 -15.75
CA VAL I 107 -7.71 5.20 -17.02
C VAL I 107 -6.71 6.20 -17.59
N GLN I 108 -7.21 7.40 -17.94
CA GLN I 108 -6.36 8.49 -18.43
C GLN I 108 -5.12 8.67 -17.58
N GLY I 109 -5.28 8.54 -16.26
CA GLY I 109 -4.12 8.63 -15.39
C GLY I 109 -3.11 7.50 -15.58
N GLN I 110 -3.60 6.26 -15.75
CA GLN I 110 -2.65 5.16 -15.98
C GLN I 110 -1.83 5.44 -17.23
N GLU I 111 -2.51 5.93 -18.26
CA GLU I 111 -1.92 6.11 -19.57
C GLU I 111 -1.01 7.31 -19.55
N ALA I 112 -1.29 8.28 -18.68
CA ALA I 112 -0.39 9.41 -18.53
C ALA I 112 0.96 8.99 -17.95
N VAL I 113 0.94 8.12 -16.92
CA VAL I 113 2.19 7.62 -16.34
C VAL I 113 2.95 6.78 -17.38
N VAL I 114 2.23 6.04 -18.21
CA VAL I 114 2.90 5.26 -19.25
C VAL I 114 3.63 6.18 -20.22
N ARG I 115 2.97 7.27 -20.66
CA ARG I 115 3.65 8.24 -21.53
C ARG I 115 4.87 8.85 -20.85
N THR I 116 4.76 9.18 -19.56
CA THR I 116 5.91 9.75 -18.88
C THR I 116 7.07 8.76 -18.80
N ALA I 117 6.76 7.52 -18.41
CA ALA I 117 7.77 6.47 -18.46
C ALA I 117 8.38 6.35 -19.86
N ARG I 118 7.54 6.32 -20.91
CA ARG I 118 8.10 6.16 -22.26
C ARG I 118 9.08 7.27 -22.58
N SER I 119 8.80 8.48 -22.11
CA SER I 119 9.59 9.65 -22.50
C SER I 119 11.02 9.57 -22.00
N ILE I 120 11.26 8.79 -20.95
CA ILE I 120 12.56 8.68 -20.31
C ILE I 120 13.48 7.68 -21.02
N PHE I 121 12.93 6.83 -21.85
CA PHE I 121 13.75 5.76 -22.42
C PHE I 121 14.84 6.29 -23.34
N PRO I 122 14.58 7.30 -24.18
CA PRO I 122 15.68 7.78 -25.04
C PRO I 122 16.91 8.12 -24.23
N LEU I 123 16.70 8.73 -23.07
CA LEU I 123 17.83 9.05 -22.21
C LEU I 123 18.58 7.78 -21.81
N LEU I 124 17.87 6.73 -21.45
CA LEU I 124 18.54 5.55 -20.92
C LEU I 124 19.27 4.78 -22.02
N ASP I 125 18.74 4.79 -23.24
CA ASP I 125 19.49 4.27 -24.39
C ASP I 125 20.88 4.91 -24.43
N LYS I 126 20.93 6.23 -24.64
CA LYS I 126 22.19 6.95 -24.76
C LYS I 126 23.14 6.71 -23.58
N VAL I 127 22.60 6.57 -22.38
CA VAL I 127 23.44 6.62 -21.18
C VAL I 127 23.83 5.24 -20.68
N SER I 128 22.92 4.28 -20.74
CA SER I 128 23.13 2.95 -20.19
C SER I 128 22.86 2.92 -18.69
N ASP I 129 21.60 2.64 -18.32
CA ASP I 129 21.13 2.53 -16.94
C ASP I 129 20.05 1.44 -16.94
N GLU I 130 20.49 0.20 -16.75
CA GLU I 130 19.55 -0.91 -16.94
C GLU I 130 18.56 -0.98 -15.79
N PRO I 131 18.97 -0.67 -14.55
CA PRO I 131 18.02 -0.71 -13.44
C PRO I 131 16.85 0.22 -13.63
N THR I 132 17.13 1.47 -14.05
CA THR I 132 16.06 2.41 -14.28
C THR I 132 15.16 1.96 -15.41
N ALA I 133 15.75 1.39 -16.47
CA ALA I 133 14.92 0.85 -17.54
C ALA I 133 13.98 -0.22 -17.00
N ASP I 134 14.49 -1.11 -16.14
CA ASP I 134 13.64 -2.15 -15.58
C ASP I 134 12.53 -1.54 -14.71
N LEU I 135 12.83 -0.51 -13.92
CA LEU I 135 11.80 0.18 -13.14
C LEU I 135 10.71 0.72 -14.04
N LEU I 136 11.10 1.47 -15.07
CA LEU I 136 10.13 1.98 -16.03
C LEU I 136 9.26 0.86 -16.59
N THR I 137 9.91 -0.25 -16.98
CA THR I 137 9.18 -1.36 -17.57
C THR I 137 8.14 -1.92 -16.60
N GLN I 138 8.50 -2.06 -15.32
CA GLN I 138 7.54 -2.57 -14.33
C GLN I 138 6.38 -1.61 -14.13
N ARG I 139 6.66 -0.31 -14.07
CA ARG I 139 5.54 0.62 -13.96
C ARG I 139 4.64 0.54 -15.17
N MET I 140 5.23 0.38 -16.36
CA MET I 140 4.40 0.31 -17.55
C MET I 140 3.53 -0.93 -17.52
N GLN I 141 4.08 -2.05 -17.05
CA GLN I 141 3.28 -3.26 -16.94
C GLN I 141 2.12 -3.08 -15.98
N VAL I 142 2.35 -2.42 -14.84
CA VAL I 142 1.28 -2.29 -13.86
C VAL I 142 0.19 -1.37 -14.37
N HIS I 143 0.56 -0.24 -14.96
CA HIS I 143 -0.46 0.72 -15.38
C HIS I 143 -1.24 0.23 -16.59
N GLU I 144 -0.61 -0.52 -17.49
CA GLU I 144 -1.35 -1.04 -18.65
C GLU I 144 -2.34 -2.12 -18.21
N LYS I 145 -1.94 -2.97 -17.27
CA LYS I 145 -2.84 -3.96 -16.71
C LYS I 145 -4.02 -3.28 -16.00
N THR I 146 -3.72 -2.30 -15.15
CA THR I 146 -4.76 -1.57 -14.44
C THR I 146 -5.66 -0.82 -15.42
N ALA I 147 -5.09 -0.27 -16.48
CA ALA I 147 -5.96 0.38 -17.46
C ALA I 147 -6.95 -0.62 -18.06
N TRP I 148 -6.55 -1.89 -18.23
CA TRP I 148 -7.47 -2.87 -18.79
C TRP I 148 -8.61 -3.14 -17.81
N MET I 149 -8.27 -3.32 -16.54
CA MET I 149 -9.26 -3.59 -15.51
C MET I 149 -10.24 -2.46 -15.41
N LEU I 150 -9.73 -1.21 -15.40
CA LEU I 150 -10.59 -0.05 -15.28
C LEU I 150 -11.48 0.11 -16.47
N ARG I 151 -10.90 0.16 -17.68
CA ARG I 151 -11.72 0.40 -18.88
CA ARG I 151 -11.76 0.43 -18.83
C ARG I 151 -12.69 -0.75 -19.13
N SER I 152 -12.40 -1.93 -18.61
CA SER I 152 -13.37 -3.01 -18.76
C SER I 152 -14.67 -2.67 -18.04
N LEU I 153 -14.60 -1.84 -17.01
CA LEU I 153 -15.82 -1.47 -16.30
C LEU I 153 -16.75 -0.64 -17.17
N LEU I 154 -16.24 -0.01 -18.24
CA LEU I 154 -17.03 0.89 -19.07
C LEU I 154 -17.58 0.23 -20.33
N ALA I 155 -17.17 -0.99 -20.67
CA ALA I 155 -17.62 -1.63 -21.91
C ALA I 155 -19.15 -1.62 -22.07
N MET J 1 14.48 19.62 23.91
CA MET J 1 13.53 20.48 23.13
C MET J 1 12.19 20.60 23.89
N GLU J 2 11.64 21.83 23.95
CA GLU J 2 10.44 22.10 24.72
C GLU J 2 9.28 21.22 24.29
N ILE J 3 8.39 20.94 25.24
CA ILE J 3 7.20 20.12 25.00
C ILE J 3 5.98 21.03 24.89
N ASN J 4 5.25 20.93 23.78
CA ASN J 4 4.14 21.80 23.51
C ASN J 4 2.95 20.98 23.01
N ILE J 5 2.32 20.25 23.95
CA ILE J 5 1.20 19.38 23.64
C ILE J 5 -0.12 19.94 24.18
N GLY J 6 -0.16 21.22 24.55
CA GLY J 6 -1.36 21.81 25.08
C GLY J 6 -1.56 21.63 26.57
N ILE J 7 -0.59 21.06 27.28
CA ILE J 7 -0.70 20.83 28.71
C ILE J 7 0.59 21.35 29.34
N GLY J 8 0.44 22.29 30.27
CA GLY J 8 1.58 22.92 30.90
C GLY J 8 2.30 21.98 31.86
N GLU J 9 3.47 22.43 32.29
CA GLU J 9 4.37 21.56 33.05
C GLU J 9 3.71 21.09 34.35
N GLN J 10 3.12 22.01 35.11
CA GLN J 10 2.56 21.64 36.42
C GLN J 10 1.47 20.60 36.27
N ASP J 11 0.56 20.81 35.32
CA ASP J 11 -0.48 19.84 35.03
C ASP J 11 0.11 18.50 34.59
N ARG J 12 1.17 18.53 33.78
CA ARG J 12 1.76 17.26 33.33
C ARG J 12 2.45 16.56 34.47
N ALA J 13 3.07 17.32 35.37
CA ALA J 13 3.68 16.72 36.55
C ALA J 13 2.65 16.08 37.47
N ALA J 14 1.44 16.62 37.52
CA ALA J 14 0.41 16.03 38.38
C ALA J 14 -0.11 14.74 37.76
N ILE J 15 -0.38 14.76 36.44
CA ILE J 15 -0.80 13.56 35.75
C ILE J 15 0.27 12.47 35.90
N ALA J 16 1.54 12.84 35.76
CA ALA J 16 2.59 11.85 35.87
C ALA J 16 2.55 11.17 37.23
N GLU J 17 2.38 11.96 38.30
CA GLU J 17 2.32 11.44 39.66
C GLU J 17 1.21 10.41 39.79
N GLY J 18 0.01 10.73 39.26
CA GLY J 18 -1.06 9.77 39.23
C GLY J 18 -0.73 8.52 38.44
N LEU J 19 -0.27 8.69 37.19
CA LEU J 19 0.08 7.54 36.37
C LEU J 19 1.19 6.74 37.02
N SER J 20 2.00 7.38 37.86
CA SER J 20 3.07 6.67 38.55
C SER J 20 2.55 5.75 39.64
N ARG J 21 1.42 6.12 40.26
CA ARG J 21 0.82 5.19 41.21
C ARG J 21 0.09 4.08 40.47
N LEU J 22 -0.67 4.43 39.43
CA LEU J 22 -1.31 3.42 38.59
C LEU J 22 -0.33 2.39 38.07
N LEU J 23 0.90 2.83 37.76
CA LEU J 23 1.91 1.93 37.23
C LEU J 23 2.46 1.04 38.31
N ALA J 24 2.64 1.58 39.51
CA ALA J 24 3.13 0.77 40.61
C ALA J 24 2.09 -0.25 41.07
N ASP J 25 0.80 0.12 41.01
CA ASP J 25 -0.25 -0.86 41.26
C ASP J 25 -0.28 -1.91 40.15
N THR J 26 -0.25 -1.46 38.89
CA THR J 26 -0.33 -2.42 37.79
C THR J 26 0.84 -3.39 37.84
N TYR J 27 2.02 -2.90 38.18
CA TYR J 27 3.18 -3.77 38.19
C TYR J 27 3.10 -4.76 39.34
N THR J 28 2.77 -4.25 40.51
CA THR J 28 2.65 -5.11 41.69
C THR J 28 1.63 -6.19 41.43
N LEU J 29 0.50 -5.84 40.84
CA LEU J 29 -0.46 -6.85 40.45
C LEU J 29 0.15 -7.81 39.42
N TYR J 30 1.06 -7.31 38.58
CA TYR J 30 1.63 -8.14 37.53
C TYR J 30 2.52 -9.21 38.12
N LEU J 31 3.39 -8.81 39.05
CA LEU J 31 4.23 -9.78 39.72
C LEU J 31 3.43 -10.74 40.60
N LYS J 32 2.35 -10.25 41.22
CA LYS J 32 1.56 -11.15 42.06
C LYS J 32 0.82 -12.15 41.20
N THR J 33 0.19 -11.69 40.10
CA THR J 33 -0.41 -12.63 39.15
C THR J 33 0.65 -13.61 38.66
N HIS J 34 1.84 -13.11 38.34
CA HIS J 34 2.91 -13.97 37.87
C HIS J 34 3.25 -15.03 38.91
N ASN J 35 3.37 -14.60 40.16
CA ASN J 35 3.74 -15.49 41.26
C ASN J 35 2.70 -16.60 41.44
N PHE J 36 1.43 -16.24 41.49
CA PHE J 36 0.38 -17.26 41.69
C PHE J 36 0.35 -18.23 40.51
N HIS J 37 0.63 -17.74 39.30
CA HIS J 37 0.75 -18.63 38.13
C HIS J 37 1.76 -19.74 38.40
N TRP J 38 2.93 -19.40 38.93
CA TRP J 38 3.92 -20.42 39.23
C TRP J 38 3.48 -21.36 40.36
N ASN J 39 2.79 -20.83 41.38
CA ASN J 39 2.74 -21.52 42.66
C ASN J 39 1.39 -22.12 43.02
N VAL J 40 0.32 -21.79 42.30
CA VAL J 40 -0.97 -22.38 42.61
C VAL J 40 -0.88 -23.90 42.48
N THR J 41 -1.63 -24.60 43.33
CA THR J 41 -1.75 -26.06 43.32
C THR J 41 -3.22 -26.45 43.53
N GLY J 42 -3.49 -27.74 43.43
CA GLY J 42 -4.84 -28.24 43.58
C GLY J 42 -5.53 -28.60 42.27
N PRO J 43 -6.76 -29.10 42.37
CA PRO J 43 -7.44 -29.59 41.17
C PRO J 43 -7.72 -28.51 40.14
N MET J 44 -7.68 -27.23 40.52
CA MET J 44 -7.80 -26.15 39.55
C MET J 44 -6.44 -25.72 39.00
N PHE J 45 -5.38 -26.51 39.21
CA PHE J 45 -4.08 -26.09 38.71
C PHE J 45 -4.13 -25.73 37.22
N ASN J 46 -4.58 -26.65 36.37
CA ASN J 46 -4.51 -26.41 34.94
C ASN J 46 -5.25 -25.13 34.59
N THR J 47 -6.47 -24.95 35.10
CA THR J 47 -7.32 -23.85 34.66
C THR J 47 -6.80 -22.50 35.15
N LEU J 48 -6.26 -22.46 36.37
CA LEU J 48 -5.77 -21.23 36.97
C LEU J 48 -4.36 -20.89 36.48
N HIS J 49 -3.47 -21.88 36.43
CA HIS J 49 -2.18 -21.68 35.79
C HIS J 49 -2.37 -20.99 34.45
N LEU J 50 -3.31 -21.46 33.66
CA LEU J 50 -3.54 -20.85 32.36
C LEU J 50 -4.26 -19.51 32.47
N MET J 51 -5.16 -19.35 33.45
CA MET J 51 -5.88 -18.09 33.59
C MET J 51 -4.95 -16.98 34.08
N PHE J 52 -4.08 -17.30 35.03
CA PHE J 52 -3.11 -16.33 35.51
C PHE J 52 -2.07 -16.00 34.44
N GLU J 53 -1.72 -16.97 33.59
CA GLU J 53 -0.80 -16.69 32.49
C GLU J 53 -1.38 -15.63 31.56
N GLY J 54 -2.61 -15.84 31.12
CA GLY J 54 -3.26 -14.83 30.30
C GLY J 54 -3.28 -13.47 30.96
N GLN J 55 -3.48 -13.43 32.28
CA GLN J 55 -3.59 -12.17 32.99
C GLN J 55 -2.23 -11.48 33.09
N TYR J 56 -1.20 -12.20 33.51
CA TYR J 56 0.10 -11.53 33.61
C TYR J 56 0.62 -11.14 32.22
N THR J 57 0.39 -11.96 31.21
CA THR J 57 0.81 -11.58 29.87
C THR J 57 0.20 -10.24 29.49
N GLU J 58 -1.08 -10.07 29.80
CA GLU J 58 -1.77 -8.82 29.53
C GLU J 58 -1.21 -7.68 30.35
N LEU J 59 -0.87 -7.95 31.62
CA LEU J 59 -0.39 -6.88 32.47
C LEU J 59 1.00 -6.41 32.07
N ALA J 60 1.82 -7.32 31.55
CA ALA J 60 3.16 -6.93 31.12
C ALA J 60 3.10 -5.90 29.99
N VAL J 61 2.11 -6.02 29.11
CA VAL J 61 1.89 -5.02 28.08
C VAL J 61 1.35 -3.73 28.68
N ALA J 62 0.40 -3.85 29.61
CA ALA J 62 -0.17 -2.65 30.23
C ALA J 62 0.91 -1.85 30.97
N VAL J 63 1.87 -2.51 31.61
CA VAL J 63 2.89 -1.75 32.32
CA VAL J 63 2.93 -1.80 32.31
C VAL J 63 3.68 -0.89 31.33
N ASP J 64 4.01 -1.44 30.16
CA ASP J 64 4.78 -0.69 29.17
C ASP J 64 3.97 0.49 28.63
N ASP J 65 2.67 0.29 28.37
CA ASP J 65 1.85 1.39 27.88
C ASP J 65 1.66 2.50 28.92
N ILE J 66 1.61 2.15 30.21
CA ILE J 66 1.48 3.18 31.25
C ILE J 66 2.78 3.94 31.37
N ALA J 67 3.90 3.21 31.43
CA ALA J 67 5.19 3.86 31.55
C ALA J 67 5.43 4.83 30.41
N GLU J 68 5.05 4.46 29.20
CA GLU J 68 5.35 5.29 28.05
C GLU J 68 4.38 6.45 27.91
N ARG J 69 3.17 6.38 28.47
CA ARG J 69 2.38 7.60 28.54
C ARG J 69 3.01 8.59 29.52
N ILE J 70 3.72 8.09 30.51
CA ILE J 70 4.45 8.95 31.43
C ILE J 70 5.60 9.62 30.72
N ARG J 71 6.25 8.92 29.79
CA ARG J 71 7.30 9.57 29.00
C ARG J 71 6.70 10.56 28.03
N ALA J 72 5.58 10.22 27.36
CA ALA J 72 4.91 11.22 26.54
C ALA J 72 4.61 12.51 27.30
N LEU J 73 4.33 12.44 28.61
CA LEU J 73 3.99 13.64 29.38
C LEU J 73 5.24 14.41 29.79
N GLY J 74 6.41 13.81 29.62
CA GLY J 74 7.63 14.49 29.89
C GLY J 74 8.30 14.15 31.19
N PHE J 75 8.02 12.98 31.76
CA PHE J 75 8.63 12.63 33.04
C PHE J 75 9.18 11.21 33.00
N PRO J 76 10.17 10.91 33.83
CA PRO J 76 10.72 9.56 33.88
C PRO J 76 9.71 8.55 34.41
N ALA J 77 9.97 7.31 34.08
CA ALA J 77 9.03 6.33 34.57
C ALA J 77 9.69 5.58 35.71
N PRO J 78 9.05 5.48 36.88
CA PRO J 78 9.63 4.69 37.97
C PRO J 78 9.74 3.23 37.55
N GLY J 79 10.83 2.60 37.97
CA GLY J 79 11.02 1.18 37.68
C GLY J 79 12.05 0.49 38.54
N THR J 80 11.75 0.38 39.83
CA THR J 80 12.56 -0.37 40.78
C THR J 80 11.62 -0.92 41.86
N TYR J 81 12.13 -1.88 42.62
CA TYR J 81 11.40 -2.41 43.77
C TYR J 81 11.02 -1.29 44.73
N ALA J 82 11.99 -0.46 45.11
CA ALA J 82 11.77 0.58 46.10
C ALA J 82 10.73 1.59 45.64
N ALA J 83 10.79 1.98 44.37
CA ALA J 83 9.78 2.89 43.84
C ALA J 83 8.41 2.25 43.84
N TYR J 84 8.30 1.01 43.34
CA TYR J 84 6.98 0.39 43.30
C TYR J 84 6.48 0.10 44.70
N ALA J 85 7.39 -0.28 45.60
CA ALA J 85 7.03 -0.50 46.99
C ALA J 85 6.48 0.77 47.61
N ARG J 86 7.13 1.90 47.35
CA ARG J 86 6.66 3.17 47.89
C ARG J 86 5.30 3.55 47.33
N LEU J 87 5.09 3.36 46.03
CA LEU J 87 3.93 3.93 45.39
C LEU J 87 2.72 3.02 45.35
N SER J 88 2.88 1.73 45.64
CA SER J 88 1.84 0.75 45.36
C SER J 88 0.87 0.66 46.52
N SER J 89 -0.43 0.69 46.23
CA SER J 89 -1.48 0.46 47.20
C SER J 89 -1.92 -1.00 47.24
N ILE J 90 -1.25 -1.87 46.48
CA ILE J 90 -1.53 -3.30 46.45
C ILE J 90 -0.69 -3.96 47.53
N LYS J 91 -1.34 -4.67 48.44
CA LYS J 91 -0.63 -5.43 49.45
C LYS J 91 0.00 -6.67 48.82
N GLU J 92 1.26 -6.94 49.18
CA GLU J 92 1.95 -8.08 48.63
C GLU J 92 1.71 -9.32 49.49
N GLU J 93 1.81 -10.48 48.86
CA GLU J 93 1.62 -11.78 49.50
C GLU J 93 2.92 -12.56 49.43
N GLU J 94 3.50 -12.82 50.59
CA GLU J 94 4.83 -13.39 50.71
C GLU J 94 4.84 -14.91 50.87
N GLY J 95 3.69 -15.55 51.10
CA GLY J 95 3.65 -16.99 51.20
C GLY J 95 3.00 -17.63 49.99
N VAL J 96 2.32 -18.76 50.19
CA VAL J 96 1.64 -19.47 49.12
C VAL J 96 0.20 -19.73 49.52
N PRO J 97 -0.72 -18.80 49.30
CA PRO J 97 -2.13 -19.04 49.63
C PRO J 97 -2.71 -20.25 48.90
N GLU J 98 -3.88 -20.66 49.36
CA GLU J 98 -4.65 -21.65 48.64
C GLU J 98 -5.36 -21.00 47.44
N ALA J 99 -5.71 -21.85 46.48
CA ALA J 99 -6.21 -21.35 45.20
C ALA J 99 -7.36 -20.36 45.40
N GLU J 100 -8.29 -20.65 46.32
CA GLU J 100 -9.45 -19.77 46.46
C GLU J 100 -9.01 -18.40 46.94
N GLU J 101 -8.01 -18.37 47.82
CA GLU J 101 -7.53 -17.09 48.34
C GLU J 101 -6.76 -16.33 47.27
N MET J 102 -5.96 -17.04 46.46
CA MET J 102 -5.30 -16.39 45.34
C MET J 102 -6.34 -15.72 44.44
N ILE J 103 -7.42 -16.45 44.12
CA ILE J 103 -8.50 -15.85 43.34
C ILE J 103 -9.02 -14.60 44.02
N ARG J 104 -9.25 -14.68 45.34
CA ARG J 104 -9.75 -13.53 46.09
C ARG J 104 -8.80 -12.35 46.01
N GLN J 105 -7.52 -12.57 46.31
CA GLN J 105 -6.54 -11.49 46.27
C GLN J 105 -6.47 -10.84 44.89
N LEU J 106 -6.56 -11.64 43.83
CA LEU J 106 -6.52 -11.07 42.48
C LEU J 106 -7.78 -10.29 42.16
N VAL J 107 -8.95 -10.71 42.67
CA VAL J 107 -10.14 -9.87 42.54
C VAL J 107 -9.93 -8.53 43.24
N GLN J 108 -9.42 -8.56 44.47
CA GLN J 108 -9.09 -7.33 45.16
C GLN J 108 -8.18 -6.47 44.30
N GLY J 109 -7.14 -7.07 43.71
CA GLY J 109 -6.20 -6.32 42.90
C GLY J 109 -6.87 -5.64 41.71
N GLN J 110 -7.66 -6.39 40.94
CA GLN J 110 -8.37 -5.72 39.86
C GLN J 110 -9.08 -4.47 40.39
N GLU J 111 -9.69 -4.58 41.57
CA GLU J 111 -10.52 -3.48 42.06
C GLU J 111 -9.67 -2.34 42.63
N ALA J 112 -8.54 -2.67 43.24
CA ALA J 112 -7.58 -1.65 43.66
C ALA J 112 -7.12 -0.81 42.48
N VAL J 113 -6.82 -1.45 41.34
CA VAL J 113 -6.33 -0.68 40.21
C VAL J 113 -7.45 0.16 39.62
N VAL J 114 -8.67 -0.38 39.57
CA VAL J 114 -9.77 0.46 39.10
C VAL J 114 -9.90 1.70 39.95
N ARG J 115 -9.57 1.57 41.24
CA ARG J 115 -9.75 2.66 42.19
C ARG J 115 -8.74 3.75 41.94
N THR J 116 -7.49 3.33 41.73
CA THR J 116 -6.46 4.30 41.37
C THR J 116 -6.77 5.01 40.06
N ALA J 117 -7.25 4.27 39.06
CA ALA J 117 -7.72 4.89 37.82
C ALA J 117 -8.72 6.00 38.12
N ARG J 118 -9.78 5.67 38.86
CA ARG J 118 -10.83 6.64 39.13
C ARG J 118 -10.28 7.89 39.81
N SER J 119 -9.27 7.74 40.66
CA SER J 119 -8.80 8.87 41.44
C SER J 119 -8.17 9.96 40.59
N ILE J 120 -7.82 9.64 39.35
CA ILE J 120 -7.06 10.52 38.48
C ILE J 120 -7.95 11.31 37.52
N PHE J 121 -9.16 10.83 37.26
CA PHE J 121 -10.01 11.48 36.26
C PHE J 121 -10.31 12.95 36.55
N PRO J 122 -10.47 13.39 37.79
CA PRO J 122 -10.69 14.83 38.01
C PRO J 122 -9.60 15.72 37.41
N LEU J 123 -8.32 15.42 37.67
CA LEU J 123 -7.23 16.16 37.04
C LEU J 123 -7.44 16.25 35.54
N LEU J 124 -7.73 15.11 34.92
CA LEU J 124 -7.80 15.06 33.46
C LEU J 124 -8.90 15.97 32.94
N ASP J 125 -10.02 16.03 33.67
CA ASP J 125 -11.10 16.95 33.33
C ASP J 125 -10.58 18.39 33.34
N LYS J 126 -10.06 18.84 34.48
CA LYS J 126 -9.55 20.20 34.60
C LYS J 126 -8.72 20.61 33.39
N VAL J 127 -7.76 19.77 32.99
CA VAL J 127 -6.79 20.16 31.97
C VAL J 127 -7.08 19.59 30.58
N SER J 128 -8.14 18.80 30.42
CA SER J 128 -8.41 18.12 29.16
C SER J 128 -7.18 17.36 28.65
N ASP J 129 -6.95 16.15 29.18
CA ASP J 129 -5.91 15.23 28.70
C ASP J 129 -6.61 13.96 28.22
N GLU J 130 -7.19 14.03 27.03
CA GLU J 130 -8.02 12.92 26.55
C GLU J 130 -7.22 11.63 26.38
N PRO J 131 -5.98 11.64 25.90
CA PRO J 131 -5.22 10.39 25.80
C PRO J 131 -5.09 9.67 27.12
N THR J 132 -4.66 10.37 28.16
CA THR J 132 -4.56 9.67 29.44
C THR J 132 -5.92 9.20 29.91
N ALA J 133 -6.97 9.95 29.61
CA ALA J 133 -8.29 9.48 30.02
C ALA J 133 -8.67 8.18 29.31
N ASP J 134 -8.21 8.00 28.07
CA ASP J 134 -8.50 6.77 27.35
C ASP J 134 -7.65 5.60 27.86
N LEU J 135 -6.40 5.86 28.25
CA LEU J 135 -5.61 4.82 28.89
C LEU J 135 -6.31 4.28 30.13
N LEU J 136 -6.73 5.17 31.05
CA LEU J 136 -7.41 4.72 32.26
C LEU J 136 -8.69 3.96 31.92
N THR J 137 -9.51 4.51 31.03
CA THR J 137 -10.72 3.82 30.58
C THR J 137 -10.41 2.41 30.09
N GLN J 138 -9.26 2.20 29.43
CA GLN J 138 -8.96 0.86 28.93
C GLN J 138 -8.53 -0.07 30.05
N ARG J 139 -7.69 0.41 30.97
CA ARG J 139 -7.36 -0.37 32.17
C ARG J 139 -8.63 -0.77 32.93
N MET J 140 -9.54 0.17 33.15
CA MET J 140 -10.74 -0.14 33.92
C MET J 140 -11.58 -1.21 33.21
N GLN J 141 -11.68 -1.13 31.88
CA GLN J 141 -12.44 -2.11 31.12
C GLN J 141 -11.89 -3.52 31.33
N VAL J 142 -10.56 -3.65 31.31
CA VAL J 142 -9.87 -4.93 31.44
C VAL J 142 -9.98 -5.47 32.86
N HIS J 143 -9.84 -4.59 33.85
CA HIS J 143 -9.85 -5.02 35.25
C HIS J 143 -11.25 -5.37 35.73
N GLU J 144 -12.26 -4.66 35.23
CA GLU J 144 -13.64 -4.97 35.57
C GLU J 144 -14.11 -6.26 34.90
N LYS J 145 -13.65 -6.50 33.67
CA LYS J 145 -13.95 -7.76 33.02
C LYS J 145 -13.23 -8.90 33.72
N THR J 146 -11.91 -8.74 33.95
CA THR J 146 -11.15 -9.76 34.67
C THR J 146 -11.77 -10.10 36.01
N ALA J 147 -12.20 -9.09 36.77
CA ALA J 147 -12.76 -9.37 38.09
C ALA J 147 -14.02 -10.21 37.97
N TRP J 148 -14.83 -9.97 36.93
CA TRP J 148 -16.00 -10.80 36.70
C TRP J 148 -15.60 -12.26 36.52
N MET J 149 -14.51 -12.50 35.80
CA MET J 149 -14.14 -13.88 35.46
C MET J 149 -13.54 -14.56 36.67
N LEU J 150 -12.81 -13.82 37.48
CA LEU J 150 -12.23 -14.42 38.68
C LEU J 150 -13.31 -14.72 39.72
N ARG J 151 -14.18 -13.75 40.01
CA ARG J 151 -15.20 -13.95 41.04
CA ARG J 151 -15.14 -14.00 41.06
C ARG J 151 -16.21 -15.00 40.62
N SER J 152 -16.43 -15.15 39.31
CA SER J 152 -17.29 -16.22 38.83
C SER J 152 -16.82 -17.59 39.33
N LEU J 153 -15.51 -17.75 39.56
CA LEU J 153 -14.98 -19.01 40.06
C LEU J 153 -15.41 -19.32 41.47
N LEU J 154 -15.86 -18.31 42.22
CA LEU J 154 -16.18 -18.43 43.62
C LEU J 154 -17.67 -18.61 43.87
N ALA J 155 -18.50 -18.37 42.87
CA ALA J 155 -19.95 -18.50 43.01
C ALA J 155 -20.39 -19.94 43.29
N MET K 1 35.51 -2.06 27.36
CA MET K 1 35.04 -2.41 28.73
C MET K 1 35.60 -3.78 29.04
N GLU K 2 36.00 -3.99 30.29
CA GLU K 2 36.61 -5.26 30.69
C GLU K 2 35.61 -6.40 30.53
N ILE K 3 36.14 -7.59 30.30
CA ILE K 3 35.33 -8.79 30.16
C ILE K 3 35.51 -9.61 31.43
N ASN K 4 34.42 -9.76 32.18
CA ASN K 4 34.40 -10.44 33.47
C ASN K 4 33.27 -11.47 33.44
N ILE K 5 33.53 -12.61 32.79
CA ILE K 5 32.56 -13.70 32.66
C ILE K 5 33.07 -14.98 33.33
N GLY K 6 34.06 -14.86 34.22
CA GLY K 6 34.57 -16.02 34.93
C GLY K 6 35.65 -16.81 34.22
N ILE K 7 36.12 -16.34 33.08
CA ILE K 7 37.19 -17.03 32.34
C ILE K 7 38.24 -15.99 31.96
N GLY K 8 39.52 -16.28 32.24
CA GLY K 8 40.57 -15.32 31.98
C GLY K 8 40.88 -15.18 30.50
N GLU K 9 41.71 -14.16 30.20
CA GLU K 9 42.04 -13.85 28.80
C GLU K 9 42.71 -15.01 28.10
N GLN K 10 43.73 -15.59 28.73
CA GLN K 10 44.49 -16.65 28.08
C GLN K 10 43.62 -17.87 27.82
N ASP K 11 42.71 -18.17 28.74
CA ASP K 11 41.85 -19.33 28.55
C ASP K 11 40.82 -19.06 27.47
N ARG K 12 40.18 -17.88 27.52
CA ARG K 12 39.24 -17.50 26.48
C ARG K 12 39.91 -17.53 25.12
N ALA K 13 41.18 -17.14 25.05
CA ALA K 13 41.87 -17.12 23.78
C ALA K 13 42.12 -18.54 23.27
N ALA K 14 42.42 -19.47 24.18
CA ALA K 14 42.64 -20.85 23.73
C ALA K 14 41.35 -21.47 23.21
N ILE K 15 40.24 -21.15 23.84
CA ILE K 15 38.95 -21.69 23.40
C ILE K 15 38.55 -21.05 22.07
N ALA K 16 38.64 -19.72 21.98
CA ALA K 16 38.47 -19.03 20.71
C ALA K 16 39.30 -19.67 19.60
N GLU K 17 40.55 -20.00 19.90
CA GLU K 17 41.35 -20.67 18.87
C GLU K 17 40.68 -21.96 18.44
N GLY K 18 40.19 -22.75 19.41
CA GLY K 18 39.55 -23.99 19.06
C GLY K 18 38.28 -23.79 18.25
N LEU K 19 37.48 -22.79 18.65
CA LEU K 19 36.26 -22.51 17.94
C LEU K 19 36.55 -21.93 16.56
N SER K 20 37.74 -21.37 16.33
CA SER K 20 38.07 -20.84 15.01
C SER K 20 38.22 -21.96 14.00
N ARG K 21 38.90 -23.04 14.41
CA ARG K 21 38.93 -24.26 13.61
C ARG K 21 37.55 -24.84 13.42
N LEU K 22 36.72 -24.82 14.47
CA LEU K 22 35.38 -25.33 14.27
C LEU K 22 34.64 -24.50 13.24
N LEU K 23 34.83 -23.17 13.29
CA LEU K 23 34.21 -22.29 12.30
C LEU K 23 34.72 -22.59 10.91
N ALA K 24 36.03 -22.72 10.78
CA ALA K 24 36.62 -22.98 9.47
C ALA K 24 36.09 -24.29 8.89
N ASP K 25 36.10 -25.36 9.67
CA ASP K 25 35.55 -26.62 9.18
C ASP K 25 34.09 -26.46 8.79
N THR K 26 33.32 -25.81 9.66
CA THR K 26 31.90 -25.66 9.41
C THR K 26 31.65 -24.81 8.16
N TYR K 27 32.41 -23.73 7.98
CA TYR K 27 32.21 -22.91 6.79
C TYR K 27 32.66 -23.66 5.54
N THR K 28 33.73 -24.46 5.62
CA THR K 28 34.18 -25.23 4.46
C THR K 28 33.16 -26.29 4.05
N LEU K 29 32.62 -27.02 5.03
CA LEU K 29 31.51 -27.95 4.79
C LEU K 29 30.32 -27.22 4.21
N TYR K 30 30.04 -26.02 4.72
CA TYR K 30 28.98 -25.17 4.19
C TYR K 30 29.13 -24.98 2.69
N LEU K 31 30.28 -24.46 2.27
CA LEU K 31 30.46 -24.13 0.86
C LEU K 31 30.50 -25.38 0.00
N LYS K 32 31.07 -26.47 0.50
CA LYS K 32 31.09 -27.70 -0.29
C LYS K 32 29.67 -28.23 -0.47
N THR K 33 28.91 -28.23 0.60
CA THR K 33 27.51 -28.63 0.50
C THR K 33 26.76 -27.73 -0.47
N HIS K 34 27.03 -26.43 -0.41
CA HIS K 34 26.37 -25.49 -1.30
C HIS K 34 26.72 -25.83 -2.73
N ASN K 35 27.99 -26.15 -2.96
CA ASN K 35 28.51 -26.51 -4.28
C ASN K 35 27.85 -27.78 -4.78
N PHE K 36 27.79 -28.83 -3.96
CA PHE K 36 27.18 -30.06 -4.41
C PHE K 36 25.69 -29.87 -4.66
N HIS K 37 25.05 -28.99 -3.91
CA HIS K 37 23.66 -28.62 -4.20
C HIS K 37 23.50 -28.11 -5.63
N TRP K 38 24.35 -27.17 -6.06
CA TRP K 38 24.21 -26.64 -7.43
C TRP K 38 24.54 -27.69 -8.48
N ASN K 39 25.54 -28.52 -8.21
CA ASN K 39 26.29 -29.24 -9.23
C ASN K 39 25.94 -30.72 -9.35
N VAL K 40 25.22 -31.30 -8.40
CA VAL K 40 24.89 -32.72 -8.45
C VAL K 40 23.95 -32.98 -9.62
N THR K 41 24.12 -34.13 -10.28
CA THR K 41 23.27 -34.55 -11.39
C THR K 41 23.06 -36.06 -11.29
N GLY K 42 22.21 -36.57 -12.16
CA GLY K 42 21.87 -37.97 -12.17
C GLY K 42 20.47 -38.21 -11.67
N PRO K 43 20.10 -39.49 -11.56
CA PRO K 43 18.72 -39.85 -11.18
C PRO K 43 18.32 -39.36 -9.81
N MET K 44 19.29 -39.15 -8.92
CA MET K 44 19.00 -38.65 -7.59
C MET K 44 19.02 -37.13 -7.53
N PHE K 45 19.01 -36.45 -8.66
CA PHE K 45 19.06 -34.99 -8.63
C PHE K 45 18.04 -34.41 -7.66
N ASN K 46 16.80 -34.88 -7.75
CA ASN K 46 15.77 -34.17 -7.01
C ASN K 46 15.95 -34.34 -5.52
N THR K 47 16.25 -35.56 -5.06
CA THR K 47 16.37 -35.75 -3.61
C THR K 47 17.65 -35.12 -3.09
N LEU K 48 18.77 -35.26 -3.80
CA LEU K 48 20.02 -34.71 -3.30
C LEU K 48 20.04 -33.18 -3.37
N HIS K 49 19.52 -32.61 -4.46
CA HIS K 49 19.45 -31.14 -4.55
C HIS K 49 18.70 -30.60 -3.35
N LEU K 50 17.65 -31.28 -2.93
CA LEU K 50 16.84 -30.82 -1.80
C LEU K 50 17.52 -31.12 -0.47
N MET K 51 18.13 -32.29 -0.36
CA MET K 51 18.79 -32.63 0.88
C MET K 51 19.98 -31.72 1.13
N PHE K 52 20.78 -31.47 0.11
CA PHE K 52 21.92 -30.58 0.29
C PHE K 52 21.44 -29.16 0.52
N GLU K 53 20.29 -28.78 -0.03
CA GLU K 53 19.72 -27.48 0.30
C GLU K 53 19.45 -27.37 1.79
N GLY K 54 18.79 -28.37 2.36
CA GLY K 54 18.50 -28.34 3.79
C GLY K 54 19.77 -28.26 4.62
N GLN K 55 20.80 -28.97 4.20
CA GLN K 55 22.07 -28.97 4.94
C GLN K 55 22.75 -27.61 4.87
N TYR K 56 22.93 -27.07 3.65
CA TYR K 56 23.67 -25.81 3.58
C TYR K 56 22.92 -24.71 4.31
N THR K 57 21.59 -24.77 4.30
CA THR K 57 20.79 -23.76 4.99
C THR K 57 21.01 -23.83 6.48
N GLU K 58 21.13 -25.03 7.03
CA GLU K 58 21.40 -25.22 8.45
C GLU K 58 22.82 -24.76 8.80
N LEU K 59 23.79 -25.05 7.93
CA LEU K 59 25.16 -24.64 8.21
C LEU K 59 25.33 -23.13 8.13
N ALA K 60 24.53 -22.43 7.33
CA ALA K 60 24.65 -20.97 7.31
C ALA K 60 24.32 -20.41 8.68
N VAL K 61 23.27 -20.92 9.31
CA VAL K 61 22.95 -20.51 10.68
C VAL K 61 24.03 -20.96 11.66
N ALA K 62 24.58 -22.16 11.47
CA ALA K 62 25.60 -22.65 12.40
C ALA K 62 26.83 -21.77 12.38
N VAL K 63 27.26 -21.32 11.19
CA VAL K 63 28.47 -20.52 11.15
CA VAL K 63 28.45 -20.48 11.09
C VAL K 63 28.25 -19.21 11.89
N ASP K 64 27.04 -18.64 11.81
CA ASP K 64 26.76 -17.41 12.52
C ASP K 64 26.81 -17.64 14.03
N ASP K 65 26.28 -18.77 14.51
CA ASP K 65 26.31 -19.08 15.94
C ASP K 65 27.74 -19.32 16.44
N ILE K 66 28.56 -20.04 15.68
CA ILE K 66 29.92 -20.28 16.13
C ILE K 66 30.71 -18.99 16.12
N ALA K 67 30.49 -18.15 15.11
CA ALA K 67 31.20 -16.87 15.03
C ALA K 67 30.89 -16.01 16.25
N GLU K 68 29.62 -15.91 16.63
CA GLU K 68 29.21 -15.04 17.71
C GLU K 68 29.60 -15.60 19.06
N ARG K 69 29.85 -16.91 19.16
CA ARG K 69 30.42 -17.43 20.38
C ARG K 69 31.86 -16.95 20.54
N ILE K 70 32.63 -16.92 19.45
CA ILE K 70 33.99 -16.41 19.52
C ILE K 70 33.97 -14.94 19.95
N ARG K 71 33.00 -14.19 19.46
CA ARG K 71 32.88 -12.78 19.83
C ARG K 71 32.50 -12.61 21.31
N ALA K 72 31.54 -13.41 21.80
CA ALA K 72 31.21 -13.41 23.22
C ALA K 72 32.43 -13.75 24.08
N LEU K 73 33.34 -14.58 23.57
CA LEU K 73 34.59 -14.84 24.29
C LEU K 73 35.56 -13.66 24.23
N GLY K 74 35.31 -12.67 23.38
CA GLY K 74 36.14 -11.50 23.29
C GLY K 74 37.15 -11.48 22.17
N PHE K 75 36.92 -12.19 21.08
CA PHE K 75 37.92 -12.26 20.03
C PHE K 75 37.28 -12.09 18.66
N PRO K 76 38.08 -11.74 17.66
CA PRO K 76 37.52 -11.58 16.32
C PRO K 76 37.21 -12.91 15.70
N ALA K 77 36.17 -12.94 14.98
CA ALA K 77 35.83 -14.16 14.27
C ALA K 77 36.46 -14.14 12.89
N PRO K 78 37.18 -15.19 12.50
CA PRO K 78 37.77 -15.21 11.16
C PRO K 78 36.72 -15.34 10.09
N GLY K 79 37.02 -14.75 8.93
CA GLY K 79 36.05 -14.62 7.87
C GLY K 79 36.66 -14.33 6.52
N THR K 80 37.70 -15.06 6.13
CA THR K 80 38.27 -14.92 4.80
C THR K 80 38.65 -16.29 4.27
N TYR K 81 38.73 -16.38 2.93
CA TYR K 81 39.18 -17.61 2.30
C TYR K 81 40.51 -18.08 2.86
N ALA K 82 41.48 -17.17 2.99
CA ALA K 82 42.79 -17.57 3.51
C ALA K 82 42.70 -18.10 4.93
N ALA K 83 41.94 -17.41 5.79
CA ALA K 83 41.90 -17.86 7.19
C ALA K 83 41.21 -19.21 7.30
N TYR K 84 40.10 -19.42 6.58
CA TYR K 84 39.41 -20.70 6.63
C TYR K 84 40.25 -21.81 6.00
N ALA K 85 40.97 -21.51 4.91
CA ALA K 85 41.78 -22.55 4.30
C ALA K 85 42.91 -22.97 5.21
N ARG K 86 43.50 -22.01 5.93
CA ARG K 86 44.57 -22.31 6.87
C ARG K 86 44.09 -23.24 7.99
N LEU K 87 42.92 -22.93 8.56
CA LEU K 87 42.41 -23.56 9.78
C LEU K 87 41.60 -24.81 9.54
N SER K 88 40.97 -24.92 8.37
CA SER K 88 40.08 -26.03 8.09
C SER K 88 40.86 -27.33 7.97
N SER K 89 40.24 -28.43 8.43
CA SER K 89 40.76 -29.77 8.27
C SER K 89 40.06 -30.53 7.13
N ILE K 90 39.13 -29.89 6.45
CA ILE K 90 38.33 -30.51 5.40
C ILE K 90 39.01 -30.21 4.07
N LYS K 91 39.13 -31.21 3.23
CA LYS K 91 39.77 -31.03 1.92
C LYS K 91 38.72 -30.58 0.92
N GLU K 92 39.00 -29.51 0.19
CA GLU K 92 38.03 -29.04 -0.77
C GLU K 92 38.12 -29.91 -2.03
N GLU K 93 36.99 -29.98 -2.70
CA GLU K 93 36.82 -30.68 -3.97
C GLU K 93 36.74 -29.61 -5.05
N GLU K 94 37.67 -29.66 -6.00
CA GLU K 94 37.72 -28.64 -7.04
C GLU K 94 36.96 -29.01 -8.30
N GLY K 95 36.51 -30.27 -8.40
CA GLY K 95 35.78 -30.75 -9.55
C GLY K 95 34.31 -30.95 -9.27
N VAL K 96 33.68 -31.81 -10.07
CA VAL K 96 32.29 -32.20 -9.93
C VAL K 96 32.27 -33.71 -9.80
N PRO K 97 32.35 -34.27 -8.59
CA PRO K 97 32.26 -35.72 -8.44
C PRO K 97 30.88 -36.26 -8.81
N GLU K 98 30.86 -37.57 -9.08
CA GLU K 98 29.61 -38.33 -9.15
C GLU K 98 28.80 -38.16 -7.86
N ALA K 99 27.47 -38.26 -7.99
CA ALA K 99 26.58 -38.10 -6.84
C ALA K 99 27.01 -38.94 -5.62
N GLU K 100 27.31 -40.20 -5.84
CA GLU K 100 27.68 -41.07 -4.72
C GLU K 100 28.96 -40.57 -4.03
N GLU K 101 29.93 -40.09 -4.80
CA GLU K 101 31.13 -39.52 -4.20
C GLU K 101 30.83 -38.23 -3.45
N MET K 102 29.92 -37.39 -3.99
CA MET K 102 29.47 -36.21 -3.23
C MET K 102 28.90 -36.64 -1.87
N ILE K 103 28.00 -37.63 -1.86
CA ILE K 103 27.45 -38.13 -0.60
C ILE K 103 28.59 -38.56 0.32
N ARG K 104 29.54 -39.35 -0.19
CA ARG K 104 30.63 -39.87 0.64
C ARG K 104 31.47 -38.74 1.23
N GLN K 105 31.76 -37.71 0.45
CA GLN K 105 32.55 -36.63 1.02
C GLN K 105 31.76 -35.87 2.08
N LEU K 106 30.46 -35.61 1.84
CA LEU K 106 29.65 -34.95 2.85
C LEU K 106 29.55 -35.75 4.15
N VAL K 107 29.56 -37.09 4.08
CA VAL K 107 29.61 -37.92 5.29
C VAL K 107 30.91 -37.66 6.04
N GLN K 108 32.03 -37.78 5.31
CA GLN K 108 33.33 -37.52 5.92
C GLN K 108 33.44 -36.09 6.43
N GLY K 109 32.80 -35.15 5.73
CA GLY K 109 32.84 -33.78 6.19
C GLY K 109 32.09 -33.61 7.49
N GLN K 110 30.97 -34.34 7.65
CA GLN K 110 30.27 -34.31 8.93
C GLN K 110 31.15 -34.88 10.02
N GLU K 111 31.83 -35.99 9.71
CA GLU K 111 32.64 -36.62 10.73
C GLU K 111 33.87 -35.78 11.06
N ALA K 112 34.36 -34.96 10.10
CA ALA K 112 35.53 -34.15 10.40
C ALA K 112 35.17 -33.03 11.38
N VAL K 113 33.97 -32.47 11.26
CA VAL K 113 33.57 -31.43 12.21
C VAL K 113 33.43 -32.02 13.61
N VAL K 114 32.81 -33.20 13.72
CA VAL K 114 32.71 -33.86 15.01
C VAL K 114 34.10 -34.08 15.57
N ARG K 115 35.00 -34.57 14.74
CA ARG K 115 36.38 -34.79 15.19
C ARG K 115 36.96 -33.52 15.78
N THR K 116 36.73 -32.38 15.13
CA THR K 116 37.29 -31.13 15.63
C THR K 116 36.60 -30.72 16.94
N ALA K 117 35.28 -30.88 17.00
CA ALA K 117 34.53 -30.57 18.21
C ALA K 117 35.09 -31.34 19.40
N ARG K 118 35.33 -32.64 19.22
CA ARG K 118 35.83 -33.46 20.32
C ARG K 118 37.15 -32.93 20.84
N SER K 119 38.06 -32.62 19.91
CA SER K 119 39.38 -32.11 20.27
C SER K 119 39.32 -30.88 21.16
N ILE K 120 38.21 -30.13 21.14
CA ILE K 120 38.12 -28.92 21.95
C ILE K 120 37.69 -29.19 23.39
N PHE K 121 37.05 -30.33 23.66
CA PHE K 121 36.41 -30.50 24.96
C PHE K 121 37.41 -30.44 26.12
N PRO K 122 38.58 -31.08 26.06
CA PRO K 122 39.53 -30.94 27.19
C PRO K 122 39.74 -29.50 27.66
N LEU K 123 40.09 -28.59 26.74
CA LEU K 123 40.28 -27.20 27.14
C LEU K 123 39.07 -26.63 27.86
N LEU K 124 37.86 -27.14 27.58
CA LEU K 124 36.68 -26.61 28.25
C LEU K 124 36.53 -27.17 29.66
N ASP K 125 36.83 -28.47 29.84
CA ASP K 125 36.74 -29.10 31.14
C ASP K 125 37.56 -28.33 32.18
N LYS K 126 38.82 -28.02 31.84
CA LYS K 126 39.73 -27.35 32.76
C LYS K 126 39.28 -25.94 33.16
N VAL K 127 38.13 -25.41 32.68
CA VAL K 127 37.72 -24.04 32.99
C VAL K 127 36.20 -23.87 33.15
N SER K 128 35.44 -24.92 32.84
CA SER K 128 33.98 -24.89 33.02
C SER K 128 33.30 -23.86 32.11
N ASP K 129 33.71 -23.84 30.85
CA ASP K 129 33.03 -23.04 29.81
C ASP K 129 31.87 -23.90 29.32
N GLU K 130 30.70 -23.69 29.93
CA GLU K 130 29.55 -24.55 29.65
C GLU K 130 28.81 -24.13 28.38
N PRO K 131 28.71 -22.83 28.04
CA PRO K 131 28.06 -22.47 26.76
C PRO K 131 28.78 -23.01 25.53
N THR K 132 30.12 -23.03 25.54
CA THR K 132 30.87 -23.55 24.41
C THR K 132 30.73 -25.06 24.32
N ALA K 133 30.80 -25.73 25.47
CA ALA K 133 30.46 -27.14 25.55
C ALA K 133 29.11 -27.42 24.93
N ASP K 134 28.08 -26.63 25.25
CA ASP K 134 26.76 -26.90 24.67
C ASP K 134 26.71 -26.62 23.18
N LEU K 135 27.45 -25.61 22.71
CA LEU K 135 27.53 -25.37 21.28
C LEU K 135 28.14 -26.56 20.57
N LEU K 136 29.27 -27.04 21.07
CA LEU K 136 29.92 -28.21 20.49
C LEU K 136 28.97 -29.39 20.49
N THR K 137 28.24 -29.59 21.59
CA THR K 137 27.32 -30.72 21.69
C THR K 137 26.22 -30.62 20.64
N GLN K 138 25.67 -29.43 20.42
CA GLN K 138 24.61 -29.26 19.42
C GLN K 138 25.15 -29.51 18.02
N ARG K 139 26.40 -29.10 17.74
CA ARG K 139 26.96 -29.32 16.41
C ARG K 139 27.20 -30.79 16.17
N MET K 140 27.72 -31.49 17.18
CA MET K 140 27.90 -32.93 17.06
C MET K 140 26.59 -33.63 16.80
N GLN K 141 25.51 -33.17 17.44
CA GLN K 141 24.20 -33.77 17.25
C GLN K 141 23.69 -33.57 15.82
N VAL K 142 23.83 -32.36 15.29
CA VAL K 142 23.42 -32.14 13.91
C VAL K 142 24.24 -33.01 12.97
N HIS K 143 25.57 -33.04 13.19
CA HIS K 143 26.47 -33.69 12.22
C HIS K 143 26.36 -35.21 12.27
N GLU K 144 26.25 -35.78 13.46
CA GLU K 144 26.03 -37.22 13.56
C GLU K 144 24.67 -37.62 12.99
N LYS K 145 23.63 -36.81 13.23
CA LYS K 145 22.35 -37.09 12.61
C LYS K 145 22.47 -37.01 11.08
N THR K 146 23.11 -35.96 10.57
CA THR K 146 23.19 -35.81 9.13
C THR K 146 24.03 -36.92 8.51
N ALA K 147 25.06 -37.37 9.21
CA ALA K 147 25.87 -38.47 8.68
C ALA K 147 25.05 -39.75 8.53
N TRP K 148 24.16 -40.04 9.49
CA TRP K 148 23.27 -41.18 9.38
C TRP K 148 22.41 -41.08 8.13
N MET K 149 21.80 -39.92 7.91
CA MET K 149 20.94 -39.79 6.74
C MET K 149 21.74 -39.92 5.46
N LEU K 150 22.91 -39.29 5.40
CA LEU K 150 23.72 -39.41 4.20
C LEU K 150 24.16 -40.84 3.96
N ARG K 151 24.75 -41.49 4.97
CA ARG K 151 25.29 -42.82 4.72
CA ARG K 151 25.29 -42.82 4.69
C ARG K 151 24.17 -43.82 4.42
N SER K 152 22.98 -43.60 4.96
CA SER K 152 21.85 -44.47 4.64
C SER K 152 21.62 -44.56 3.12
N LEU K 153 21.89 -43.48 2.40
CA LEU K 153 21.72 -43.47 0.95
C LEU K 153 22.72 -44.41 0.27
N LEU K 154 23.76 -44.84 0.97
CA LEU K 154 24.76 -45.71 0.37
C LEU K 154 24.64 -47.18 0.76
N ALA K 155 23.66 -47.57 1.58
CA ALA K 155 23.54 -48.96 2.02
C ALA K 155 23.30 -49.92 0.84
N MET L 1 2.29 -54.48 -8.42
CA MET L 1 1.67 -55.13 -7.23
C MET L 1 0.18 -55.28 -7.46
N GLU L 2 -0.37 -56.43 -7.04
CA GLU L 2 -1.80 -56.66 -7.12
C GLU L 2 -2.59 -55.60 -6.35
N ILE L 3 -3.71 -55.18 -6.92
CA ILE L 3 -4.64 -54.25 -6.29
C ILE L 3 -5.72 -55.07 -5.62
N ASN L 4 -5.79 -55.00 -4.28
CA ASN L 4 -6.75 -55.77 -3.49
C ASN L 4 -7.47 -54.84 -2.52
N ILE L 5 -8.34 -53.99 -3.08
CA ILE L 5 -9.11 -53.02 -2.31
C ILE L 5 -10.59 -53.39 -2.24
N GLY L 6 -10.94 -54.62 -2.58
CA GLY L 6 -12.31 -55.09 -2.43
C GLY L 6 -13.23 -54.67 -3.54
N ILE L 7 -12.68 -54.33 -4.70
CA ILE L 7 -13.44 -54.01 -5.90
C ILE L 7 -12.74 -54.70 -7.06
N GLY L 8 -13.50 -55.47 -7.85
CA GLY L 8 -12.92 -56.22 -8.93
C GLY L 8 -12.51 -55.36 -10.11
N GLU L 9 -11.77 -56.01 -11.01
CA GLU L 9 -11.08 -55.29 -12.08
C GLU L 9 -12.06 -54.63 -13.04
N GLN L 10 -13.02 -55.40 -13.59
CA GLN L 10 -13.97 -54.81 -14.53
C GLN L 10 -14.78 -53.72 -13.86
N ASP L 11 -15.09 -53.90 -12.57
CA ASP L 11 -15.84 -52.90 -11.80
C ASP L 11 -15.06 -51.60 -11.64
N ARG L 12 -13.81 -51.71 -11.16
CA ARG L 12 -12.95 -50.53 -11.08
C ARG L 12 -12.87 -49.84 -12.43
N ALA L 13 -12.78 -50.62 -13.50
CA ALA L 13 -12.68 -50.04 -14.83
C ALA L 13 -13.91 -49.20 -15.13
N ALA L 14 -15.09 -49.75 -14.83
CA ALA L 14 -16.32 -49.04 -15.15
C ALA L 14 -16.46 -47.78 -14.31
N ILE L 15 -16.05 -47.85 -13.04
CA ILE L 15 -16.02 -46.65 -12.19
C ILE L 15 -15.05 -45.63 -12.76
N ALA L 16 -13.86 -46.09 -13.14
CA ALA L 16 -12.88 -45.17 -13.68
C ALA L 16 -13.42 -44.47 -14.93
N GLU L 17 -14.18 -45.20 -15.75
CA GLU L 17 -14.79 -44.59 -16.94
C GLU L 17 -15.80 -43.50 -16.57
N GLY L 18 -16.58 -43.74 -15.52
CA GLY L 18 -17.47 -42.68 -15.07
C GLY L 18 -16.71 -41.49 -14.55
N LEU L 19 -15.70 -41.75 -13.73
CA LEU L 19 -14.90 -40.64 -13.21
C LEU L 19 -14.13 -39.93 -14.32
N SER L 20 -13.80 -40.64 -15.40
CA SER L 20 -13.14 -39.97 -16.52
C SER L 20 -14.08 -38.98 -17.17
N ARG L 21 -15.38 -39.29 -17.22
CA ARG L 21 -16.34 -38.34 -17.77
C ARG L 21 -16.50 -37.15 -16.84
N LEU L 22 -16.53 -37.44 -15.55
CA LEU L 22 -16.61 -36.37 -14.57
C LEU L 22 -15.36 -35.48 -14.59
N LEU L 23 -14.17 -36.09 -14.75
CA LEU L 23 -12.95 -35.31 -14.83
C LEU L 23 -12.97 -34.44 -16.08
N ALA L 24 -13.48 -34.99 -17.17
CA ALA L 24 -13.51 -34.26 -18.43
C ALA L 24 -14.48 -33.10 -18.35
N ASP L 25 -15.65 -33.31 -17.73
CA ASP L 25 -16.57 -32.20 -17.52
C ASP L 25 -15.96 -31.21 -16.54
N THR L 26 -15.35 -31.71 -15.49
CA THR L 26 -14.81 -30.79 -14.50
C THR L 26 -13.68 -29.96 -15.12
N TYR L 27 -12.89 -30.58 -15.98
CA TYR L 27 -11.74 -29.87 -16.53
C TYR L 27 -12.20 -28.89 -17.60
N THR L 28 -13.19 -29.28 -18.40
CA THR L 28 -13.77 -28.36 -19.36
C THR L 28 -14.40 -27.17 -18.67
N LEU L 29 -15.00 -27.38 -17.51
CA LEU L 29 -15.62 -26.28 -16.80
C LEU L 29 -14.55 -25.36 -16.22
N TYR L 30 -13.46 -25.96 -15.74
CA TYR L 30 -12.30 -25.22 -15.24
C TYR L 30 -11.78 -24.26 -16.30
N LEU L 31 -11.55 -24.78 -17.50
CA LEU L 31 -11.01 -23.93 -18.55
C LEU L 31 -12.03 -22.90 -19.01
N LYS L 32 -13.31 -23.27 -19.12
CA LYS L 32 -14.30 -22.26 -19.49
C LYS L 32 -14.35 -21.15 -18.45
N THR L 33 -14.25 -21.52 -17.17
CA THR L 33 -14.28 -20.54 -16.10
C THR L 33 -13.05 -19.66 -16.14
N HIS L 34 -11.88 -20.25 -16.37
CA HIS L 34 -10.65 -19.50 -16.55
C HIS L 34 -10.80 -18.50 -17.69
N ASN L 35 -11.34 -18.97 -18.81
CA ASN L 35 -11.55 -18.16 -20.01
C ASN L 35 -12.44 -16.96 -19.71
N PHE L 36 -13.58 -17.19 -19.06
CA PHE L 36 -14.48 -16.09 -18.72
C PHE L 36 -13.84 -15.16 -17.70
N HIS L 37 -13.08 -15.72 -16.75
CA HIS L 37 -12.30 -14.89 -15.85
C HIS L 37 -11.47 -13.85 -16.61
N TRP L 38 -10.75 -14.26 -17.66
CA TRP L 38 -9.91 -13.30 -18.41
C TRP L 38 -10.76 -12.35 -19.23
N ASN L 39 -11.83 -12.83 -19.83
CA ASN L 39 -12.44 -12.12 -20.95
C ASN L 39 -13.67 -11.32 -20.59
N VAL L 40 -14.24 -11.49 -19.39
CA VAL L 40 -15.46 -10.79 -19.03
C VAL L 40 -15.20 -9.29 -18.99
N THR L 41 -16.16 -8.51 -19.51
CA THR L 41 -16.14 -7.06 -19.38
C THR L 41 -17.53 -6.56 -19.05
N GLY L 42 -17.59 -5.26 -18.75
CA GLY L 42 -18.81 -4.59 -18.39
C GLY L 42 -18.78 -4.12 -16.95
N PRO L 43 -19.88 -3.53 -16.48
CA PRO L 43 -19.89 -2.97 -15.12
C PRO L 43 -19.65 -4.00 -14.03
N MET L 44 -19.95 -5.26 -14.29
CA MET L 44 -19.71 -6.33 -13.34
C MET L 44 -18.30 -6.90 -13.44
N PHE L 45 -17.42 -6.32 -14.25
CA PHE L 45 -16.07 -6.86 -14.37
C PHE L 45 -15.48 -7.31 -13.04
N ASN L 46 -15.47 -6.43 -12.06
CA ASN L 46 -14.68 -6.71 -10.87
C ASN L 46 -15.24 -7.89 -10.08
N THR L 47 -16.57 -7.95 -9.91
CA THR L 47 -17.12 -9.04 -9.11
C THR L 47 -17.04 -10.35 -9.87
N LEU L 48 -17.31 -10.33 -11.18
CA LEU L 48 -17.25 -11.58 -11.96
C LEU L 48 -15.82 -12.04 -12.15
N HIS L 49 -14.91 -11.11 -12.49
CA HIS L 49 -13.50 -11.44 -12.50
C HIS L 49 -13.10 -12.16 -11.22
N LEU L 50 -13.51 -11.63 -10.07
CA LEU L 50 -13.09 -12.23 -8.82
C LEU L 50 -13.81 -13.54 -8.55
N MET L 51 -15.09 -13.60 -8.90
CA MET L 51 -15.91 -14.78 -8.62
C MET L 51 -15.48 -15.94 -9.50
N PHE L 52 -15.27 -15.68 -10.79
CA PHE L 52 -14.73 -16.73 -11.65
C PHE L 52 -13.35 -17.17 -11.19
N GLU L 53 -12.56 -16.27 -10.56
CA GLU L 53 -11.28 -16.65 -9.96
C GLU L 53 -11.47 -17.68 -8.84
N GLY L 54 -12.37 -17.42 -7.89
CA GLY L 54 -12.59 -18.40 -6.84
C GLY L 54 -13.01 -19.76 -7.41
N GLN L 55 -13.82 -19.75 -8.47
CA GLN L 55 -14.30 -20.99 -9.05
C GLN L 55 -13.16 -21.75 -9.76
N TYR L 56 -12.34 -21.06 -10.59
CA TYR L 56 -11.34 -21.85 -11.33
C TYR L 56 -10.29 -22.36 -10.37
N THR L 57 -10.02 -21.61 -9.32
CA THR L 57 -9.11 -22.06 -8.30
C THR L 57 -9.61 -23.33 -7.64
N GLU L 58 -10.91 -23.35 -7.27
CA GLU L 58 -11.49 -24.55 -6.65
C GLU L 58 -11.52 -25.71 -7.65
N LEU L 59 -11.90 -25.45 -8.89
CA LEU L 59 -11.94 -26.49 -9.89
C LEU L 59 -10.57 -27.08 -10.15
N ALA L 60 -9.50 -26.28 -9.99
CA ALA L 60 -8.18 -26.81 -10.29
C ALA L 60 -7.78 -27.86 -9.27
N VAL L 61 -8.19 -27.66 -8.02
CA VAL L 61 -8.00 -28.66 -6.98
C VAL L 61 -8.90 -29.87 -7.22
N ALA L 62 -10.16 -29.65 -7.61
CA ALA L 62 -11.06 -30.78 -7.85
C ALA L 62 -10.53 -31.68 -8.97
N VAL L 63 -9.98 -31.10 -10.06
CA VAL L 63 -9.46 -31.96 -11.12
CA VAL L 63 -9.41 -31.91 -11.14
C VAL L 63 -8.40 -32.90 -10.57
N ASP L 64 -7.52 -32.39 -9.69
CA ASP L 64 -6.47 -33.24 -9.12
C ASP L 64 -7.06 -34.34 -8.26
N ASP L 65 -8.15 -34.07 -7.53
CA ASP L 65 -8.75 -35.09 -6.67
C ASP L 65 -9.51 -36.14 -7.49
N ILE L 66 -10.20 -35.74 -8.56
CA ILE L 66 -10.86 -36.74 -9.39
C ILE L 66 -9.81 -37.60 -10.08
N ALA L 67 -8.81 -36.96 -10.69
CA ALA L 67 -7.75 -37.70 -11.37
C ALA L 67 -7.16 -38.77 -10.48
N GLU L 68 -6.85 -38.41 -9.24
CA GLU L 68 -6.17 -39.33 -8.33
C GLU L 68 -7.10 -40.39 -7.76
N ARG L 69 -8.42 -40.17 -7.76
CA ARG L 69 -9.31 -41.26 -7.48
C ARG L 69 -9.23 -42.29 -8.59
N ILE L 70 -9.17 -41.83 -9.84
CA ILE L 70 -9.00 -42.75 -10.95
C ILE L 70 -7.75 -43.60 -10.73
N ARG L 71 -6.65 -42.97 -10.27
CA ARG L 71 -5.41 -43.70 -10.03
C ARG L 71 -5.52 -44.67 -8.87
N ALA L 72 -6.23 -44.30 -7.79
CA ALA L 72 -6.37 -45.24 -6.70
C ALA L 72 -7.11 -46.50 -7.15
N LEU L 73 -7.99 -46.36 -8.11
CA LEU L 73 -8.75 -47.48 -8.67
C LEU L 73 -7.97 -48.29 -9.69
N GLY L 74 -6.76 -47.85 -10.05
CA GLY L 74 -5.86 -48.65 -10.84
C GLY L 74 -5.85 -48.33 -12.30
N PHE L 75 -6.22 -47.13 -12.70
CA PHE L 75 -6.31 -46.82 -14.12
C PHE L 75 -5.65 -45.48 -14.38
N PRO L 76 -5.18 -45.26 -15.61
CA PRO L 76 -4.55 -43.97 -15.93
C PRO L 76 -5.60 -42.86 -15.98
N ALA L 77 -5.20 -41.63 -15.54
CA ALA L 77 -6.08 -40.47 -15.61
C ALA L 77 -5.93 -39.79 -16.96
N PRO L 78 -7.01 -39.57 -17.72
CA PRO L 78 -6.89 -38.87 -18.99
C PRO L 78 -6.52 -37.42 -18.76
N GLY L 79 -5.78 -36.88 -19.74
CA GLY L 79 -5.21 -35.54 -19.63
C GLY L 79 -4.70 -34.96 -20.93
N THR L 80 -5.59 -34.86 -21.91
CA THR L 80 -5.28 -34.24 -23.19
C THR L 80 -6.53 -33.55 -23.68
N TYR L 81 -6.32 -32.60 -24.60
CA TYR L 81 -7.45 -31.92 -25.21
C TYR L 81 -8.39 -32.93 -25.87
N ALA L 82 -7.84 -33.90 -26.62
CA ALA L 82 -8.68 -34.85 -27.36
C ALA L 82 -9.50 -35.70 -26.40
N ALA L 83 -8.85 -36.24 -25.37
CA ALA L 83 -9.55 -37.09 -24.43
C ALA L 83 -10.65 -36.33 -23.71
N TYR L 84 -10.37 -35.10 -23.26
CA TYR L 84 -11.41 -34.34 -22.60
C TYR L 84 -12.52 -33.93 -23.56
N ALA L 85 -12.17 -33.61 -24.82
CA ALA L 85 -13.20 -33.20 -25.75
C ALA L 85 -14.17 -34.33 -26.05
N ARG L 86 -13.64 -35.55 -26.10
CA ARG L 86 -14.47 -36.71 -26.40
C ARG L 86 -15.35 -37.07 -25.20
N LEU L 87 -14.78 -37.01 -24.00
CA LEU L 87 -15.45 -37.46 -22.79
C LEU L 87 -16.43 -36.46 -22.22
N SER L 88 -16.32 -35.21 -22.63
CA SER L 88 -17.00 -34.12 -21.98
C SER L 88 -18.36 -33.81 -22.59
N SER L 89 -19.28 -33.43 -21.73
CA SER L 89 -20.66 -33.15 -22.08
C SER L 89 -20.95 -31.66 -22.09
N ILE L 90 -19.94 -30.85 -21.78
CA ILE L 90 -20.08 -29.41 -21.69
C ILE L 90 -19.74 -28.80 -23.05
N LYS L 91 -20.66 -28.04 -23.62
CA LYS L 91 -20.39 -27.38 -24.90
C LYS L 91 -19.43 -26.22 -24.68
N GLU L 92 -18.40 -26.13 -25.53
CA GLU L 92 -17.40 -25.10 -25.36
C GLU L 92 -17.86 -23.83 -26.08
N GLU L 93 -17.41 -22.70 -25.57
CA GLU L 93 -17.69 -21.39 -26.14
C GLU L 93 -16.39 -20.87 -26.74
N GLU L 94 -16.38 -20.66 -28.06
CA GLU L 94 -15.19 -20.18 -28.76
C GLU L 94 -15.13 -18.65 -28.90
N GLY L 95 -16.21 -17.94 -28.62
CA GLY L 95 -16.20 -16.49 -28.62
C GLY L 95 -16.16 -15.88 -27.23
N VAL L 96 -16.61 -14.63 -27.14
CA VAL L 96 -16.62 -13.87 -25.89
C VAL L 96 -18.06 -13.42 -25.63
N PRO L 97 -18.85 -14.20 -24.91
CA PRO L 97 -20.23 -13.78 -24.63
C PRO L 97 -20.31 -12.58 -23.70
N GLU L 98 -21.46 -11.92 -23.77
CA GLU L 98 -21.85 -10.96 -22.75
C GLU L 98 -21.80 -11.60 -21.36
N ALA L 99 -21.58 -10.74 -20.37
CA ALA L 99 -21.46 -11.17 -18.98
C ALA L 99 -22.62 -12.06 -18.54
N GLU L 100 -23.86 -11.66 -18.81
CA GLU L 100 -24.99 -12.46 -18.36
C GLU L 100 -25.06 -13.80 -19.09
N GLU L 101 -24.58 -13.87 -20.33
CA GLU L 101 -24.53 -15.16 -21.00
C GLU L 101 -23.39 -16.01 -20.46
N MET L 102 -22.29 -15.39 -20.04
CA MET L 102 -21.24 -16.14 -19.36
C MET L 102 -21.78 -16.76 -18.09
N ILE L 103 -22.55 -16.00 -17.31
CA ILE L 103 -23.08 -16.52 -16.05
C ILE L 103 -23.97 -17.73 -16.33
N ARG L 104 -24.89 -17.61 -17.29
CA ARG L 104 -25.79 -18.71 -17.63
C ARG L 104 -25.00 -19.94 -18.03
N GLN L 105 -24.00 -19.75 -18.88
CA GLN L 105 -23.21 -20.90 -19.33
C GLN L 105 -22.56 -21.58 -18.14
N LEU L 106 -22.12 -20.81 -17.15
CA LEU L 106 -21.48 -21.42 -15.99
C LEU L 106 -22.51 -22.16 -15.12
N VAL L 107 -23.70 -21.57 -14.93
CA VAL L 107 -24.77 -22.29 -14.24
C VAL L 107 -24.99 -23.62 -14.91
N GLN L 108 -25.17 -23.59 -16.24
CA GLN L 108 -25.37 -24.83 -16.97
C GLN L 108 -24.19 -25.76 -16.85
N GLY L 109 -22.98 -25.19 -16.74
CA GLY L 109 -21.79 -26.00 -16.53
C GLY L 109 -21.83 -26.71 -15.19
N GLN L 110 -22.16 -25.97 -14.12
CA GLN L 110 -22.30 -26.61 -12.81
C GLN L 110 -23.30 -27.77 -12.88
N GLU L 111 -24.43 -27.52 -13.53
CA GLU L 111 -25.48 -28.54 -13.56
C GLU L 111 -25.10 -29.71 -14.45
N ALA L 112 -24.21 -29.50 -15.41
CA ALA L 112 -23.78 -30.62 -16.24
C ALA L 112 -22.90 -31.57 -15.43
N VAL L 113 -21.99 -31.03 -14.62
CA VAL L 113 -21.15 -31.87 -13.78
C VAL L 113 -22.01 -32.69 -12.82
N VAL L 114 -23.00 -32.04 -12.20
CA VAL L 114 -23.89 -32.73 -11.29
C VAL L 114 -24.60 -33.86 -12.02
N ARG L 115 -25.14 -33.55 -13.20
CA ARG L 115 -25.81 -34.56 -14.00
C ARG L 115 -24.88 -35.72 -14.30
N THR L 116 -23.60 -35.45 -14.54
CA THR L 116 -22.70 -36.55 -14.79
C THR L 116 -22.41 -37.33 -13.53
N ALA L 117 -22.21 -36.64 -12.41
CA ALA L 117 -22.02 -37.35 -11.15
C ALA L 117 -23.21 -38.26 -10.86
N ARG L 118 -24.43 -37.72 -10.91
CA ARG L 118 -25.62 -38.53 -10.71
C ARG L 118 -25.62 -39.76 -11.61
N SER L 119 -25.14 -39.59 -12.85
CA SER L 119 -25.14 -40.69 -13.81
C SER L 119 -24.35 -41.90 -13.31
N ILE L 120 -23.47 -41.72 -12.34
CA ILE L 120 -22.57 -42.77 -11.88
C ILE L 120 -23.08 -43.52 -10.66
N PHE L 121 -24.02 -42.96 -9.92
CA PHE L 121 -24.45 -43.62 -8.68
C PHE L 121 -25.06 -44.98 -8.95
N PRO L 122 -25.93 -45.18 -9.97
CA PRO L 122 -26.44 -46.54 -10.24
C PRO L 122 -25.35 -47.59 -10.27
N LEU L 123 -24.26 -47.30 -10.98
CA LEU L 123 -23.13 -48.22 -10.97
C LEU L 123 -22.57 -48.42 -9.57
N LEU L 124 -22.45 -47.36 -8.77
CA LEU L 124 -21.71 -47.47 -7.51
C LEU L 124 -22.49 -48.31 -6.50
N ASP L 125 -23.82 -48.14 -6.48
CA ASP L 125 -24.70 -48.99 -5.69
C ASP L 125 -24.32 -50.44 -5.87
N LYS L 126 -24.59 -50.99 -7.08
CA LYS L 126 -24.18 -52.35 -7.42
C LYS L 126 -22.78 -52.66 -6.92
N VAL L 127 -21.80 -51.81 -7.24
CA VAL L 127 -20.39 -52.15 -7.06
C VAL L 127 -19.93 -51.97 -5.61
N SER L 128 -20.42 -50.94 -4.92
CA SER L 128 -19.98 -50.62 -3.56
C SER L 128 -18.57 -50.06 -3.51
N ASP L 129 -18.49 -48.74 -3.46
CA ASP L 129 -17.24 -47.96 -3.52
C ASP L 129 -17.60 -46.66 -2.80
N GLU L 130 -17.41 -46.66 -1.50
CA GLU L 130 -17.85 -45.53 -0.68
C GLU L 130 -16.97 -44.29 -0.90
N PRO L 131 -15.66 -44.44 -1.04
CA PRO L 131 -14.83 -43.26 -1.40
C PRO L 131 -15.25 -42.56 -2.67
N THR L 132 -15.55 -43.30 -3.74
CA THR L 132 -16.01 -42.65 -4.96
C THR L 132 -17.37 -42.02 -4.78
N ALA L 133 -18.27 -42.67 -4.04
CA ALA L 133 -19.56 -42.04 -3.77
C ALA L 133 -19.37 -40.75 -2.99
N ASP L 134 -18.45 -40.73 -2.06
CA ASP L 134 -18.20 -39.52 -1.29
C ASP L 134 -17.56 -38.42 -2.15
N LEU L 135 -16.62 -38.77 -3.02
CA LEU L 135 -16.11 -37.78 -3.97
C LEU L 135 -17.26 -37.16 -4.76
N LEU L 136 -18.12 -38.00 -5.34
CA LEU L 136 -19.22 -37.47 -6.13
C LEU L 136 -20.11 -36.56 -5.29
N THR L 137 -20.31 -36.91 -4.02
CA THR L 137 -21.13 -36.09 -3.12
C THR L 137 -20.50 -34.73 -2.91
N GLN L 138 -19.18 -34.70 -2.70
CA GLN L 138 -18.48 -33.43 -2.47
C GLN L 138 -18.57 -32.54 -3.70
N ARG L 139 -18.45 -33.13 -4.88
CA ARG L 139 -18.53 -32.34 -6.09
C ARG L 139 -19.96 -31.84 -6.31
N MET L 140 -20.95 -32.65 -5.99
CA MET L 140 -22.33 -32.19 -6.14
C MET L 140 -22.60 -31.04 -5.19
N GLN L 141 -22.12 -31.16 -3.96
CA GLN L 141 -22.29 -30.06 -3.00
C GLN L 141 -21.73 -28.76 -3.56
N VAL L 142 -20.50 -28.81 -4.10
CA VAL L 142 -19.85 -27.59 -4.57
C VAL L 142 -20.58 -27.02 -5.78
N HIS L 143 -20.93 -27.88 -6.73
CA HIS L 143 -21.52 -27.38 -7.96
C HIS L 143 -22.93 -26.85 -7.75
N GLU L 144 -23.64 -27.38 -6.74
CA GLU L 144 -24.99 -26.91 -6.46
C GLU L 144 -24.95 -25.57 -5.70
N LYS L 145 -24.06 -25.47 -4.71
CA LYS L 145 -23.81 -24.18 -4.09
C LYS L 145 -23.37 -23.15 -5.13
N THR L 146 -22.40 -23.49 -5.99
CA THR L 146 -21.92 -22.49 -6.95
C THR L 146 -23.04 -22.12 -7.92
N ALA L 147 -23.91 -23.07 -8.24
CA ALA L 147 -25.02 -22.74 -9.12
C ALA L 147 -25.97 -21.73 -8.48
N TRP L 148 -26.23 -21.84 -7.18
CA TRP L 148 -27.12 -20.86 -6.54
C TRP L 148 -26.50 -19.46 -6.57
N MET L 149 -25.20 -19.36 -6.30
CA MET L 149 -24.59 -18.04 -6.30
C MET L 149 -24.61 -17.45 -7.71
N LEU L 150 -24.33 -18.25 -8.74
CA LEU L 150 -24.37 -17.75 -10.11
C LEU L 150 -25.78 -17.32 -10.52
N ARG L 151 -26.77 -18.20 -10.41
CA ARG L 151 -28.11 -17.86 -10.86
CA ARG L 151 -28.10 -17.86 -10.88
C ARG L 151 -28.67 -16.67 -10.09
N SER L 152 -28.27 -16.51 -8.83
CA SER L 152 -28.72 -15.36 -8.07
C SER L 152 -28.39 -14.05 -8.78
N LEU L 153 -27.32 -14.04 -9.58
CA LEU L 153 -26.95 -12.80 -10.26
C LEU L 153 -27.92 -12.46 -11.36
N LEU L 154 -28.68 -13.44 -11.84
CA LEU L 154 -29.60 -13.28 -12.97
C LEU L 154 -31.02 -12.88 -12.57
N ALA L 155 -31.29 -12.70 -11.28
CA ALA L 155 -32.64 -12.48 -10.81
C ALA L 155 -33.07 -11.02 -11.02
N MET M 1 -11.81 10.92 -50.83
CA MET M 1 -10.75 10.31 -51.66
C MET M 1 -9.71 9.71 -50.72
N GLU M 2 -9.24 8.51 -51.02
CA GLU M 2 -8.31 7.83 -50.14
C GLU M 2 -6.97 8.56 -50.11
N ILE M 3 -6.24 8.42 -49.01
CA ILE M 3 -5.04 9.20 -48.75
C ILE M 3 -3.81 8.32 -49.02
N ASN M 4 -3.00 8.69 -50.00
CA ASN M 4 -1.76 7.96 -50.30
C ASN M 4 -0.59 8.93 -50.22
N ILE M 5 -0.14 9.23 -49.00
CA ILE M 5 1.02 10.08 -48.80
C ILE M 5 2.20 9.27 -48.24
N GLY M 6 2.13 7.95 -48.33
CA GLY M 6 3.24 7.11 -47.92
C GLY M 6 3.24 6.79 -46.45
N ILE M 7 2.14 7.04 -45.74
CA ILE M 7 2.04 6.71 -44.32
C ILE M 7 0.70 6.04 -44.10
N GLY M 8 0.73 4.89 -43.45
CA GLY M 8 -0.48 4.15 -43.21
C GLY M 8 -1.36 4.80 -42.17
N GLU M 9 -2.64 4.45 -42.27
CA GLU M 9 -3.69 5.09 -41.48
C GLU M 9 -3.40 5.04 -39.99
N GLN M 10 -3.05 3.86 -39.44
CA GLN M 10 -2.86 3.83 -37.99
C GLN M 10 -1.57 4.54 -37.58
N ASP M 11 -0.58 4.54 -38.46
CA ASP M 11 0.62 5.31 -38.17
C ASP M 11 0.33 6.80 -38.21
N ARG M 12 -0.52 7.23 -39.16
CA ARG M 12 -0.95 8.61 -39.20
C ARG M 12 -1.74 8.97 -37.95
N ALA M 13 -2.59 8.05 -37.49
CA ALA M 13 -3.38 8.31 -36.28
C ALA M 13 -2.49 8.44 -35.07
N ALA M 14 -1.38 7.71 -35.03
CA ALA M 14 -0.49 7.84 -33.89
C ALA M 14 0.21 9.18 -33.92
N ILE M 15 0.66 9.61 -35.10
CA ILE M 15 1.29 10.92 -35.19
C ILE M 15 0.27 12.01 -34.84
N ALA M 16 -0.97 11.82 -35.27
CA ALA M 16 -2.00 12.81 -34.96
C ALA M 16 -2.30 12.84 -33.47
N GLU M 17 -2.30 11.69 -32.80
CA GLU M 17 -2.47 11.68 -31.35
C GLU M 17 -1.38 12.47 -30.67
N GLY M 18 -0.13 12.30 -31.12
CA GLY M 18 0.95 13.11 -30.56
C GLY M 18 0.79 14.60 -30.82
N LEU M 19 0.48 14.96 -32.07
CA LEU M 19 0.33 16.36 -32.39
C LEU M 19 -0.88 16.99 -31.68
N SER M 20 -1.86 16.16 -31.30
CA SER M 20 -3.02 16.64 -30.56
C SER M 20 -2.65 17.07 -29.15
N ARG M 21 -1.76 16.31 -28.50
CA ARG M 21 -1.16 16.77 -27.24
C ARG M 21 -0.27 17.99 -27.47
N LEU M 22 0.50 18.02 -28.56
CA LEU M 22 1.27 19.23 -28.83
C LEU M 22 0.33 20.43 -28.98
N LEU M 23 -0.75 20.27 -29.77
CA LEU M 23 -1.70 21.36 -29.95
C LEU M 23 -2.29 21.80 -28.62
N ALA M 24 -2.61 20.85 -27.75
CA ALA M 24 -3.25 21.17 -26.49
C ALA M 24 -2.31 21.96 -25.61
N ASP M 25 -1.05 21.59 -25.57
CA ASP M 25 -0.07 22.34 -24.80
C ASP M 25 0.17 23.73 -25.39
N THR M 26 0.31 23.81 -26.71
CA THR M 26 0.50 25.12 -27.32
C THR M 26 -0.71 26.01 -27.04
N TYR M 27 -1.91 25.46 -27.17
CA TYR M 27 -3.10 26.27 -26.95
C TYR M 27 -3.23 26.67 -25.49
N THR M 28 -2.95 25.74 -24.58
CA THR M 28 -2.97 26.11 -23.18
C THR M 28 -1.94 27.20 -22.91
N LEU M 29 -0.74 27.07 -23.48
CA LEU M 29 0.24 28.12 -23.23
C LEU M 29 -0.23 29.43 -23.84
N TYR M 30 -0.84 29.35 -25.02
CA TYR M 30 -1.38 30.52 -25.68
C TYR M 30 -2.36 31.26 -24.76
N LEU M 31 -3.33 30.54 -24.19
CA LEU M 31 -4.33 31.23 -23.37
C LEU M 31 -3.68 31.77 -22.10
N LYS M 32 -2.76 31.02 -21.50
CA LYS M 32 -2.13 31.52 -20.29
C LYS M 32 -1.29 32.74 -20.57
N THR M 33 -0.59 32.76 -21.71
CA THR M 33 0.18 33.94 -22.07
C THR M 33 -0.75 35.13 -22.31
N HIS M 34 -1.82 34.90 -23.06
CA HIS M 34 -2.81 35.93 -23.33
C HIS M 34 -3.38 36.48 -22.02
N ASN M 35 -3.63 35.58 -21.08
CA ASN M 35 -4.15 35.93 -19.76
C ASN M 35 -3.18 36.83 -19.02
N PHE M 36 -1.92 36.42 -18.91
CA PHE M 36 -0.93 37.25 -18.23
C PHE M 36 -0.73 38.58 -18.94
N HIS M 37 -0.83 38.58 -20.27
CA HIS M 37 -0.79 39.84 -20.99
C HIS M 37 -1.81 40.82 -20.45
N TRP M 38 -3.05 40.36 -20.28
CA TRP M 38 -4.09 41.27 -19.81
C TRP M 38 -3.82 41.70 -18.37
N ASN M 39 -3.32 40.79 -17.55
CA ASN M 39 -3.51 40.89 -16.11
C ASN M 39 -2.27 41.28 -15.34
N VAL M 40 -1.10 41.28 -15.98
CA VAL M 40 0.14 41.60 -15.29
C VAL M 40 0.12 43.05 -14.84
N THR M 41 0.77 43.33 -13.71
CA THR M 41 0.97 44.68 -13.23
C THR M 41 2.32 44.81 -12.55
N GLY M 42 2.62 46.04 -12.13
CA GLY M 42 3.87 46.36 -11.48
C GLY M 42 4.76 47.19 -12.37
N PRO M 43 5.95 47.54 -11.88
CA PRO M 43 6.87 48.38 -12.67
C PRO M 43 7.20 47.80 -14.03
N MET M 44 7.14 46.49 -14.19
CA MET M 44 7.45 45.84 -15.45
C MET M 44 6.25 45.74 -16.40
N PHE M 45 5.13 46.38 -16.05
CA PHE M 45 3.92 46.22 -16.86
C PHE M 45 4.20 46.45 -18.34
N ASN M 46 4.79 47.59 -18.69
CA ASN M 46 4.93 47.92 -20.10
C ASN M 46 5.73 46.87 -20.82
N THR M 47 6.86 46.48 -20.25
CA THR M 47 7.74 45.54 -20.92
C THR M 47 7.08 44.16 -21.04
N LEU M 48 6.45 43.68 -19.97
CA LEU M 48 5.80 42.36 -20.01
C LEU M 48 4.50 42.38 -20.78
N HIS M 49 3.73 43.46 -20.71
CA HIS M 49 2.51 43.54 -21.52
C HIS M 49 2.86 43.35 -22.99
N LEU M 50 3.90 44.03 -23.46
CA LEU M 50 4.33 43.88 -24.85
C LEU M 50 4.96 42.51 -25.11
N MET M 51 5.86 42.07 -24.22
CA MET M 51 6.52 40.79 -24.40
C MET M 51 5.51 39.65 -24.49
N PHE M 52 4.59 39.59 -23.54
CA PHE M 52 3.56 38.57 -23.61
C PHE M 52 2.69 38.75 -24.84
N GLU M 53 2.51 39.99 -25.31
CA GLU M 53 1.74 40.19 -26.53
C GLU M 53 2.42 39.49 -27.70
N GLY M 54 3.73 39.70 -27.84
CA GLY M 54 4.43 39.08 -28.95
C GLY M 54 4.36 37.56 -28.87
N GLN M 55 4.34 37.02 -27.66
CA GLN M 55 4.33 35.57 -27.50
C GLN M 55 2.97 35.00 -27.85
N TYR M 56 1.89 35.57 -27.30
CA TYR M 56 0.58 35.00 -27.65
C TYR M 56 0.29 35.18 -29.13
N THR M 57 0.84 36.25 -29.74
CA THR M 57 0.60 36.46 -31.16
C THR M 57 1.30 35.38 -31.99
N GLU M 58 2.50 34.97 -31.56
CA GLU M 58 3.21 33.88 -32.24
C GLU M 58 2.51 32.56 -31.98
N LEU M 59 2.10 32.32 -30.73
CA LEU M 59 1.45 31.06 -30.41
C LEU M 59 0.16 30.88 -31.19
N ALA M 60 -0.58 31.97 -31.45
CA ALA M 60 -1.84 31.82 -32.17
C ALA M 60 -1.60 31.27 -33.56
N VAL M 61 -0.50 31.68 -34.18
CA VAL M 61 -0.12 31.14 -35.47
C VAL M 61 0.35 29.69 -35.32
N ALA M 62 1.07 29.40 -34.25
CA ALA M 62 1.54 28.03 -34.02
C ALA M 62 0.37 27.07 -33.89
N VAL M 63 -0.72 27.50 -33.25
CA VAL M 63 -1.84 26.58 -33.09
CA VAL M 63 -1.90 26.65 -33.08
C VAL M 63 -2.50 26.31 -34.44
N ASP M 64 -2.55 27.31 -35.34
CA ASP M 64 -3.13 27.06 -36.67
C ASP M 64 -2.23 26.11 -37.46
N ASP M 65 -0.90 26.27 -37.37
CA ASP M 65 -0.03 25.40 -38.13
C ASP M 65 -0.08 23.95 -37.63
N ILE M 66 -0.09 23.76 -36.30
CA ILE M 66 -0.16 22.40 -35.76
C ILE M 66 -1.47 21.75 -36.16
N ALA M 67 -2.59 22.46 -35.97
CA ALA M 67 -3.89 21.91 -36.31
C ALA M 67 -3.92 21.48 -37.76
N GLU M 68 -3.35 22.29 -38.65
CA GLU M 68 -3.45 21.95 -40.05
C GLU M 68 -2.53 20.79 -40.42
N ARG M 69 -1.51 20.51 -39.61
CA ARG M 69 -0.72 19.31 -39.87
C ARG M 69 -1.52 18.06 -39.50
N ILE M 70 -2.26 18.14 -38.40
CA ILE M 70 -3.19 17.07 -38.07
C ILE M 70 -4.16 16.84 -39.22
N ARG M 71 -4.67 17.93 -39.82
CA ARG M 71 -5.60 17.79 -40.93
C ARG M 71 -4.93 17.19 -42.17
N ALA M 72 -3.68 17.59 -42.45
CA ALA M 72 -2.95 16.96 -43.55
C ALA M 72 -2.76 15.47 -43.31
N LEU M 73 -2.67 15.03 -42.05
CA LEU M 73 -2.55 13.62 -41.75
C LEU M 73 -3.89 12.89 -41.84
N GLY M 74 -4.98 13.60 -42.11
CA GLY M 74 -6.27 12.99 -42.30
C GLY M 74 -7.05 12.77 -41.04
N PHE M 75 -6.87 13.61 -40.04
CA PHE M 75 -7.56 13.46 -38.77
C PHE M 75 -8.10 14.79 -38.30
N PRO M 76 -9.13 14.78 -37.47
CA PRO M 76 -9.74 16.04 -37.04
C PRO M 76 -8.90 16.70 -35.96
N ALA M 77 -8.83 18.03 -36.03
CA ALA M 77 -8.06 18.75 -35.03
C ALA M 77 -8.92 19.06 -33.85
N PRO M 78 -8.50 18.70 -32.65
CA PRO M 78 -9.28 19.07 -31.47
C PRO M 78 -9.30 20.56 -31.28
N GLY M 79 -10.45 21.04 -30.78
CA GLY M 79 -10.62 22.45 -30.45
C GLY M 79 -11.83 22.73 -29.57
N THR M 80 -11.78 22.25 -28.32
CA THR M 80 -12.72 22.62 -27.28
C THR M 80 -11.96 22.70 -25.95
N TYR M 81 -12.57 23.36 -24.98
CA TYR M 81 -11.96 23.44 -23.66
C TYR M 81 -11.75 22.04 -23.09
N ALA M 82 -12.75 21.16 -23.25
CA ALA M 82 -12.66 19.83 -22.67
C ALA M 82 -11.54 19.02 -23.33
N ALA M 83 -11.50 19.02 -24.66
CA ALA M 83 -10.41 18.38 -25.38
C ALA M 83 -9.06 18.85 -24.89
N TYR M 84 -8.88 20.17 -24.77
CA TYR M 84 -7.55 20.68 -24.47
C TYR M 84 -7.17 20.42 -23.01
N ALA M 85 -8.13 20.49 -22.10
CA ALA M 85 -7.85 20.15 -20.72
C ALA M 85 -7.55 18.66 -20.56
N ARG M 86 -8.18 17.82 -21.36
CA ARG M 86 -7.89 16.40 -21.29
C ARG M 86 -6.49 16.11 -21.82
N LEU M 87 -6.10 16.76 -22.93
CA LEU M 87 -4.89 16.43 -23.66
C LEU M 87 -3.66 17.17 -23.15
N SER M 88 -3.86 18.26 -22.44
CA SER M 88 -2.76 19.14 -22.08
C SER M 88 -1.98 18.55 -20.89
N SER M 89 -0.66 18.76 -20.90
CA SER M 89 0.21 18.47 -19.76
C SER M 89 0.52 19.71 -18.95
N ILE M 90 0.00 20.87 -19.37
CA ILE M 90 0.29 22.15 -18.74
C ILE M 90 -0.92 22.53 -17.90
N LYS M 91 -0.67 22.97 -16.68
CA LYS M 91 -1.72 23.45 -15.81
C LYS M 91 -1.97 24.94 -16.05
N GLU M 92 -3.23 25.34 -15.94
CA GLU M 92 -3.62 26.73 -16.04
C GLU M 92 -3.51 27.42 -14.70
N GLU M 93 -3.30 28.74 -14.76
CA GLU M 93 -3.32 29.61 -13.59
C GLU M 93 -4.69 30.28 -13.44
N GLU M 94 -5.36 30.01 -12.33
CA GLU M 94 -6.73 30.49 -12.14
C GLU M 94 -6.78 31.85 -11.48
N GLY M 95 -5.72 32.23 -10.78
CA GLY M 95 -5.62 33.50 -10.11
C GLY M 95 -4.80 34.52 -10.89
N VAL M 96 -4.22 35.47 -10.14
CA VAL M 96 -3.42 36.52 -10.74
C VAL M 96 -2.07 36.56 -10.02
N PRO M 97 -1.08 35.83 -10.48
CA PRO M 97 0.20 35.83 -9.78
C PRO M 97 0.91 37.14 -9.92
N GLU M 98 1.88 37.33 -9.03
CA GLU M 98 2.94 38.31 -9.18
C GLU M 98 3.64 38.14 -10.54
N ALA M 99 4.26 39.23 -11.02
CA ALA M 99 4.81 39.23 -12.38
C ALA M 99 5.95 38.24 -12.52
N GLU M 100 6.82 38.15 -11.51
CA GLU M 100 7.94 37.21 -11.56
C GLU M 100 7.45 35.77 -11.61
N GLU M 101 6.33 35.48 -10.94
CA GLU M 101 5.76 34.14 -11.03
C GLU M 101 5.13 33.90 -12.39
N MET M 102 4.50 34.94 -12.97
CA MET M 102 3.98 34.82 -14.33
C MET M 102 5.11 34.43 -15.26
N ILE M 103 6.27 35.07 -15.08
CA ILE M 103 7.43 34.81 -15.91
C ILE M 103 7.93 33.39 -15.71
N ARG M 104 7.96 32.92 -14.46
CA ARG M 104 8.43 31.56 -14.19
C ARG M 104 7.50 30.54 -14.79
N GLN M 105 6.19 30.70 -14.59
CA GLN M 105 5.24 29.80 -15.22
C GLN M 105 5.41 29.76 -16.75
N LEU M 106 5.68 30.91 -17.37
CA LEU M 106 5.84 30.93 -18.81
C LEU M 106 7.14 30.25 -19.24
N VAL M 107 8.22 30.39 -18.45
CA VAL M 107 9.43 29.63 -18.76
C VAL M 107 9.12 28.14 -18.74
N GLN M 108 8.48 27.68 -17.65
CA GLN M 108 8.10 26.27 -17.54
C GLN M 108 7.11 25.87 -18.63
N GLY M 109 6.25 26.80 -19.03
CA GLY M 109 5.41 26.57 -20.19
C GLY M 109 6.20 26.24 -21.45
N GLN M 110 7.23 27.03 -21.75
CA GLN M 110 8.02 26.74 -22.95
C GLN M 110 8.66 25.36 -22.83
N GLU M 111 9.21 25.06 -21.65
CA GLU M 111 9.95 23.83 -21.47
C GLU M 111 9.01 22.62 -21.50
N ALA M 112 7.74 22.81 -21.15
CA ALA M 112 6.78 21.72 -21.23
C ALA M 112 6.42 21.38 -22.67
N VAL M 113 6.27 22.40 -23.53
CA VAL M 113 5.98 22.13 -24.93
C VAL M 113 7.17 21.41 -25.59
N VAL M 114 8.39 21.84 -25.26
CA VAL M 114 9.58 21.17 -25.79
C VAL M 114 9.56 19.68 -25.44
N ARG M 115 9.22 19.36 -24.20
CA ARG M 115 9.20 17.95 -23.80
C ARG M 115 8.18 17.18 -24.61
N THR M 116 7.01 17.77 -24.82
CA THR M 116 5.97 17.08 -25.57
C THR M 116 6.42 16.83 -27.01
N ALA M 117 7.10 17.82 -27.60
CA ALA M 117 7.64 17.66 -28.95
C ALA M 117 8.62 16.50 -29.00
N ARG M 118 9.60 16.51 -28.09
CA ARG M 118 10.58 15.45 -28.04
C ARG M 118 9.92 14.08 -27.91
N SER M 119 8.80 14.00 -27.20
CA SER M 119 8.20 12.70 -26.96
C SER M 119 7.67 12.09 -28.24
N ILE M 120 7.52 12.89 -29.28
CA ILE M 120 6.93 12.45 -30.53
C ILE M 120 8.00 11.89 -31.46
N PHE M 121 9.24 12.34 -31.32
CA PHE M 121 10.26 11.91 -32.27
C PHE M 121 10.45 10.41 -32.33
N PRO M 122 10.36 9.65 -31.22
CA PRO M 122 10.55 8.19 -31.35
C PRO M 122 9.60 7.56 -32.36
N LEU M 123 8.40 8.09 -32.44
CA LEU M 123 7.44 7.62 -33.41
C LEU M 123 7.82 8.06 -34.82
N LEU M 124 8.36 9.27 -34.95
CA LEU M 124 8.62 9.79 -36.28
C LEU M 124 9.76 9.03 -36.93
N ASP M 125 10.79 8.71 -36.15
CA ASP M 125 11.85 7.78 -36.51
C ASP M 125 11.25 6.57 -37.23
N LYS M 126 10.56 5.73 -36.45
CA LYS M 126 9.99 4.48 -36.92
C LYS M 126 9.06 4.61 -38.14
N VAL M 127 8.57 5.80 -38.46
CA VAL M 127 7.52 5.93 -39.46
C VAL M 127 7.96 6.72 -40.69
N SER M 128 8.94 7.60 -40.57
CA SER M 128 9.34 8.47 -41.67
C SER M 128 8.21 9.46 -41.98
N ASP M 129 8.30 10.63 -41.34
CA ASP M 129 7.38 11.75 -41.51
C ASP M 129 8.23 13.02 -41.33
N GLU M 130 8.81 13.48 -42.43
CA GLU M 130 9.79 14.54 -42.31
C GLU M 130 9.09 15.87 -42.07
N PRO M 131 7.92 16.14 -42.70
CA PRO M 131 7.24 17.41 -42.42
C PRO M 131 6.90 17.59 -40.96
N THR M 132 6.35 16.55 -40.31
CA THR M 132 6.03 16.65 -38.88
C THR M 132 7.29 16.85 -38.04
N ALA M 133 8.37 16.10 -38.35
CA ALA M 133 9.62 16.35 -37.65
C ALA M 133 10.04 17.79 -37.77
N ASP M 134 9.94 18.38 -38.98
CA ASP M 134 10.33 19.77 -39.17
C ASP M 134 9.45 20.70 -38.32
N LEU M 135 8.15 20.41 -38.26
CA LEU M 135 7.26 21.21 -37.41
C LEU M 135 7.69 21.16 -35.96
N LEU M 136 8.01 19.96 -35.46
CA LEU M 136 8.42 19.84 -34.06
C LEU M 136 9.69 20.65 -33.83
N THR M 137 10.59 20.63 -34.82
CA THR M 137 11.86 21.33 -34.70
C THR M 137 11.64 22.84 -34.64
N GLN M 138 10.76 23.37 -35.49
CA GLN M 138 10.49 24.80 -35.45
C GLN M 138 9.88 25.20 -34.12
N ARG M 139 8.93 24.40 -33.60
CA ARG M 139 8.35 24.76 -32.30
C ARG M 139 9.39 24.70 -31.18
N MET M 140 10.25 23.68 -31.19
CA MET M 140 11.32 23.61 -30.20
C MET M 140 12.24 24.82 -30.28
N GLN M 141 12.61 25.24 -31.51
CA GLN M 141 13.44 26.42 -31.70
C GLN M 141 12.79 27.68 -31.12
N VAL M 142 11.51 27.91 -31.42
CA VAL M 142 10.82 29.09 -30.88
C VAL M 142 10.76 29.06 -29.36
N HIS M 143 10.34 27.93 -28.79
CA HIS M 143 10.18 27.84 -27.34
C HIS M 143 11.52 27.90 -26.60
N GLU M 144 12.60 27.35 -27.17
CA GLU M 144 13.90 27.47 -26.51
C GLU M 144 14.40 28.91 -26.54
N LYS M 145 14.19 29.61 -27.64
CA LYS M 145 14.51 31.03 -27.70
C LYS M 145 13.71 31.84 -26.68
N THR M 146 12.42 31.58 -26.59
CA THR M 146 11.56 32.35 -25.71
C THR M 146 11.90 32.09 -24.25
N ALA M 147 12.20 30.83 -23.89
CA ALA M 147 12.67 30.55 -22.55
C ALA M 147 13.88 31.40 -22.21
N TRP M 148 14.82 31.54 -23.14
CA TRP M 148 16.01 32.33 -22.87
C TRP M 148 15.62 33.76 -22.53
N MET M 149 14.74 34.34 -23.34
CA MET M 149 14.37 35.73 -23.14
C MET M 149 13.62 35.91 -21.83
N LEU M 150 12.71 34.99 -21.51
CA LEU M 150 11.96 35.05 -20.26
C LEU M 150 12.88 34.88 -19.06
N ARG M 151 13.69 33.83 -19.03
CA ARG M 151 14.53 33.59 -17.87
CA ARG M 151 14.47 33.64 -17.82
C ARG M 151 15.60 34.66 -17.72
N SER M 152 15.99 35.31 -18.81
CA SER M 152 16.93 36.41 -18.66
C SER M 152 16.36 37.51 -17.76
N LEU M 153 15.04 37.71 -17.77
CA LEU M 153 14.40 38.71 -16.91
C LEU M 153 14.61 38.40 -15.42
N LEU M 154 14.86 37.15 -15.07
CA LEU M 154 14.97 36.72 -13.68
C LEU M 154 16.41 36.68 -13.18
N ALA M 155 17.39 36.92 -14.05
CA ALA M 155 18.81 36.77 -13.65
C ALA M 155 19.20 37.73 -12.55
N MET N 1 -2.87 52.56 -6.79
CA MET N 1 -3.47 53.92 -6.92
C MET N 1 -4.97 53.80 -7.14
N GLU N 2 -5.73 54.72 -6.53
CA GLU N 2 -7.19 54.68 -6.60
C GLU N 2 -7.68 54.97 -8.01
N ILE N 3 -8.87 54.44 -8.30
CA ILE N 3 -9.54 54.60 -9.58
C ILE N 3 -10.68 55.59 -9.38
N ASN N 4 -10.59 56.75 -10.03
CA ASN N 4 -11.62 57.80 -10.01
C ASN N 4 -12.00 58.12 -11.44
N ILE N 5 -12.88 57.28 -12.02
CA ILE N 5 -13.36 57.46 -13.38
C ILE N 5 -14.87 57.75 -13.41
N GLY N 6 -15.45 58.10 -12.27
CA GLY N 6 -16.85 58.47 -12.25
C GLY N 6 -17.82 57.32 -12.06
N ILE N 7 -17.34 56.16 -11.61
CA ILE N 7 -18.17 55.00 -11.33
C ILE N 7 -17.61 54.35 -10.07
N GLY N 8 -18.49 53.96 -9.16
CA GLY N 8 -18.04 53.38 -7.90
C GLY N 8 -17.66 51.91 -8.03
N GLU N 9 -16.96 51.42 -7.00
CA GLU N 9 -16.41 50.07 -7.03
C GLU N 9 -17.52 49.03 -7.22
N GLN N 10 -18.55 49.05 -6.36
CA GLN N 10 -19.59 48.04 -6.46
C GLN N 10 -20.26 48.07 -7.83
N ASP N 11 -20.27 49.25 -8.48
CA ASP N 11 -20.92 49.34 -9.78
C ASP N 11 -19.99 48.87 -10.89
N ARG N 12 -18.72 49.21 -10.81
CA ARG N 12 -17.77 48.67 -11.78
C ARG N 12 -17.75 47.15 -11.71
N ALA N 13 -17.66 46.61 -10.49
CA ALA N 13 -17.69 45.15 -10.28
C ALA N 13 -18.86 44.49 -10.98
N ALA N 14 -20.05 45.08 -10.85
CA ALA N 14 -21.21 44.55 -11.56
C ALA N 14 -21.02 44.60 -13.07
N ILE N 15 -20.43 45.69 -13.59
CA ILE N 15 -20.22 45.79 -15.02
C ILE N 15 -19.17 44.77 -15.48
N ALA N 16 -18.10 44.63 -14.70
CA ALA N 16 -17.06 43.65 -15.00
C ALA N 16 -17.63 42.23 -15.02
N GLU N 17 -18.56 41.92 -14.11
CA GLU N 17 -19.18 40.61 -14.14
C GLU N 17 -19.90 40.40 -15.47
N GLY N 18 -20.66 41.41 -15.91
CA GLY N 18 -21.35 41.27 -17.17
C GLY N 18 -20.39 41.12 -18.33
N LEU N 19 -19.32 41.91 -18.35
CA LEU N 19 -18.34 41.79 -19.43
C LEU N 19 -17.58 40.47 -19.37
N SER N 20 -17.38 39.92 -18.17
CA SER N 20 -16.78 38.59 -18.08
C SER N 20 -17.59 37.55 -18.81
N ARG N 21 -18.93 37.62 -18.71
CA ARG N 21 -19.77 36.72 -19.48
C ARG N 21 -19.67 37.03 -20.97
N LEU N 22 -19.59 38.31 -21.32
CA LEU N 22 -19.41 38.65 -22.72
C LEU N 22 -18.09 38.07 -23.23
N LEU N 23 -17.02 38.18 -22.43
CA LEU N 23 -15.72 37.64 -22.81
C LEU N 23 -15.78 36.13 -22.98
N ALA N 24 -16.32 35.43 -21.99
CA ALA N 24 -16.43 33.98 -22.10
C ALA N 24 -17.24 33.56 -23.34
N ASP N 25 -18.34 34.25 -23.62
CA ASP N 25 -19.08 33.90 -24.84
C ASP N 25 -18.26 34.22 -26.09
N THR N 26 -17.53 35.32 -26.07
CA THR N 26 -16.80 35.68 -27.27
C THR N 26 -15.65 34.71 -27.50
N TYR N 27 -14.97 34.31 -26.42
CA TYR N 27 -13.85 33.39 -26.53
C TYR N 27 -14.32 31.99 -26.95
N THR N 28 -15.44 31.52 -26.39
CA THR N 28 -15.99 30.24 -26.81
C THR N 28 -16.38 30.27 -28.28
N LEU N 29 -16.95 31.39 -28.74
CA LEU N 29 -17.29 31.50 -30.15
C LEU N 29 -16.04 31.56 -31.01
N TYR N 30 -14.97 32.17 -30.49
CA TYR N 30 -13.69 32.24 -31.19
C TYR N 30 -13.11 30.85 -31.39
N LEU N 31 -13.02 30.06 -30.32
CA LEU N 31 -12.49 28.70 -30.41
C LEU N 31 -13.36 27.83 -31.29
N LYS N 32 -14.68 27.95 -31.19
CA LYS N 32 -15.53 27.12 -32.01
C LYS N 32 -15.37 27.47 -33.48
N THR N 33 -15.23 28.76 -33.79
CA THR N 33 -15.01 29.18 -35.16
C THR N 33 -13.68 28.68 -35.67
N HIS N 34 -12.66 28.76 -34.81
CA HIS N 34 -11.32 28.28 -35.16
C HIS N 34 -11.37 26.80 -35.48
N ASN N 35 -11.95 26.01 -34.57
CA ASN N 35 -12.23 24.60 -34.73
C ASN N 35 -12.91 24.28 -36.06
N PHE N 36 -14.04 24.94 -36.35
CA PHE N 36 -14.69 24.66 -37.63
C PHE N 36 -13.84 25.09 -38.82
N HIS N 37 -13.05 26.14 -38.66
CA HIS N 37 -12.11 26.53 -39.71
C HIS N 37 -11.18 25.37 -40.06
N TRP N 38 -10.59 24.73 -39.04
CA TRP N 38 -9.67 23.62 -39.33
C TRP N 38 -10.41 22.43 -39.92
N ASN N 39 -11.63 22.17 -39.44
CA ASN N 39 -12.24 20.86 -39.56
C ASN N 39 -13.31 20.74 -40.64
N VAL N 40 -13.73 21.84 -41.26
CA VAL N 40 -14.88 21.79 -42.16
C VAL N 40 -14.49 21.11 -43.47
N THR N 41 -15.42 20.36 -44.08
CA THR N 41 -15.14 19.69 -45.35
C THR N 41 -16.36 19.75 -46.26
N GLY N 42 -16.16 19.31 -47.49
CA GLY N 42 -17.21 19.31 -48.48
C GLY N 42 -16.99 20.37 -49.54
N PRO N 43 -17.91 20.48 -50.51
CA PRO N 43 -17.68 21.39 -51.65
C PRO N 43 -17.60 22.85 -51.26
N MET N 44 -18.00 23.23 -50.04
CA MET N 44 -17.82 24.58 -49.53
C MET N 44 -16.57 24.73 -48.68
N PHE N 45 -15.62 23.81 -48.76
CA PHE N 45 -14.46 23.94 -47.88
C PHE N 45 -13.76 25.27 -48.10
N ASN N 46 -13.53 25.66 -49.35
CA ASN N 46 -12.74 26.85 -49.61
C ASN N 46 -13.45 28.09 -49.06
N THR N 47 -14.73 28.27 -49.41
CA THR N 47 -15.44 29.44 -48.94
C THR N 47 -15.58 29.44 -47.41
N LEU N 48 -15.87 28.29 -46.81
CA LEU N 48 -16.08 28.31 -45.37
C LEU N 48 -14.76 28.33 -44.60
N HIS N 49 -13.73 27.62 -45.09
CA HIS N 49 -12.40 27.77 -44.51
C HIS N 49 -12.00 29.23 -44.47
N LEU N 50 -12.20 29.92 -45.60
CA LEU N 50 -11.83 31.33 -45.67
C LEU N 50 -12.73 32.19 -44.79
N MET N 51 -14.05 31.98 -44.88
CA MET N 51 -14.97 32.80 -44.10
C MET N 51 -14.75 32.63 -42.61
N PHE N 52 -14.55 31.40 -42.15
CA PHE N 52 -14.37 31.21 -40.72
C PHE N 52 -13.04 31.77 -40.29
N GLU N 53 -12.06 31.84 -41.19
CA GLU N 53 -10.78 32.47 -40.86
C GLU N 53 -10.98 33.95 -40.54
N GLY N 54 -11.65 34.67 -41.43
CA GLY N 54 -11.96 36.06 -41.15
C GLY N 54 -12.68 36.26 -39.83
N GLN N 55 -13.57 35.32 -39.48
CA GLN N 55 -14.32 35.44 -38.22
C GLN N 55 -13.43 35.18 -36.99
N TYR N 56 -12.63 34.10 -36.98
CA TYR N 56 -11.84 33.91 -35.75
C TYR N 56 -10.80 34.99 -35.64
N THR N 57 -10.36 35.55 -36.77
CA THR N 57 -9.37 36.61 -36.73
C THR N 57 -9.95 37.87 -36.11
N GLU N 58 -11.17 38.23 -36.50
CA GLU N 58 -11.83 39.38 -35.89
C GLU N 58 -12.09 39.13 -34.40
N LEU N 59 -12.44 37.89 -34.05
CA LEU N 59 -12.79 37.56 -32.66
C LEU N 59 -11.57 37.57 -31.75
N ALA N 60 -10.38 37.28 -32.27
CA ALA N 60 -9.20 37.34 -31.41
C ALA N 60 -8.94 38.77 -30.97
N VAL N 61 -9.18 39.74 -31.85
CA VAL N 61 -9.06 41.15 -31.46
C VAL N 61 -10.18 41.52 -30.48
N ALA N 62 -11.40 41.05 -30.74
CA ALA N 62 -12.52 41.32 -29.83
C ALA N 62 -12.24 40.79 -28.43
N VAL N 63 -11.73 39.56 -28.29
CA VAL N 63 -11.46 39.08 -26.94
CA VAL N 63 -11.39 39.04 -26.96
C VAL N 63 -10.50 40.03 -26.22
N ASP N 64 -9.50 40.55 -26.92
CA ASP N 64 -8.55 41.49 -26.31
C ASP N 64 -9.23 42.81 -25.94
N ASP N 65 -10.08 43.33 -26.82
CA ASP N 65 -10.76 44.58 -26.49
C ASP N 65 -11.69 44.40 -25.30
N ILE N 66 -12.41 43.28 -25.23
CA ILE N 66 -13.32 43.08 -24.12
C ILE N 66 -12.55 42.92 -22.83
N ALA N 67 -11.43 42.17 -22.88
CA ALA N 67 -10.66 41.93 -21.67
C ALA N 67 -10.07 43.21 -21.13
N GLU N 68 -9.54 44.05 -22.02
CA GLU N 68 -8.92 45.29 -21.59
C GLU N 68 -9.93 46.27 -21.03
N ARG N 69 -11.21 46.15 -21.40
CA ARG N 69 -12.23 46.99 -20.77
C ARG N 69 -12.47 46.53 -19.35
N ILE N 70 -12.52 45.21 -19.12
CA ILE N 70 -12.56 44.69 -17.76
C ILE N 70 -11.41 45.26 -16.96
N ARG N 71 -10.22 45.31 -17.56
CA ARG N 71 -9.08 45.86 -16.84
C ARG N 71 -9.25 47.36 -16.59
N ALA N 72 -9.79 48.08 -17.58
CA ALA N 72 -9.97 49.51 -17.41
C ALA N 72 -10.90 49.79 -16.24
N LEU N 73 -11.91 48.93 -16.07
CA LEU N 73 -12.83 49.03 -14.95
C LEU N 73 -12.19 48.65 -13.63
N GLY N 74 -10.98 48.09 -13.65
CA GLY N 74 -10.29 47.78 -12.42
C GLY N 74 -10.43 46.35 -11.89
N PHE N 75 -10.63 45.38 -12.76
CA PHE N 75 -10.82 44.01 -12.30
C PHE N 75 -10.03 43.03 -13.16
N PRO N 76 -9.69 41.87 -12.63
CA PRO N 76 -8.95 40.90 -13.43
C PRO N 76 -9.79 40.35 -14.55
N ALA N 77 -9.15 40.12 -15.72
CA ALA N 77 -9.86 39.47 -16.82
C ALA N 77 -9.74 37.95 -16.68
N PRO N 78 -10.86 37.22 -16.72
CA PRO N 78 -10.76 35.75 -16.73
C PRO N 78 -10.16 35.24 -18.02
N GLY N 79 -9.35 34.20 -17.89
CA GLY N 79 -8.67 33.58 -19.02
C GLY N 79 -8.22 32.15 -18.75
N THR N 80 -9.17 31.26 -18.49
CA THR N 80 -8.89 29.85 -18.32
C THR N 80 -10.08 29.08 -18.85
N TYR N 81 -9.82 27.83 -19.22
CA TYR N 81 -10.88 26.94 -19.69
C TYR N 81 -12.01 26.87 -18.68
N ALA N 82 -11.67 26.68 -17.39
CA ALA N 82 -12.68 26.58 -16.34
C ALA N 82 -13.51 27.85 -16.26
N ALA N 83 -12.84 29.01 -16.18
CA ALA N 83 -13.59 30.25 -16.05
C ALA N 83 -14.51 30.46 -17.24
N TYR N 84 -14.00 30.25 -18.45
CA TYR N 84 -14.84 30.47 -19.63
C TYR N 84 -15.97 29.45 -19.70
N ALA N 85 -15.73 28.18 -19.33
CA ALA N 85 -16.82 27.23 -19.42
C ALA N 85 -17.92 27.54 -18.41
N ARG N 86 -17.52 28.00 -17.23
CA ARG N 86 -18.50 28.46 -16.25
C ARG N 86 -19.35 29.60 -16.80
N LEU N 87 -18.69 30.66 -17.28
CA LEU N 87 -19.39 31.88 -17.66
C LEU N 87 -20.04 31.78 -19.03
N SER N 88 -19.60 30.86 -19.88
CA SER N 88 -20.12 30.85 -21.23
C SER N 88 -21.53 30.31 -21.28
N SER N 89 -22.30 30.83 -22.25
CA SER N 89 -23.63 30.33 -22.57
C SER N 89 -23.67 29.69 -23.95
N ILE N 90 -22.51 29.43 -24.55
CA ILE N 90 -22.40 28.76 -25.84
C ILE N 90 -22.29 27.27 -25.60
N LYS N 91 -23.12 26.49 -26.29
CA LYS N 91 -23.00 25.05 -26.24
C LYS N 91 -21.78 24.62 -27.05
N GLU N 92 -20.81 23.97 -26.41
CA GLU N 92 -19.64 23.55 -27.16
C GLU N 92 -19.92 22.28 -27.96
N GLU N 93 -19.25 22.17 -29.11
CA GLU N 93 -19.42 21.08 -30.06
C GLU N 93 -18.16 20.23 -30.04
N GLU N 94 -18.29 18.98 -29.60
CA GLU N 94 -17.14 18.10 -29.38
C GLU N 94 -16.85 17.20 -30.57
N GLY N 95 -17.63 17.29 -31.63
CA GLY N 95 -17.46 16.44 -32.78
C GLY N 95 -17.13 17.24 -34.01
N VAL N 96 -17.45 16.71 -35.18
CA VAL N 96 -17.28 17.38 -36.46
C VAL N 96 -18.62 17.36 -37.18
N PRO N 97 -19.42 18.40 -37.06
CA PRO N 97 -20.69 18.44 -37.80
C PRO N 97 -20.49 18.60 -39.29
N GLU N 98 -21.55 18.28 -40.02
CA GLU N 98 -21.63 18.65 -41.42
C GLU N 98 -21.51 20.17 -41.55
N ALA N 99 -21.06 20.61 -42.73
CA ALA N 99 -20.81 22.03 -42.94
C ALA N 99 -22.05 22.86 -42.60
N GLU N 100 -23.21 22.46 -43.10
CA GLU N 100 -24.43 23.24 -42.87
C GLU N 100 -24.71 23.38 -41.37
N GLU N 101 -24.51 22.32 -40.61
CA GLU N 101 -24.71 22.44 -39.18
C GLU N 101 -23.65 23.34 -38.54
N MET N 102 -22.42 23.30 -39.05
CA MET N 102 -21.42 24.25 -38.57
C MET N 102 -21.91 25.67 -38.78
N ILE N 103 -22.42 25.97 -39.97
CA ILE N 103 -22.97 27.30 -40.24
C ILE N 103 -24.04 27.63 -39.21
N ARG N 104 -24.99 26.70 -39.00
CA ARG N 104 -26.10 26.95 -38.08
C ARG N 104 -25.59 27.25 -36.69
N GLN N 105 -24.66 26.44 -36.18
CA GLN N 105 -24.18 26.70 -34.83
C GLN N 105 -23.48 28.05 -34.72
N LEU N 106 -22.80 28.49 -35.78
CA LEU N 106 -22.14 29.79 -35.72
C LEU N 106 -23.17 30.92 -35.72
N VAL N 107 -24.24 30.81 -36.53
CA VAL N 107 -25.35 31.76 -36.42
C VAL N 107 -25.80 31.88 -34.99
N GLN N 108 -26.08 30.75 -34.36
CA GLN N 108 -26.55 30.78 -32.97
C GLN N 108 -25.50 31.36 -32.07
N GLY N 109 -24.22 31.08 -32.35
CA GLY N 109 -23.15 31.74 -31.60
C GLY N 109 -23.21 33.25 -31.71
N GLN N 110 -23.36 33.77 -32.93
CA GLN N 110 -23.50 35.22 -33.11
C GLN N 110 -24.66 35.74 -32.27
N GLU N 111 -25.82 35.08 -32.37
CA GLU N 111 -27.02 35.55 -31.68
C GLU N 111 -26.86 35.43 -30.19
N ALA N 112 -26.16 34.41 -29.71
CA ALA N 112 -25.99 34.25 -28.27
C ALA N 112 -25.13 35.36 -27.68
N VAL N 113 -24.20 35.90 -28.45
CA VAL N 113 -23.38 37.01 -27.95
C VAL N 113 -24.20 38.30 -27.92
N VAL N 114 -24.99 38.54 -28.96
CA VAL N 114 -25.93 39.67 -28.96
C VAL N 114 -26.83 39.61 -27.73
N ARG N 115 -27.37 38.43 -27.43
CA ARG N 115 -28.27 38.26 -26.28
C ARG N 115 -27.54 38.55 -24.97
N THR N 116 -26.28 38.19 -24.90
CA THR N 116 -25.53 38.49 -23.69
C THR N 116 -25.20 39.98 -23.62
N ALA N 117 -24.86 40.57 -24.76
CA ALA N 117 -24.64 42.01 -24.82
C ALA N 117 -25.86 42.75 -24.30
N ARG N 118 -27.03 42.46 -24.89
CA ARG N 118 -28.26 43.15 -24.52
C ARG N 118 -28.51 43.09 -23.03
N SER N 119 -28.20 41.96 -22.39
CA SER N 119 -28.51 41.79 -20.98
C SER N 119 -27.72 42.74 -20.08
N ILE N 120 -26.60 43.30 -20.58
CA ILE N 120 -25.75 44.15 -19.76
C ILE N 120 -26.18 45.61 -19.78
N PHE N 121 -26.90 46.03 -20.80
CA PHE N 121 -27.17 47.45 -20.97
C PHE N 121 -27.87 48.06 -19.76
N PRO N 122 -28.92 47.44 -19.17
CA PRO N 122 -29.58 48.06 -18.01
C PRO N 122 -28.58 48.61 -17.03
N LEU N 123 -27.64 47.76 -16.67
CA LEU N 123 -26.65 48.08 -15.64
C LEU N 123 -25.74 49.24 -16.04
N LEU N 124 -25.69 49.62 -17.31
CA LEU N 124 -24.92 50.79 -17.73
C LEU N 124 -25.76 52.05 -17.84
N ASP N 125 -27.09 51.91 -17.97
CA ASP N 125 -27.97 53.05 -18.03
C ASP N 125 -27.97 53.80 -16.70
N LYS N 126 -28.07 53.05 -15.58
CA LYS N 126 -27.98 53.65 -14.26
C LYS N 126 -26.77 54.57 -14.16
N VAL N 127 -25.58 54.04 -14.46
CA VAL N 127 -24.32 54.71 -14.14
C VAL N 127 -23.73 55.52 -15.29
N SER N 128 -24.26 55.40 -16.50
CA SER N 128 -23.70 56.04 -17.69
C SER N 128 -22.22 55.68 -17.91
N ASP N 129 -21.98 54.36 -17.96
CA ASP N 129 -20.71 53.82 -18.44
C ASP N 129 -20.81 53.83 -19.96
N GLU N 130 -20.40 54.93 -20.56
CA GLU N 130 -20.61 55.09 -21.99
C GLU N 130 -19.61 54.26 -22.78
N PRO N 131 -18.33 54.19 -22.38
CA PRO N 131 -17.38 53.36 -23.14
C PRO N 131 -17.80 51.89 -23.22
N THR N 132 -18.24 51.31 -22.11
CA THR N 132 -18.72 49.94 -22.18
C THR N 132 -19.92 49.85 -23.10
N ALA N 133 -20.82 50.83 -23.05
CA ALA N 133 -22.01 50.75 -23.90
C ALA N 133 -21.61 50.81 -25.36
N ASP N 134 -20.54 51.53 -25.66
CA ASP N 134 -20.06 51.55 -27.03
C ASP N 134 -19.44 50.21 -27.43
N LEU N 135 -18.61 49.62 -26.57
CA LEU N 135 -18.08 48.28 -26.83
C LEU N 135 -19.21 47.30 -27.17
N LEU N 136 -20.22 47.23 -26.32
CA LEU N 136 -21.34 46.32 -26.57
C LEU N 136 -21.97 46.59 -27.92
N THR N 137 -22.19 47.87 -28.22
CA THR N 137 -22.74 48.28 -29.51
C THR N 137 -21.87 47.80 -30.68
N GLN N 138 -20.56 47.96 -30.57
CA GLN N 138 -19.70 47.51 -31.65
C GLN N 138 -19.79 45.99 -31.79
N ARG N 139 -19.84 45.28 -30.66
CA ARG N 139 -19.92 43.83 -30.71
C ARG N 139 -21.23 43.37 -31.32
N MET N 140 -22.35 43.98 -30.89
CA MET N 140 -23.63 43.63 -31.49
C MET N 140 -23.64 43.88 -32.98
N GLN N 141 -22.96 44.93 -33.42
CA GLN N 141 -22.92 45.26 -34.84
C GLN N 141 -22.21 44.16 -35.64
N VAL N 142 -21.09 43.66 -35.10
CA VAL N 142 -20.30 42.64 -35.80
C VAL N 142 -21.11 41.34 -35.92
N HIS N 143 -21.61 40.84 -34.78
CA HIS N 143 -22.30 39.57 -34.77
C HIS N 143 -23.59 39.60 -35.60
N GLU N 144 -24.29 40.73 -35.59
CA GLU N 144 -25.51 40.82 -36.40
C GLU N 144 -25.18 40.83 -37.88
N LYS N 145 -24.13 41.56 -38.26
CA LYS N 145 -23.65 41.50 -39.64
C LYS N 145 -23.25 40.07 -40.01
N THR N 146 -22.41 39.45 -39.18
CA THR N 146 -21.95 38.08 -39.44
C THR N 146 -23.12 37.11 -39.50
N ALA N 147 -24.12 37.27 -38.62
CA ALA N 147 -25.29 36.40 -38.68
C ALA N 147 -25.98 36.49 -40.04
N TRP N 148 -26.06 37.70 -40.60
CA TRP N 148 -26.65 37.83 -41.93
C TRP N 148 -25.83 37.05 -42.97
N MET N 149 -24.51 37.24 -42.97
CA MET N 149 -23.69 36.54 -43.93
C MET N 149 -23.79 35.03 -43.74
N LEU N 150 -23.70 34.55 -42.51
CA LEU N 150 -23.78 33.10 -42.27
C LEU N 150 -25.13 32.54 -42.70
N ARG N 151 -26.24 33.10 -42.21
CA ARG N 151 -27.53 32.51 -42.49
CA ARG N 151 -27.52 32.49 -42.49
C ARG N 151 -27.91 32.66 -43.96
N SER N 152 -27.36 33.65 -44.65
CA SER N 152 -27.58 33.75 -46.10
C SER N 152 -27.12 32.50 -46.85
N LEU N 153 -26.09 31.80 -46.33
CA LEU N 153 -25.63 30.58 -46.99
C LEU N 153 -26.66 29.46 -46.94
N LEU N 154 -27.64 29.54 -46.03
CA LEU N 154 -28.64 28.50 -45.79
C LEU N 154 -29.94 28.71 -46.56
N ALA N 155 -30.08 29.77 -47.35
CA ALA N 155 -31.37 30.17 -47.92
C ALA N 155 -31.98 29.17 -48.92
N MET O 1 25.26 60.15 -14.23
CA MET O 1 26.62 59.96 -14.83
C MET O 1 27.12 61.25 -15.53
N GLU O 2 28.43 61.50 -15.40
CA GLU O 2 29.02 62.71 -15.96
C GLU O 2 28.75 62.81 -17.47
N ILE O 3 28.55 64.03 -17.94
CA ILE O 3 28.43 64.33 -19.37
C ILE O 3 29.80 64.78 -19.87
N ASN O 4 30.35 64.07 -20.87
CA ASN O 4 31.64 64.42 -21.46
C ASN O 4 31.54 64.36 -22.98
N ILE O 5 30.85 65.33 -23.56
CA ILE O 5 30.63 65.38 -25.01
C ILE O 5 31.47 66.47 -25.65
N GLY O 6 32.44 67.01 -24.90
CA GLY O 6 33.33 68.03 -25.42
C GLY O 6 32.88 69.45 -25.16
N ILE O 7 31.95 69.68 -24.23
CA ILE O 7 31.39 71.01 -24.01
C ILE O 7 31.10 71.19 -22.52
N GLY O 8 31.75 72.16 -21.89
CA GLY O 8 31.60 72.37 -20.47
C GLY O 8 30.21 72.80 -20.08
N GLU O 9 29.90 72.63 -18.78
CA GLU O 9 28.55 72.83 -18.28
C GLU O 9 28.03 74.24 -18.55
N GLN O 10 28.87 75.26 -18.37
CA GLN O 10 28.36 76.62 -18.55
C GLN O 10 28.02 76.88 -20.02
N ASP O 11 28.89 76.43 -20.94
CA ASP O 11 28.56 76.55 -22.35
C ASP O 11 27.25 75.85 -22.67
N ARG O 12 27.08 74.62 -22.16
CA ARG O 12 25.88 73.87 -22.50
C ARG O 12 24.65 74.56 -21.96
N ALA O 13 24.76 75.14 -20.75
CA ALA O 13 23.65 75.87 -20.16
C ALA O 13 23.27 77.07 -21.02
N ALA O 14 24.27 77.68 -21.68
CA ALA O 14 24.01 78.86 -22.51
C ALA O 14 23.32 78.45 -23.80
N ILE O 15 23.85 77.42 -24.46
CA ILE O 15 23.20 76.88 -25.64
C ILE O 15 21.79 76.42 -25.31
N ALA O 16 21.63 75.72 -24.19
CA ALA O 16 20.30 75.25 -23.84
C ALA O 16 19.33 76.41 -23.67
N GLU O 17 19.79 77.51 -23.04
CA GLU O 17 18.89 78.64 -22.84
C GLU O 17 18.40 79.19 -24.18
N GLY O 18 19.30 79.31 -25.16
CA GLY O 18 18.92 79.67 -26.51
C GLY O 18 17.90 78.71 -27.13
N LEU O 19 18.22 77.43 -27.12
CA LEU O 19 17.29 76.47 -27.71
C LEU O 19 15.98 76.46 -26.96
N SER O 20 15.99 76.82 -25.69
CA SER O 20 14.73 76.97 -24.97
C SER O 20 13.89 78.07 -25.61
N ARG O 21 14.52 79.10 -26.12
CA ARG O 21 13.76 80.16 -26.76
C ARG O 21 13.33 79.74 -28.15
N LEU O 22 14.23 79.08 -28.88
CA LEU O 22 13.84 78.47 -30.15
C LEU O 22 12.63 77.55 -29.98
N LEU O 23 12.68 76.67 -28.98
CA LEU O 23 11.56 75.78 -28.71
C LEU O 23 10.29 76.55 -28.41
N ALA O 24 10.40 77.61 -27.60
CA ALA O 24 9.21 78.40 -27.24
C ALA O 24 8.62 79.03 -28.48
N ASP O 25 9.48 79.56 -29.34
CA ASP O 25 8.98 80.21 -30.55
C ASP O 25 8.39 79.20 -31.52
N THR O 26 9.04 78.03 -31.65
CA THR O 26 8.50 76.98 -32.51
C THR O 26 7.19 76.43 -31.98
N TYR O 27 7.08 76.28 -30.67
CA TYR O 27 5.82 75.76 -30.13
C TYR O 27 4.72 76.80 -30.28
N THR O 28 5.04 78.08 -30.08
CA THR O 28 4.00 79.10 -30.23
C THR O 28 3.54 79.18 -31.67
N LEU O 29 4.47 79.15 -32.62
CA LEU O 29 4.07 79.11 -34.02
C LEU O 29 3.26 77.85 -34.32
N TYR O 30 3.65 76.73 -33.71
CA TYR O 30 2.93 75.48 -33.90
C TYR O 30 1.49 75.65 -33.48
N LEU O 31 1.25 76.13 -32.26
CA LEU O 31 -0.11 76.30 -31.80
C LEU O 31 -0.85 77.34 -32.63
N LYS O 32 -0.17 78.42 -33.04
CA LYS O 32 -0.85 79.41 -33.88
C LYS O 32 -1.26 78.79 -35.20
N THR O 33 -0.37 78.02 -35.84
CA THR O 33 -0.70 77.38 -37.10
C THR O 33 -1.86 76.40 -36.92
N HIS O 34 -1.83 75.63 -35.84
CA HIS O 34 -2.90 74.69 -35.60
C HIS O 34 -4.23 75.42 -35.46
N ASN O 35 -4.20 76.53 -34.73
CA ASN O 35 -5.36 77.40 -34.53
C ASN O 35 -5.94 77.87 -35.87
N PHE O 36 -5.11 78.47 -36.70
CA PHE O 36 -5.60 78.96 -37.99
C PHE O 36 -6.10 77.81 -38.87
N HIS O 37 -5.52 76.62 -38.73
CA HIS O 37 -6.03 75.44 -39.43
C HIS O 37 -7.51 75.18 -39.08
N TRP O 38 -7.85 75.19 -37.80
CA TRP O 38 -9.24 74.95 -37.41
C TRP O 38 -10.15 76.08 -37.87
N ASN O 39 -9.66 77.31 -37.83
CA ASN O 39 -10.53 78.46 -37.76
C ASN O 39 -10.64 79.27 -39.04
N VAL O 40 -9.83 78.97 -40.06
CA VAL O 40 -9.83 79.78 -41.27
C VAL O 40 -11.11 79.52 -42.05
N THR O 41 -11.58 80.55 -42.76
CA THR O 41 -12.78 80.48 -43.58
C THR O 41 -12.61 81.35 -44.81
N GLY O 42 -13.55 81.24 -45.71
CA GLY O 42 -13.50 81.97 -46.95
C GLY O 42 -13.21 81.05 -48.10
N PRO O 43 -13.13 81.62 -49.30
CA PRO O 43 -12.94 80.77 -50.50
C PRO O 43 -11.62 80.06 -50.52
N MET O 44 -10.67 80.48 -49.72
CA MET O 44 -9.41 79.77 -49.62
C MET O 44 -9.42 78.69 -48.53
N PHE O 45 -10.59 78.37 -47.95
CA PHE O 45 -10.62 77.44 -46.82
C PHE O 45 -9.88 76.15 -47.14
N ASN O 46 -10.18 75.53 -48.28
CA ASN O 46 -9.65 74.19 -48.51
C ASN O 46 -8.14 74.22 -48.65
N THR O 47 -7.63 75.11 -49.48
CA THR O 47 -6.19 75.13 -49.69
C THR O 47 -5.45 75.61 -48.43
N LEU O 48 -6.04 76.53 -47.65
CA LEU O 48 -5.39 76.99 -46.44
C LEU O 48 -5.51 75.97 -45.31
N HIS O 49 -6.68 75.36 -45.16
CA HIS O 49 -6.85 74.27 -44.21
C HIS O 49 -5.76 73.23 -44.41
N LEU O 50 -5.51 72.85 -45.66
CA LEU O 50 -4.51 71.82 -45.93
C LEU O 50 -3.10 72.36 -45.74
N MET O 51 -2.87 73.60 -46.18
CA MET O 51 -1.54 74.15 -46.07
C MET O 51 -1.13 74.28 -44.63
N PHE O 52 -2.01 74.81 -43.79
CA PHE O 52 -1.68 74.96 -42.39
C PHE O 52 -1.57 73.60 -41.69
N GLU O 53 -2.33 72.60 -42.14
CA GLU O 53 -2.15 71.24 -41.63
C GLU O 53 -0.71 70.77 -41.85
N GLY O 54 -0.19 70.94 -43.07
CA GLY O 54 1.15 70.48 -43.35
C GLY O 54 2.17 71.19 -42.48
N GLN O 55 1.99 72.50 -42.28
CA GLN O 55 2.89 73.25 -41.43
C GLN O 55 2.83 72.80 -39.97
N TYR O 56 1.63 72.62 -39.41
CA TYR O 56 1.59 72.23 -38.00
C TYR O 56 2.08 70.80 -37.80
N THR O 57 1.94 69.92 -38.81
CA THR O 57 2.49 68.57 -38.71
C THR O 57 4.00 68.63 -38.65
N GLU O 58 4.60 69.43 -39.52
CA GLU O 58 6.05 69.58 -39.52
C GLU O 58 6.52 70.18 -38.20
N LEU O 59 5.79 71.17 -37.68
CA LEU O 59 6.28 71.87 -36.50
C LEU O 59 6.16 71.00 -35.25
N ALA O 60 5.24 70.03 -35.26
CA ALA O 60 5.13 69.15 -34.10
C ALA O 60 6.37 68.27 -33.98
N VAL O 61 6.89 67.83 -35.12
CA VAL O 61 8.11 67.04 -35.09
C VAL O 61 9.29 67.92 -34.71
N ALA O 62 9.31 69.16 -35.20
CA ALA O 62 10.43 70.03 -34.89
C ALA O 62 10.48 70.41 -33.42
N VAL O 63 9.32 70.55 -32.76
CA VAL O 63 9.38 70.81 -31.33
CA VAL O 63 9.31 70.78 -31.32
C VAL O 63 10.05 69.64 -30.61
N ASP O 64 9.75 68.41 -31.02
CA ASP O 64 10.38 67.25 -30.40
C ASP O 64 11.87 67.23 -30.68
N ASP O 65 12.27 67.51 -31.93
CA ASP O 65 13.69 67.52 -32.28
C ASP O 65 14.47 68.57 -31.49
N ILE O 66 13.90 69.78 -31.31
CA ILE O 66 14.58 70.84 -30.57
C ILE O 66 14.64 70.47 -29.10
N ALA O 67 13.49 70.08 -28.54
CA ALA O 67 13.44 69.62 -27.17
C ALA O 67 14.50 68.58 -26.88
N GLU O 68 14.71 67.64 -27.82
CA GLU O 68 15.65 66.54 -27.56
C GLU O 68 17.11 66.97 -27.70
N ARG O 69 17.41 67.99 -28.49
CA ARG O 69 18.75 68.54 -28.41
C ARG O 69 19.02 69.14 -27.03
N ILE O 70 18.03 69.82 -26.46
CA ILE O 70 18.20 70.38 -25.13
C ILE O 70 18.55 69.26 -24.15
N ARG O 71 17.84 68.12 -24.24
CA ARG O 71 18.17 66.98 -23.37
C ARG O 71 19.58 66.47 -23.63
N ALA O 72 19.99 66.38 -24.89
CA ALA O 72 21.34 65.93 -25.22
C ALA O 72 22.41 66.82 -24.58
N LEU O 73 22.11 68.09 -24.37
CA LEU O 73 23.05 69.03 -23.78
C LEU O 73 23.03 68.99 -22.26
N GLY O 74 22.05 68.31 -21.67
CA GLY O 74 22.06 68.06 -20.25
C GLY O 74 21.05 68.82 -19.45
N PHE O 75 20.05 69.41 -20.08
CA PHE O 75 19.14 70.29 -19.37
C PHE O 75 17.69 69.91 -19.62
N PRO O 76 16.81 70.26 -18.71
CA PRO O 76 15.40 69.96 -18.92
C PRO O 76 14.84 70.78 -20.07
N ALA O 77 13.83 70.20 -20.73
CA ALA O 77 13.14 70.88 -21.82
C ALA O 77 11.91 71.53 -21.26
N PRO O 78 11.69 72.83 -21.47
CA PRO O 78 10.47 73.44 -20.97
C PRO O 78 9.26 73.01 -21.78
N GLY O 79 8.14 72.87 -21.09
CA GLY O 79 6.92 72.39 -21.72
C GLY O 79 5.69 72.69 -20.89
N THR O 80 5.43 73.98 -20.69
CA THR O 80 4.21 74.44 -20.05
C THR O 80 3.79 75.73 -20.74
N TYR O 81 2.50 76.05 -20.61
CA TYR O 81 2.04 77.34 -21.11
C TYR O 81 2.86 78.46 -20.53
N ALA O 82 3.13 78.41 -19.21
CA ALA O 82 3.80 79.53 -18.55
C ALA O 82 5.21 79.68 -19.07
N ALA O 83 5.94 78.57 -19.19
CA ALA O 83 7.32 78.66 -19.62
C ALA O 83 7.45 79.08 -21.07
N TYR O 84 6.50 78.68 -21.92
CA TYR O 84 6.59 79.08 -23.33
C TYR O 84 6.19 80.54 -23.51
N ALA O 85 5.15 80.99 -22.81
CA ALA O 85 4.80 82.41 -22.81
C ALA O 85 6.00 83.27 -22.42
N ARG O 86 6.64 82.92 -21.30
CA ARG O 86 7.81 83.65 -20.85
C ARG O 86 8.92 83.70 -21.91
N LEU O 87 9.25 82.56 -22.51
CA LEU O 87 10.39 82.53 -23.42
C LEU O 87 10.07 82.99 -24.84
N SER O 88 8.81 83.02 -25.22
CA SER O 88 8.43 83.20 -26.61
C SER O 88 8.59 84.66 -27.03
N SER O 89 9.15 84.87 -28.22
CA SER O 89 9.16 86.19 -28.84
C SER O 89 7.96 86.43 -29.78
N ILE O 90 7.30 85.39 -30.24
CA ILE O 90 6.11 85.52 -31.08
C ILE O 90 4.89 85.76 -30.20
N LYS O 91 4.01 86.64 -30.66
CA LYS O 91 2.76 86.92 -29.95
C LYS O 91 1.60 86.16 -30.55
N GLU O 92 0.67 85.76 -29.69
CA GLU O 92 -0.43 84.93 -30.11
C GLU O 92 -1.59 85.78 -30.55
N GLU O 93 -2.44 85.16 -31.34
CA GLU O 93 -3.66 85.75 -31.85
C GLU O 93 -4.81 85.19 -31.04
N GLU O 94 -5.53 86.05 -30.33
CA GLU O 94 -6.59 85.58 -29.45
C GLU O 94 -7.95 85.57 -30.13
N GLY O 95 -8.05 86.09 -31.35
CA GLY O 95 -9.30 86.09 -32.08
C GLY O 95 -9.21 85.29 -33.37
N VAL O 96 -10.02 85.65 -34.36
CA VAL O 96 -10.07 84.94 -35.62
C VAL O 96 -9.83 85.91 -36.76
N PRO O 97 -8.58 86.16 -37.17
CA PRO O 97 -8.34 87.05 -38.30
C PRO O 97 -8.99 86.54 -39.58
N GLU O 98 -9.08 87.47 -40.54
CA GLU O 98 -9.31 87.17 -41.94
C GLU O 98 -8.20 86.28 -42.47
N ALA O 99 -8.52 85.53 -43.53
CA ALA O 99 -7.56 84.61 -44.12
C ALA O 99 -6.26 85.31 -44.44
N GLU O 100 -6.35 86.50 -45.03
CA GLU O 100 -5.15 87.20 -45.45
C GLU O 100 -4.27 87.55 -44.27
N GLU O 101 -4.86 88.00 -43.17
CA GLU O 101 -4.08 88.35 -41.99
C GLU O 101 -3.50 87.11 -41.32
N MET O 102 -4.22 85.99 -41.35
CA MET O 102 -3.62 84.73 -40.92
C MET O 102 -2.33 84.46 -41.70
N ILE O 103 -2.39 84.54 -43.02
CA ILE O 103 -1.19 84.31 -43.82
C ILE O 103 -0.08 85.26 -43.40
N ARG O 104 -0.44 86.53 -43.14
CA ARG O 104 0.57 87.52 -42.81
C ARG O 104 1.23 87.22 -41.48
N GLN O 105 0.43 86.92 -40.47
CA GLN O 105 0.97 86.55 -39.17
C GLN O 105 1.91 85.36 -39.28
N LEU O 106 1.53 84.35 -40.07
CA LEU O 106 2.34 83.14 -40.17
C LEU O 106 3.64 83.41 -40.88
N VAL O 107 3.63 84.30 -41.88
CA VAL O 107 4.88 84.72 -42.50
C VAL O 107 5.78 85.38 -41.47
N GLN O 108 5.22 86.26 -40.65
CA GLN O 108 6.01 86.91 -39.61
C GLN O 108 6.49 85.91 -38.57
N GLY O 109 5.65 84.92 -38.25
CA GLY O 109 6.07 83.83 -37.38
C GLY O 109 7.31 83.12 -37.91
N GLN O 110 7.29 82.74 -39.19
CA GLN O 110 8.47 82.11 -39.79
C GLN O 110 9.70 82.98 -39.57
N GLU O 111 9.59 84.26 -39.93
CA GLU O 111 10.75 85.15 -39.87
C GLU O 111 11.19 85.39 -38.43
N ALA O 112 10.25 85.33 -37.48
CA ALA O 112 10.62 85.45 -36.08
C ALA O 112 11.43 84.25 -35.61
N VAL O 113 10.99 83.03 -35.94
CA VAL O 113 11.77 81.86 -35.53
C VAL O 113 13.18 81.95 -36.11
N VAL O 114 13.30 82.34 -37.38
CA VAL O 114 14.61 82.51 -37.99
C VAL O 114 15.47 83.46 -37.16
N ARG O 115 14.88 84.60 -36.77
CA ARG O 115 15.64 85.59 -35.99
C ARG O 115 16.11 84.98 -34.68
N THR O 116 15.26 84.17 -34.05
CA THR O 116 15.72 83.52 -32.83
C THR O 116 16.84 82.53 -33.10
N ALA O 117 16.74 81.79 -34.21
CA ALA O 117 17.84 80.93 -34.63
C ALA O 117 19.12 81.72 -34.82
N ARG O 118 19.01 82.90 -35.43
CA ARG O 118 20.24 83.63 -35.73
C ARG O 118 20.93 84.11 -34.47
N SER O 119 20.17 84.44 -33.42
CA SER O 119 20.76 84.92 -32.17
C SER O 119 21.46 83.84 -31.37
N ILE O 120 21.45 82.58 -31.80
CA ILE O 120 22.08 81.49 -31.05
C ILE O 120 23.46 81.21 -31.61
N PHE O 121 23.62 81.38 -32.92
CA PHE O 121 24.87 81.03 -33.57
C PHE O 121 26.12 81.58 -32.89
N PRO O 122 26.15 82.82 -32.40
CA PRO O 122 27.35 83.28 -31.66
C PRO O 122 27.76 82.36 -30.52
N LEU O 123 26.82 81.95 -29.65
CA LEU O 123 27.17 81.01 -28.58
C LEU O 123 27.93 79.80 -29.12
N LEU O 124 27.68 79.43 -30.38
CA LEU O 124 28.21 78.17 -30.90
C LEU O 124 29.61 78.30 -31.48
N ASP O 125 30.06 79.52 -31.79
CA ASP O 125 31.35 79.70 -32.48
C ASP O 125 32.51 79.17 -31.64
N LYS O 126 32.69 79.72 -30.44
CA LYS O 126 33.82 79.33 -29.60
C LYS O 126 33.80 77.84 -29.33
N VAL O 127 32.61 77.29 -29.04
CA VAL O 127 32.49 75.93 -28.55
C VAL O 127 32.41 74.88 -29.66
N SER O 128 32.32 75.29 -30.93
CA SER O 128 32.07 74.38 -32.03
C SER O 128 31.06 73.29 -31.70
N ASP O 129 29.80 73.68 -31.48
CA ASP O 129 28.70 72.75 -31.26
C ASP O 129 27.99 72.51 -32.59
N GLU O 130 28.54 71.56 -33.37
CA GLU O 130 28.07 71.38 -34.74
C GLU O 130 26.63 70.87 -34.80
N PRO O 131 26.25 69.83 -34.05
CA PRO O 131 24.85 69.39 -34.09
C PRO O 131 23.84 70.49 -33.88
N THR O 132 23.99 71.30 -32.83
CA THR O 132 23.09 72.43 -32.63
C THR O 132 23.10 73.37 -33.84
N ALA O 133 24.29 73.68 -34.36
CA ALA O 133 24.34 74.57 -35.51
C ALA O 133 23.56 73.98 -36.68
N ASP O 134 23.66 72.67 -36.86
CA ASP O 134 22.96 72.03 -37.96
C ASP O 134 21.46 72.06 -37.72
N LEU O 135 21.02 71.80 -36.49
CA LEU O 135 19.60 71.93 -36.18
C LEU O 135 19.07 73.33 -36.49
N LEU O 136 19.83 74.37 -36.15
CA LEU O 136 19.37 75.73 -36.44
C LEU O 136 19.28 75.96 -37.94
N THR O 137 20.25 75.42 -38.69
CA THR O 137 20.26 75.53 -40.14
C THR O 137 19.03 74.87 -40.77
N GLN O 138 18.64 73.70 -40.26
CA GLN O 138 17.49 73.00 -40.82
C GLN O 138 16.20 73.75 -40.52
N ARG O 139 16.08 74.31 -39.31
CA ARG O 139 14.90 75.12 -38.99
C ARG O 139 14.83 76.36 -39.89
N MET O 140 15.97 77.01 -40.11
CA MET O 140 15.98 78.20 -40.96
C MET O 140 15.57 77.85 -42.38
N GLN O 141 16.02 76.70 -42.89
CA GLN O 141 15.68 76.29 -44.24
C GLN O 141 14.17 76.08 -44.39
N VAL O 142 13.55 75.43 -43.40
CA VAL O 142 12.12 75.16 -43.44
C VAL O 142 11.31 76.47 -43.32
N HIS O 143 11.68 77.32 -42.37
CA HIS O 143 10.92 78.56 -42.18
C HIS O 143 11.09 79.52 -43.33
N GLU O 144 12.29 79.60 -43.92
CA GLU O 144 12.46 80.45 -45.09
C GLU O 144 11.70 79.89 -46.28
N LYS O 145 11.70 78.57 -46.45
CA LYS O 145 10.92 77.96 -47.52
C LYS O 145 9.43 78.20 -47.33
N THR O 146 8.96 78.01 -46.10
CA THR O 146 7.54 78.19 -45.77
C THR O 146 7.14 79.64 -45.95
N ALA O 147 8.05 80.57 -45.59
CA ALA O 147 7.80 81.99 -45.81
C ALA O 147 7.57 82.28 -47.29
N TRP O 148 8.37 81.69 -48.17
CA TRP O 148 8.15 81.89 -49.60
C TRP O 148 6.78 81.41 -50.02
N MET O 149 6.36 80.25 -49.53
CA MET O 149 5.10 79.69 -49.99
C MET O 149 3.95 80.51 -49.48
N LEU O 150 4.03 80.94 -48.22
CA LEU O 150 2.98 81.78 -47.66
C LEU O 150 2.93 83.14 -48.34
N ARG O 151 4.05 83.86 -48.38
CA ARG O 151 4.00 85.19 -48.95
CA ARG O 151 4.06 85.19 -48.97
C ARG O 151 3.61 85.14 -50.43
N SER O 152 3.85 84.03 -51.12
CA SER O 152 3.45 83.90 -52.54
C SER O 152 1.94 84.04 -52.70
N LEU O 153 1.17 83.65 -51.69
CA LEU O 153 -0.27 83.75 -51.78
C LEU O 153 -0.75 85.20 -51.80
N LEU O 154 0.07 86.13 -51.35
CA LEU O 154 -0.29 87.53 -51.19
C LEU O 154 0.15 88.42 -52.34
N ALA O 155 0.69 87.86 -53.42
CA ALA O 155 1.26 88.66 -54.49
C ALA O 155 0.20 89.48 -55.24
N MET P 1 -23.39 81.24 -44.64
CA MET P 1 -24.60 80.40 -44.87
C MET P 1 -25.12 79.84 -43.56
N GLU P 2 -26.46 79.76 -43.44
CA GLU P 2 -27.09 79.33 -42.20
C GLU P 2 -26.81 77.87 -41.89
N ILE P 3 -26.83 77.55 -40.60
CA ILE P 3 -26.60 76.21 -40.08
C ILE P 3 -27.95 75.63 -39.66
N ASN P 4 -28.43 74.61 -40.38
CA ASN P 4 -29.67 73.91 -40.03
C ASN P 4 -29.34 72.44 -39.84
N ILE P 5 -28.66 72.12 -38.73
CA ILE P 5 -28.30 70.75 -38.39
C ILE P 5 -29.17 70.23 -37.27
N GLY P 6 -30.28 70.89 -36.99
CA GLY P 6 -31.22 70.38 -36.01
C GLY P 6 -30.92 70.77 -34.59
N ILE P 7 -29.98 71.68 -34.38
CA ILE P 7 -29.67 72.20 -33.05
C ILE P 7 -29.59 73.71 -33.18
N GLY P 8 -30.24 74.40 -32.25
CA GLY P 8 -30.34 75.85 -32.32
C GLY P 8 -29.09 76.52 -31.81
N GLU P 9 -29.03 77.83 -32.10
CA GLU P 9 -27.80 78.58 -31.90
C GLU P 9 -27.34 78.57 -30.44
N GLN P 10 -28.24 78.81 -29.50
CA GLN P 10 -27.81 78.92 -28.11
C GLN P 10 -27.42 77.56 -27.57
N ASP P 11 -28.13 76.52 -28.00
CA ASP P 11 -27.77 75.16 -27.62
C ASP P 11 -26.40 74.78 -28.16
N ARG P 12 -26.14 75.11 -29.42
CA ARG P 12 -24.83 74.80 -30.01
C ARG P 12 -23.73 75.56 -29.31
N ALA P 13 -24.02 76.79 -28.91
CA ALA P 13 -23.02 77.58 -28.20
C ALA P 13 -22.72 77.00 -26.83
N ALA P 14 -23.72 76.42 -26.17
CA ALA P 14 -23.45 75.78 -24.88
C ALA P 14 -22.64 74.50 -25.06
N ILE P 15 -22.95 73.72 -26.10
CA ILE P 15 -22.16 72.51 -26.33
C ILE P 15 -20.72 72.88 -26.65
N ALA P 16 -20.53 73.84 -27.56
CA ALA P 16 -19.19 74.35 -27.85
C ALA P 16 -18.47 74.82 -26.60
N GLU P 17 -19.19 75.40 -25.64
CA GLU P 17 -18.57 75.82 -24.40
C GLU P 17 -17.99 74.63 -23.66
N GLY P 18 -18.76 73.54 -23.53
CA GLY P 18 -18.25 72.36 -22.86
C GLY P 18 -17.12 71.70 -23.64
N LEU P 19 -17.32 71.51 -24.94
CA LEU P 19 -16.23 71.00 -25.77
C LEU P 19 -15.00 71.88 -25.66
N SER P 20 -15.18 73.20 -25.52
CA SER P 20 -13.99 74.03 -25.37
C SER P 20 -13.22 73.68 -24.12
N ARG P 21 -13.93 73.30 -23.06
CA ARG P 21 -13.24 72.88 -21.84
C ARG P 21 -12.58 71.52 -22.02
N LEU P 22 -13.20 70.64 -22.78
CA LEU P 22 -12.61 69.35 -23.09
C LEU P 22 -11.34 69.51 -23.90
N LEU P 23 -11.37 70.41 -24.88
CA LEU P 23 -10.19 70.69 -25.67
C LEU P 23 -9.09 71.30 -24.81
N ALA P 24 -9.45 72.22 -23.92
CA ALA P 24 -8.45 72.81 -23.03
C ALA P 24 -7.79 71.74 -22.17
N ASP P 25 -8.59 70.85 -21.58
CA ASP P 25 -7.99 69.81 -20.77
C ASP P 25 -7.15 68.87 -21.63
N THR P 26 -7.67 68.46 -22.80
CA THR P 26 -6.94 67.54 -23.66
C THR P 26 -5.63 68.14 -24.11
N TYR P 27 -5.65 69.41 -24.53
CA TYR P 27 -4.41 70.02 -24.98
C TYR P 27 -3.40 70.14 -23.84
N THR P 28 -3.89 70.40 -22.64
CA THR P 28 -2.98 70.58 -21.51
C THR P 28 -2.33 69.25 -21.13
N LEU P 29 -3.15 68.19 -21.04
CA LEU P 29 -2.59 66.86 -20.86
C LEU P 29 -1.64 66.52 -21.99
N TYR P 30 -2.01 66.87 -23.22
CA TYR P 30 -1.14 66.58 -24.36
C TYR P 30 0.24 67.18 -24.15
N LEU P 31 0.29 68.43 -23.69
CA LEU P 31 1.59 69.08 -23.55
C LEU P 31 2.34 68.61 -22.31
N LYS P 32 1.61 68.24 -21.25
CA LYS P 32 2.26 67.64 -20.10
C LYS P 32 2.89 66.30 -20.45
N THR P 33 2.12 65.41 -21.09
CA THR P 33 2.65 64.14 -21.59
C THR P 33 3.88 64.36 -22.46
N HIS P 34 3.81 65.34 -23.35
CA HIS P 34 4.95 65.67 -24.20
C HIS P 34 6.13 66.09 -23.35
N ASN P 35 5.86 66.88 -22.30
CA ASN P 35 6.90 67.33 -21.39
C ASN P 35 7.56 66.13 -20.72
N PHE P 36 6.77 65.26 -20.10
CA PHE P 36 7.35 64.12 -19.42
C PHE P 36 8.05 63.16 -20.40
N HIS P 37 7.53 63.03 -21.62
CA HIS P 37 8.25 62.26 -22.64
C HIS P 37 9.70 62.73 -22.76
N TRP P 38 9.91 64.04 -22.86
CA TRP P 38 11.27 64.57 -23.00
C TRP P 38 12.10 64.45 -21.74
N ASN P 39 11.47 64.56 -20.56
CA ASN P 39 12.20 64.88 -19.33
C ASN P 39 12.28 63.74 -18.33
N VAL P 40 11.54 62.65 -18.55
CA VAL P 40 11.62 61.51 -17.63
C VAL P 40 13.04 60.94 -17.67
N THR P 41 13.49 60.45 -16.51
CA THR P 41 14.77 59.73 -16.39
C THR P 41 14.63 58.61 -15.38
N GLY P 42 15.73 57.89 -15.18
CA GLY P 42 15.76 56.73 -14.32
C GLY P 42 15.63 55.42 -15.10
N PRO P 43 15.61 54.30 -14.36
CA PRO P 43 15.59 52.98 -15.02
C PRO P 43 14.38 52.75 -15.89
N MET P 44 13.29 53.50 -15.70
CA MET P 44 12.11 53.33 -16.52
C MET P 44 12.13 54.25 -17.74
N PHE P 45 13.28 54.84 -18.06
CA PHE P 45 13.33 55.81 -19.15
C PHE P 45 12.76 55.22 -20.45
N ASN P 46 13.32 54.10 -20.91
CA ASN P 46 12.99 53.61 -22.25
C ASN P 46 11.50 53.27 -22.36
N THR P 47 10.94 52.63 -21.34
CA THR P 47 9.54 52.26 -21.41
C THR P 47 8.62 53.48 -21.26
N LEU P 48 8.98 54.42 -20.38
CA LEU P 48 8.16 55.62 -20.18
C LEU P 48 8.31 56.62 -21.33
N HIS P 49 9.53 56.92 -21.73
CA HIS P 49 9.76 57.68 -22.95
C HIS P 49 8.86 57.17 -24.07
N LEU P 50 8.76 55.86 -24.19
CA LEU P 50 7.97 55.27 -25.27
C LEU P 50 6.48 55.37 -24.99
N MET P 51 6.07 54.96 -23.80
CA MET P 51 4.66 54.99 -23.47
C MET P 51 4.12 56.41 -23.60
N PHE P 52 4.87 57.40 -23.09
CA PHE P 52 4.44 58.79 -23.18
C PHE P 52 4.37 59.24 -24.63
N GLU P 53 5.26 58.71 -25.48
CA GLU P 53 5.25 59.05 -26.90
C GLU P 53 3.94 58.60 -27.56
N GLY P 54 3.52 57.37 -27.29
CA GLY P 54 2.27 56.92 -27.85
C GLY P 54 1.09 57.72 -27.33
N GLN P 55 1.17 58.15 -26.08
CA GLN P 55 0.11 58.96 -25.50
C GLN P 55 0.04 60.34 -26.14
N TYR P 56 1.15 61.07 -26.23
CA TYR P 56 1.06 62.41 -26.81
C TYR P 56 0.69 62.31 -28.29
N THR P 57 1.21 61.30 -29.00
CA THR P 57 0.84 61.13 -30.39
C THR P 57 -0.67 60.98 -30.55
N GLU P 58 -1.30 60.19 -29.67
CA GLU P 58 -2.75 59.98 -29.71
C GLU P 58 -3.50 61.26 -29.37
N LEU P 59 -3.10 61.95 -28.30
CA LEU P 59 -3.74 63.19 -27.90
C LEU P 59 -3.62 64.29 -28.97
N ALA P 60 -2.50 64.37 -29.69
CA ALA P 60 -2.41 65.39 -30.74
C ALA P 60 -3.52 65.20 -31.78
N VAL P 61 -3.90 63.95 -32.05
CA VAL P 61 -5.02 63.70 -32.94
C VAL P 61 -6.31 64.09 -32.25
N ALA P 62 -6.40 63.84 -30.93
CA ALA P 62 -7.65 64.08 -30.23
C ALA P 62 -7.96 65.58 -30.21
N VAL P 63 -6.94 66.43 -30.06
CA VAL P 63 -7.19 67.86 -30.05
CA VAL P 63 -7.12 67.87 -30.09
C VAL P 63 -7.74 68.31 -31.41
N ASP P 64 -7.20 67.81 -32.52
CA ASP P 64 -7.74 68.19 -33.81
C ASP P 64 -9.20 67.76 -33.95
N ASP P 65 -9.56 66.59 -33.41
CA ASP P 65 -10.93 66.09 -33.54
C ASP P 65 -11.92 66.90 -32.70
N ILE P 66 -11.53 67.28 -31.49
CA ILE P 66 -12.41 68.05 -30.63
C ILE P 66 -12.59 69.46 -31.19
N ALA P 67 -11.49 70.09 -31.56
CA ALA P 67 -11.56 71.41 -32.17
C ALA P 67 -12.49 71.41 -33.37
N GLU P 68 -12.46 70.34 -34.17
CA GLU P 68 -13.27 70.33 -35.38
C GLU P 68 -14.73 69.96 -35.11
N ARG P 69 -15.04 69.39 -33.95
CA ARG P 69 -16.44 69.27 -33.58
C ARG P 69 -17.01 70.63 -33.22
N ILE P 70 -16.22 71.43 -32.51
CA ILE P 70 -16.60 72.81 -32.22
C ILE P 70 -16.87 73.57 -33.51
N ARG P 71 -16.04 73.39 -34.54
CA ARG P 71 -16.29 74.10 -35.80
C ARG P 71 -17.57 73.59 -36.46
N ALA P 72 -17.84 72.28 -36.36
CA ALA P 72 -19.06 71.75 -36.96
C ALA P 72 -20.29 72.30 -36.27
N LEU P 73 -20.16 72.68 -34.99
CA LEU P 73 -21.23 73.32 -34.24
C LEU P 73 -21.34 74.81 -34.53
N GLY P 74 -20.42 75.35 -35.34
CA GLY P 74 -20.53 76.72 -35.79
C GLY P 74 -19.79 77.74 -34.96
N PHE P 75 -18.80 77.36 -34.18
CA PHE P 75 -18.09 78.30 -33.32
C PHE P 75 -16.59 78.18 -33.51
N PRO P 76 -15.84 79.22 -33.17
CA PRO P 76 -14.40 79.16 -33.35
C PRO P 76 -13.76 78.26 -32.31
N ALA P 77 -12.67 77.61 -32.70
CA ALA P 77 -12.06 76.74 -31.70
C ALA P 77 -10.94 77.49 -31.00
N PRO P 78 -10.91 77.45 -29.68
CA PRO P 78 -9.84 78.16 -28.95
C PRO P 78 -8.50 77.48 -29.16
N GLY P 79 -7.46 78.31 -29.14
CA GLY P 79 -6.15 77.83 -29.46
C GLY P 79 -5.04 78.78 -29.08
N THR P 80 -4.96 79.15 -27.80
CA THR P 80 -3.84 79.94 -27.27
C THR P 80 -3.52 79.50 -25.85
N TYR P 81 -2.30 79.82 -25.41
CA TYR P 81 -1.93 79.47 -24.04
C TYR P 81 -2.93 80.03 -23.04
N ALA P 82 -3.32 81.30 -23.23
CA ALA P 82 -4.22 81.96 -22.28
C ALA P 82 -5.61 81.35 -22.32
N ALA P 83 -6.13 81.03 -23.50
CA ALA P 83 -7.46 80.43 -23.54
C ALA P 83 -7.45 79.05 -22.89
N TYR P 84 -6.39 78.26 -23.13
CA TYR P 84 -6.31 76.94 -22.52
C TYR P 84 -6.09 77.04 -21.01
N ALA P 85 -5.21 77.94 -20.57
CA ALA P 85 -4.96 78.05 -19.14
C ALA P 85 -6.22 78.47 -18.40
N ARG P 86 -7.07 79.26 -19.06
CA ARG P 86 -8.33 79.68 -18.45
C ARG P 86 -9.32 78.53 -18.37
N LEU P 87 -9.50 77.80 -19.47
CA LEU P 87 -10.53 76.78 -19.54
C LEU P 87 -10.11 75.44 -18.94
N SER P 88 -8.83 75.27 -18.63
CA SER P 88 -8.26 73.98 -18.28
C SER P 88 -8.36 73.70 -16.79
N SER P 89 -8.90 72.53 -16.45
CA SER P 89 -8.97 72.08 -15.08
C SER P 89 -7.75 71.26 -14.66
N ILE P 90 -6.78 71.08 -15.53
CA ILE P 90 -5.63 70.24 -15.21
C ILE P 90 -4.53 71.10 -14.61
N LYS P 91 -4.04 70.68 -13.44
CA LYS P 91 -2.94 71.35 -12.77
C LYS P 91 -1.66 71.17 -13.56
N GLU P 92 -1.00 72.26 -13.88
CA GLU P 92 0.23 72.15 -14.63
C GLU P 92 1.41 71.94 -13.68
N GLU P 93 2.52 71.46 -14.26
CA GLU P 93 3.72 71.08 -13.53
C GLU P 93 4.90 71.82 -14.14
N GLU P 94 5.54 72.66 -13.35
CA GLU P 94 6.58 73.53 -13.88
C GLU P 94 8.00 72.99 -13.68
N GLY P 95 8.18 71.89 -12.94
CA GLY P 95 9.49 71.32 -12.70
C GLY P 95 9.67 69.97 -13.37
N VAL P 96 10.59 69.18 -12.84
CA VAL P 96 10.88 67.84 -13.36
C VAL P 96 10.70 66.79 -12.27
N PRO P 97 9.50 66.25 -12.10
CA PRO P 97 9.28 65.25 -11.05
C PRO P 97 9.88 63.88 -11.37
N GLU P 98 10.00 63.10 -10.30
CA GLU P 98 10.35 61.69 -10.38
C GLU P 98 9.34 60.94 -11.25
N ALA P 99 9.84 59.89 -11.91
CA ALA P 99 9.00 59.13 -12.82
C ALA P 99 7.68 58.72 -12.17
N GLU P 100 7.74 58.21 -10.95
CA GLU P 100 6.52 57.75 -10.31
C GLU P 100 5.50 58.87 -10.20
N GLU P 101 5.98 60.09 -9.95
CA GLU P 101 5.09 61.23 -9.84
C GLU P 101 4.59 61.65 -11.23
N MET P 102 5.45 61.53 -12.23
CA MET P 102 4.97 61.73 -13.59
C MET P 102 3.81 60.81 -13.88
N ILE P 103 3.94 59.52 -13.51
CA ILE P 103 2.89 58.56 -13.82
C ILE P 103 1.61 58.94 -13.08
N ARG P 104 1.73 59.33 -11.80
CA ARG P 104 0.56 59.68 -11.02
C ARG P 104 -0.13 60.90 -11.62
N GLN P 105 0.64 61.88 -12.07
CA GLN P 105 0.05 63.08 -12.67
C GLN P 105 -0.70 62.72 -13.95
N LEU P 106 -0.10 61.89 -14.81
CA LEU P 106 -0.82 61.46 -16.01
C LEU P 106 -2.08 60.67 -15.67
N VAL P 107 -2.05 59.88 -14.60
CA VAL P 107 -3.26 59.15 -14.26
C VAL P 107 -4.36 60.13 -13.90
N GLN P 108 -4.01 61.17 -13.13
CA GLN P 108 -5.00 62.18 -12.76
C GLN P 108 -5.46 62.98 -13.99
N GLY P 109 -4.55 63.26 -14.91
CA GLY P 109 -4.94 63.87 -16.17
C GLY P 109 -6.01 63.08 -16.90
N GLN P 110 -5.77 61.78 -17.11
CA GLN P 110 -6.78 60.95 -17.75
C GLN P 110 -8.11 61.12 -17.04
N GLU P 111 -8.07 61.06 -15.72
CA GLU P 111 -9.30 61.12 -14.95
C GLU P 111 -9.89 62.51 -15.02
N ALA P 112 -9.04 63.52 -15.20
CA ALA P 112 -9.53 64.88 -15.32
C ALA P 112 -10.37 65.05 -16.57
N VAL P 113 -9.87 64.56 -17.71
CA VAL P 113 -10.62 64.69 -18.95
C VAL P 113 -11.91 63.91 -18.87
N VAL P 114 -11.88 62.75 -18.24
CA VAL P 114 -13.10 61.97 -18.09
C VAL P 114 -14.14 62.77 -17.33
N ARG P 115 -13.71 63.38 -16.22
CA ARG P 115 -14.58 64.24 -15.42
C ARG P 115 -15.14 65.39 -16.24
N THR P 116 -14.28 66.05 -17.02
CA THR P 116 -14.78 67.09 -17.92
C THR P 116 -15.77 66.51 -18.91
N ALA P 117 -15.50 65.31 -19.43
CA ALA P 117 -16.41 64.69 -20.38
C ALA P 117 -17.78 64.44 -19.76
N ARG P 118 -17.81 63.87 -18.55
CA ARG P 118 -19.10 63.54 -17.95
C ARG P 118 -19.95 64.79 -17.69
N SER P 119 -19.30 65.93 -17.45
CA SER P 119 -20.01 67.17 -17.18
C SER P 119 -20.83 67.69 -18.35
N ILE P 120 -20.64 67.13 -19.55
CA ILE P 120 -21.31 67.64 -20.75
C ILE P 120 -22.52 66.79 -21.13
N PHE P 121 -22.62 65.57 -20.62
CA PHE P 121 -23.75 64.72 -20.98
C PHE P 121 -25.09 65.28 -20.53
N PRO P 122 -25.22 65.98 -19.40
CA PRO P 122 -26.54 66.53 -19.06
C PRO P 122 -27.05 67.42 -20.17
N LEU P 123 -26.17 68.28 -20.68
CA LEU P 123 -26.53 69.18 -21.76
C LEU P 123 -26.94 68.42 -23.02
N LEU P 124 -26.21 67.36 -23.37
CA LEU P 124 -26.57 66.60 -24.56
C LEU P 124 -27.88 65.84 -24.37
N ASP P 125 -28.17 65.43 -23.13
CA ASP P 125 -29.45 64.80 -22.82
C ASP P 125 -30.62 65.68 -23.25
N LYS P 126 -30.57 66.97 -22.90
CA LYS P 126 -31.65 67.86 -23.26
C LYS P 126 -31.75 68.05 -24.77
N VAL P 127 -30.61 68.18 -25.46
CA VAL P 127 -30.58 68.76 -26.79
C VAL P 127 -30.48 67.76 -27.95
N SER P 128 -29.89 66.60 -27.71
CA SER P 128 -29.90 65.50 -28.68
C SER P 128 -28.75 65.59 -29.70
N ASP P 129 -27.54 65.81 -29.20
CA ASP P 129 -26.36 65.91 -30.05
C ASP P 129 -25.63 64.58 -30.01
N GLU P 130 -26.08 63.65 -30.85
CA GLU P 130 -25.48 62.31 -30.83
C GLU P 130 -24.01 62.34 -31.23
N PRO P 131 -23.59 63.05 -32.28
CA PRO P 131 -22.16 63.08 -32.62
C PRO P 131 -21.26 63.53 -31.47
N THR P 132 -21.67 64.56 -30.71
CA THR P 132 -20.81 65.02 -29.62
C THR P 132 -20.75 64.00 -28.50
N ALA P 133 -21.84 63.27 -28.25
CA ALA P 133 -21.83 62.25 -27.22
C ALA P 133 -20.87 61.11 -27.57
N ASP P 134 -20.86 60.68 -28.83
CA ASP P 134 -19.92 59.69 -29.31
C ASP P 134 -18.48 60.17 -29.20
N LEU P 135 -18.21 61.43 -29.56
CA LEU P 135 -16.90 62.00 -29.29
C LEU P 135 -16.52 61.86 -27.83
N LEU P 136 -17.42 62.29 -26.93
CA LEU P 136 -17.13 62.18 -25.50
C LEU P 136 -16.88 60.72 -25.13
N THR P 137 -17.73 59.82 -25.62
CA THR P 137 -17.58 58.39 -25.34
C THR P 137 -16.20 57.87 -25.77
N GLN P 138 -15.77 58.19 -27.00
CA GLN P 138 -14.48 57.69 -27.47
C GLN P 138 -13.34 58.23 -26.63
N ARG P 139 -13.41 59.49 -26.22
CA ARG P 139 -12.35 60.06 -25.40
C ARG P 139 -12.29 59.39 -24.05
N MET P 140 -13.45 59.17 -23.42
CA MET P 140 -13.46 58.50 -22.13
C MET P 140 -12.90 57.08 -22.27
N GLN P 141 -13.26 56.37 -23.35
CA GLN P 141 -12.69 55.03 -23.58
C GLN P 141 -11.17 55.08 -23.58
N VAL P 142 -10.59 56.00 -24.35
CA VAL P 142 -9.13 56.10 -24.45
C VAL P 142 -8.51 56.47 -23.13
N HIS P 143 -9.13 57.40 -22.39
CA HIS P 143 -8.49 57.86 -21.18
C HIS P 143 -8.61 56.83 -20.08
N GLU P 144 -9.75 56.14 -20.01
CA GLU P 144 -9.91 55.05 -19.04
C GLU P 144 -8.96 53.89 -19.34
N LYS P 145 -8.84 53.48 -20.59
CA LYS P 145 -7.83 52.48 -20.92
C LYS P 145 -6.46 52.96 -20.52
N THR P 146 -6.10 54.19 -20.89
CA THR P 146 -4.77 54.70 -20.58
C THR P 146 -4.53 54.77 -19.08
N ALA P 147 -5.55 55.14 -18.31
CA ALA P 147 -5.36 55.22 -16.87
C ALA P 147 -5.05 53.83 -16.31
N TRP P 148 -5.69 52.78 -16.84
CA TRP P 148 -5.38 51.42 -16.42
C TRP P 148 -3.92 51.08 -16.68
N MET P 149 -3.41 51.46 -17.84
CA MET P 149 -2.02 51.14 -18.15
C MET P 149 -1.06 51.92 -17.27
N LEU P 150 -1.41 53.17 -16.95
CA LEU P 150 -0.50 53.97 -16.15
C LEU P 150 -0.50 53.50 -14.70
N ARG P 151 -1.68 53.31 -14.10
CA ARG P 151 -1.71 52.92 -12.69
CA ARG P 151 -1.70 52.92 -12.69
C ARG P 151 -1.13 51.52 -12.49
N SER P 152 -1.20 50.66 -13.50
CA SER P 152 -0.59 49.33 -13.39
C SER P 152 0.91 49.42 -13.10
N LEU P 153 1.59 50.48 -13.55
CA LEU P 153 3.02 50.59 -13.29
C LEU P 153 3.30 50.92 -11.83
N LEU P 154 2.30 51.34 -11.07
CA LEU P 154 2.50 51.76 -9.70
C LEU P 154 2.20 50.66 -8.71
N ALA P 155 1.57 49.58 -9.17
CA ALA P 155 1.15 48.52 -8.28
C ALA P 155 2.36 47.87 -7.64
N SER P 156 2.10 47.17 -6.54
CA SER P 156 3.14 46.51 -5.78
C SER P 156 2.79 45.05 -5.55
MN MN Q . 11.46 -38.76 12.09
MN MN R . -6.16 -13.81 -13.25
MN MN S . 4.73 -20.12 33.01
MN MN T . -22.35 -17.65 4.29
O1 TLA U . -32.34 -31.38 -15.94
O11 TLA U . -32.08 -33.06 -14.50
C1 TLA U . -32.76 -32.18 -15.06
C2 TLA U . -34.25 -32.11 -14.61
O2 TLA U . -34.90 -30.94 -15.07
C3 TLA U . -34.37 -32.20 -13.10
O3 TLA U . -33.38 -31.41 -12.49
C4 TLA U . -35.78 -31.80 -12.56
O4 TLA U . -35.90 -30.61 -12.17
O41 TLA U . -36.67 -32.68 -12.55
MN MN V . -8.17 -36.29 20.74
MN MN W . -17.30 -14.42 24.92
MN MN X . -10.19 3.22 3.26
MN MN Y . 19.48 -23.44 -4.92
MN MN Z . 11.45 3.33 1.61
MN MN AA . 7.92 -0.38 25.27
MN MN BA . 24.53 -13.00 13.31
O1 TLA CA . 38.94 -14.35 36.38
O11 TLA CA . 38.73 -12.96 34.65
C1 TLA CA . 38.28 -13.59 35.62
C2 TLA CA . 36.77 -13.47 35.95
O2 TLA CA . 36.05 -13.24 34.77
C3 TLA CA . 36.47 -12.34 36.94
O3 TLA CA . 36.81 -11.09 36.39
C4 TLA CA . 34.99 -12.35 37.41
O4 TLA CA . 34.45 -11.26 37.72
O41 TLA CA . 34.43 -13.47 37.45
MN MN DA . -1.90 -34.13 -7.25
MN MN EA . -5.71 28.26 -40.81
MN MN FA . -3.96 43.44 -25.62
MN MN GA . 10.52 62.37 -28.94
MN MN HA . -7.51 68.90 -38.77
#